data_5D4L
# 
_entry.id   5D4L 
# 
_audit_conform.dict_name       mmcif_pdbx.dic 
_audit_conform.dict_version    5.379 
_audit_conform.dict_location   http://mmcif.pdb.org/dictionaries/ascii/mmcif_pdbx.dic 
# 
loop_
_database_2.database_id 
_database_2.database_code 
_database_2.pdbx_database_accession 
_database_2.pdbx_DOI 
PDB   5D4L         pdb_00005d4l 10.2210/pdb5d4l/pdb 
WWPDB D_1000212386 ?            ?                   
# 
loop_
_pdbx_database_related.content_type 
_pdbx_database_related.db_id 
_pdbx_database_related.db_name 
_pdbx_database_related.details 
unspecified 5D4O PDB . 
unspecified 5D4M PDB . 
unspecified 5D4N PDB . 
unspecified 5D4P PDB . 
# 
_pdbx_database_status.status_code                     REL 
_pdbx_database_status.status_code_sf                  REL 
_pdbx_database_status.status_code_mr                  ? 
_pdbx_database_status.entry_id                        5D4L 
_pdbx_database_status.recvd_initial_deposition_date   2015-08-08 
_pdbx_database_status.SG_entry                        N 
_pdbx_database_status.deposit_site                    RCSB 
_pdbx_database_status.process_site                    RCSB 
_pdbx_database_status.status_code_cs                  ? 
_pdbx_database_status.methods_development_category    ? 
_pdbx_database_status.pdb_format_compatible           Y 
_pdbx_database_status.status_code_nmr_data            ? 
# 
loop_
_audit_author.name 
_audit_author.pdbx_ordinal 
'Wheatley, N.M.' 1 
'Ngo, J.'        2 
'Cascio, D.'     3 
'Sawaya, M.R.'   4 
'Yeates, T.O.'   5 
# 
_citation.abstract                  ? 
_citation.abstract_id_CAS           ? 
_citation.book_id_ISBN              ? 
_citation.book_publisher            ? 
_citation.book_publisher_city       ? 
_citation.book_title                ? 
_citation.coordinate_linkage        ? 
_citation.country                   UK 
_citation.database_id_Medline       ? 
_citation.details                   ? 
_citation.id                        primary 
_citation.journal_abbrev            J.Mol.Biol. 
_citation.journal_id_ASTM           JMOBAK 
_citation.journal_id_CSD            0070 
_citation.journal_id_ISSN           1089-8638 
_citation.journal_full              ? 
_citation.journal_issue             ? 
_citation.journal_volume            428 
_citation.language                  ? 
_citation.page_first                4013 
_citation.page_last                 4030 
_citation.title                     
'A PII-Like Protein Regulated by Bicarbonate: Structural and Biochemical Studies of the Carboxysome-Associated CPII Protein.' 
_citation.year                      2016 
_citation.database_id_CSD           ? 
_citation.pdbx_database_id_DOI      10.1016/j.jmb.2016.07.015 
_citation.pdbx_database_id_PubMed   27464895 
_citation.unpublished_flag          ? 
# 
loop_
_citation_author.citation_id 
_citation_author.name 
_citation_author.ordinal 
_citation_author.identifier_ORCID 
primary 'Wheatley, N.M.' 1  ? 
primary 'Eden, K.D.'     2  ? 
primary 'Ngo, J.'        3  ? 
primary 'Rosinski, J.S.' 4  ? 
primary 'Sawaya, M.R.'   5  ? 
primary 'Cascio, D.'     6  ? 
primary 'Collazo, M.'    7  ? 
primary 'Hoveida, H.'    8  ? 
primary 'Hubbell, W.L.'  9  ? 
primary 'Yeates, T.O.'   10 ? 
# 
_cell.angle_alpha                  90.000 
_cell.angle_alpha_esd              ? 
_cell.angle_beta                   90.000 
_cell.angle_beta_esd               ? 
_cell.angle_gamma                  120.000 
_cell.angle_gamma_esd              ? 
_cell.entry_id                     5D4L 
_cell.details                      ? 
_cell.formula_units_Z              ? 
_cell.length_a                     82.690 
_cell.length_a_esd                 ? 
_cell.length_b                     82.690 
_cell.length_b_esd                 ? 
_cell.length_c                     31.530 
_cell.length_c_esd                 ? 
_cell.volume                       ? 
_cell.volume_esd                   ? 
_cell.Z_PDB                        6 
_cell.reciprocal_angle_alpha       ? 
_cell.reciprocal_angle_beta        ? 
_cell.reciprocal_angle_gamma       ? 
_cell.reciprocal_angle_alpha_esd   ? 
_cell.reciprocal_angle_beta_esd    ? 
_cell.reciprocal_angle_gamma_esd   ? 
_cell.reciprocal_length_a          ? 
_cell.reciprocal_length_b          ? 
_cell.reciprocal_length_c          ? 
_cell.reciprocal_length_a_esd      ? 
_cell.reciprocal_length_b_esd      ? 
_cell.reciprocal_length_c_esd      ? 
_cell.pdbx_unique_axis             ? 
# 
_symmetry.entry_id                         5D4L 
_symmetry.cell_setting                     ? 
_symmetry.Int_Tables_number                143 
_symmetry.space_group_name_Hall            ? 
_symmetry.space_group_name_H-M             'P 3' 
_symmetry.pdbx_full_space_group_name_H-M   ? 
# 
loop_
_entity.id 
_entity.type 
_entity.src_method 
_entity.pdbx_description 
_entity.formula_weight 
_entity.pdbx_number_of_molecules 
_entity.pdbx_ec 
_entity.pdbx_mutation 
_entity.pdbx_fragment 
_entity.details 
1 polymer man 'Nitrogen regulatory protein P-II' 12967.990 2  ? ? ? ? 
2 water   nat water                              18.015    22 ? ? ? ? 
# 
_entity_poly.entity_id                      1 
_entity_poly.type                           'polypeptide(L)' 
_entity_poly.nstd_linkage                   no 
_entity_poly.nstd_monomer                   no 
_entity_poly.pdbx_seq_one_letter_code       
;MHHHHHHGMNAIKLYPLKKLEIILEGAHKEFATDLLDRAGVKGYTIVGNLSGKGSHGMYEGHLMFNEDDALIMIIAAVPE
ELVGPLLEGFQPFFEAHSGVVFVHDIQVGRPIKFRN
;
_entity_poly.pdbx_seq_one_letter_code_can   
;MHHHHHHGMNAIKLYPLKKLEIILEGAHKEFATDLLDRAGVKGYTIVGNLSGKGSHGMYEGHLMFNEDDALIMIIAAVPE
ELVGPLLEGFQPFFEAHSGVVFVHDIQVGRPIKFRN
;
_entity_poly.pdbx_strand_id                 A,B 
_entity_poly.pdbx_target_identifier         ? 
# 
loop_
_entity_poly_seq.entity_id 
_entity_poly_seq.num 
_entity_poly_seq.mon_id 
_entity_poly_seq.hetero 
1 1   MET n 
1 2   HIS n 
1 3   HIS n 
1 4   HIS n 
1 5   HIS n 
1 6   HIS n 
1 7   HIS n 
1 8   GLY n 
1 9   MET n 
1 10  ASN n 
1 11  ALA n 
1 12  ILE n 
1 13  LYS n 
1 14  LEU n 
1 15  TYR n 
1 16  PRO n 
1 17  LEU n 
1 18  LYS n 
1 19  LYS n 
1 20  LEU n 
1 21  GLU n 
1 22  ILE n 
1 23  ILE n 
1 24  LEU n 
1 25  GLU n 
1 26  GLY n 
1 27  ALA n 
1 28  HIS n 
1 29  LYS n 
1 30  GLU n 
1 31  PHE n 
1 32  ALA n 
1 33  THR n 
1 34  ASP n 
1 35  LEU n 
1 36  LEU n 
1 37  ASP n 
1 38  ARG n 
1 39  ALA n 
1 40  GLY n 
1 41  VAL n 
1 42  LYS n 
1 43  GLY n 
1 44  TYR n 
1 45  THR n 
1 46  ILE n 
1 47  VAL n 
1 48  GLY n 
1 49  ASN n 
1 50  LEU n 
1 51  SER n 
1 52  GLY n 
1 53  LYS n 
1 54  GLY n 
1 55  SER n 
1 56  HIS n 
1 57  GLY n 
1 58  MET n 
1 59  TYR n 
1 60  GLU n 
1 61  GLY n 
1 62  HIS n 
1 63  LEU n 
1 64  MET n 
1 65  PHE n 
1 66  ASN n 
1 67  GLU n 
1 68  ASP n 
1 69  ASP n 
1 70  ALA n 
1 71  LEU n 
1 72  ILE n 
1 73  MET n 
1 74  ILE n 
1 75  ILE n 
1 76  ALA n 
1 77  ALA n 
1 78  VAL n 
1 79  PRO n 
1 80  GLU n 
1 81  GLU n 
1 82  LEU n 
1 83  VAL n 
1 84  GLY n 
1 85  PRO n 
1 86  LEU n 
1 87  LEU n 
1 88  GLU n 
1 89  GLY n 
1 90  PHE n 
1 91  GLN n 
1 92  PRO n 
1 93  PHE n 
1 94  PHE n 
1 95  GLU n 
1 96  ALA n 
1 97  HIS n 
1 98  SER n 
1 99  GLY n 
1 100 VAL n 
1 101 VAL n 
1 102 PHE n 
1 103 VAL n 
1 104 HIS n 
1 105 ASP n 
1 106 ILE n 
1 107 GLN n 
1 108 VAL n 
1 109 GLY n 
1 110 ARG n 
1 111 PRO n 
1 112 ILE n 
1 113 LYS n 
1 114 PHE n 
1 115 ARG n 
1 116 ASN n 
# 
_entity_src_gen.entity_id                          1 
_entity_src_gen.pdbx_src_id                        1 
_entity_src_gen.pdbx_alt_source_flag               sample 
_entity_src_gen.pdbx_seq_type                      'Biological sequence' 
_entity_src_gen.pdbx_beg_seq_num                   1 
_entity_src_gen.pdbx_end_seq_num                   116 
_entity_src_gen.gene_src_common_name               ? 
_entity_src_gen.gene_src_genus                     ? 
_entity_src_gen.pdbx_gene_src_gene                 Tint_0114 
_entity_src_gen.gene_src_species                   ? 
_entity_src_gen.gene_src_strain                    K12 
_entity_src_gen.gene_src_tissue                    ? 
_entity_src_gen.gene_src_tissue_fraction           ? 
_entity_src_gen.gene_src_details                   ? 
_entity_src_gen.pdbx_gene_src_fragment             ? 
_entity_src_gen.pdbx_gene_src_scientific_name      'Thiomonas intermedia (strain K12)' 
_entity_src_gen.pdbx_gene_src_ncbi_taxonomy_id     75379 
_entity_src_gen.pdbx_gene_src_variant              ? 
_entity_src_gen.pdbx_gene_src_cell_line            ? 
_entity_src_gen.pdbx_gene_src_atcc                 ? 
_entity_src_gen.pdbx_gene_src_organ                ? 
_entity_src_gen.pdbx_gene_src_organelle            ? 
_entity_src_gen.pdbx_gene_src_cell                 ? 
_entity_src_gen.pdbx_gene_src_cellular_location    ? 
_entity_src_gen.host_org_common_name               ? 
_entity_src_gen.pdbx_host_org_scientific_name      'Escherichia coli' 
_entity_src_gen.pdbx_host_org_ncbi_taxonomy_id     469008 
_entity_src_gen.host_org_genus                     ? 
_entity_src_gen.pdbx_host_org_gene                 ? 
_entity_src_gen.pdbx_host_org_organ                ? 
_entity_src_gen.host_org_species                   ? 
_entity_src_gen.pdbx_host_org_tissue               ? 
_entity_src_gen.pdbx_host_org_tissue_fraction      ? 
_entity_src_gen.pdbx_host_org_strain               'BL21(DE3)' 
_entity_src_gen.pdbx_host_org_variant              ? 
_entity_src_gen.pdbx_host_org_cell_line            ? 
_entity_src_gen.pdbx_host_org_atcc                 ? 
_entity_src_gen.pdbx_host_org_culture_collection   ? 
_entity_src_gen.pdbx_host_org_cell                 ? 
_entity_src_gen.pdbx_host_org_organelle            ? 
_entity_src_gen.pdbx_host_org_cellular_location    ? 
_entity_src_gen.pdbx_host_org_vector_type          plasmid 
_entity_src_gen.pdbx_host_org_vector               ? 
_entity_src_gen.host_org_details                   ? 
_entity_src_gen.expression_system_id               ? 
_entity_src_gen.plasmid_name                       pET28 
_entity_src_gen.plasmid_details                    ? 
_entity_src_gen.pdbx_description                   ? 
# 
_struct_ref.id                         1 
_struct_ref.db_name                    UNP 
_struct_ref.db_code                    D5X329_THIK1 
_struct_ref.pdbx_db_accession          D5X329 
_struct_ref.pdbx_db_isoform            ? 
_struct_ref.entity_id                  1 
_struct_ref.pdbx_seq_one_letter_code   
;MNAIKLYPLKKLEIILEGAHKEFATDLLDRAGVKGYTIVGNLSGKGSHGMYEGHLMFNEDDALIMIIAAVPEELVGPLLE
GFQPFFEAHSGVVFVHDIQVGRPIKFRN
;
_struct_ref.pdbx_align_begin           1 
# 
loop_
_struct_ref_seq.align_id 
_struct_ref_seq.ref_id 
_struct_ref_seq.pdbx_PDB_id_code 
_struct_ref_seq.pdbx_strand_id 
_struct_ref_seq.seq_align_beg 
_struct_ref_seq.pdbx_seq_align_beg_ins_code 
_struct_ref_seq.seq_align_end 
_struct_ref_seq.pdbx_seq_align_end_ins_code 
_struct_ref_seq.pdbx_db_accession 
_struct_ref_seq.db_align_beg 
_struct_ref_seq.pdbx_db_align_beg_ins_code 
_struct_ref_seq.db_align_end 
_struct_ref_seq.pdbx_db_align_end_ins_code 
_struct_ref_seq.pdbx_auth_seq_align_beg 
_struct_ref_seq.pdbx_auth_seq_align_end 
1 1 5D4L A 9 ? 116 ? D5X329 1 ? 108 ? 1 108 
2 1 5D4L B 9 ? 116 ? D5X329 1 ? 108 ? 1 108 
# 
loop_
_struct_ref_seq_dif.align_id 
_struct_ref_seq_dif.pdbx_pdb_id_code 
_struct_ref_seq_dif.mon_id 
_struct_ref_seq_dif.pdbx_pdb_strand_id 
_struct_ref_seq_dif.seq_num 
_struct_ref_seq_dif.pdbx_pdb_ins_code 
_struct_ref_seq_dif.pdbx_seq_db_name 
_struct_ref_seq_dif.pdbx_seq_db_accession_code 
_struct_ref_seq_dif.db_mon_id 
_struct_ref_seq_dif.pdbx_seq_db_seq_num 
_struct_ref_seq_dif.details 
_struct_ref_seq_dif.pdbx_auth_seq_num 
_struct_ref_seq_dif.pdbx_ordinal 
1 5D4L MET A 1 ? UNP D5X329 ? ? 'initiating methionine' -7 1  
1 5D4L HIS A 2 ? UNP D5X329 ? ? 'expression tag'        -6 2  
1 5D4L HIS A 3 ? UNP D5X329 ? ? 'expression tag'        -5 3  
1 5D4L HIS A 4 ? UNP D5X329 ? ? 'expression tag'        -4 4  
1 5D4L HIS A 5 ? UNP D5X329 ? ? 'expression tag'        -3 5  
1 5D4L HIS A 6 ? UNP D5X329 ? ? 'expression tag'        -2 6  
1 5D4L HIS A 7 ? UNP D5X329 ? ? 'expression tag'        -1 7  
1 5D4L GLY A 8 ? UNP D5X329 ? ? 'expression tag'        0  8  
2 5D4L MET B 1 ? UNP D5X329 ? ? 'initiating methionine' -7 9  
2 5D4L HIS B 2 ? UNP D5X329 ? ? 'expression tag'        -6 10 
2 5D4L HIS B 3 ? UNP D5X329 ? ? 'expression tag'        -5 11 
2 5D4L HIS B 4 ? UNP D5X329 ? ? 'expression tag'        -4 12 
2 5D4L HIS B 5 ? UNP D5X329 ? ? 'expression tag'        -3 13 
2 5D4L HIS B 6 ? UNP D5X329 ? ? 'expression tag'        -2 14 
2 5D4L HIS B 7 ? UNP D5X329 ? ? 'expression tag'        -1 15 
2 5D4L GLY B 8 ? UNP D5X329 ? ? 'expression tag'        0  16 
# 
loop_
_chem_comp.id 
_chem_comp.type 
_chem_comp.mon_nstd_flag 
_chem_comp.name 
_chem_comp.pdbx_synonyms 
_chem_comp.formula 
_chem_comp.formula_weight 
ALA 'L-peptide linking' y ALANINE         ? 'C3 H7 N O2'     89.093  
ARG 'L-peptide linking' y ARGININE        ? 'C6 H15 N4 O2 1' 175.209 
ASN 'L-peptide linking' y ASPARAGINE      ? 'C4 H8 N2 O3'    132.118 
ASP 'L-peptide linking' y 'ASPARTIC ACID' ? 'C4 H7 N O4'     133.103 
GLN 'L-peptide linking' y GLUTAMINE       ? 'C5 H10 N2 O3'   146.144 
GLU 'L-peptide linking' y 'GLUTAMIC ACID' ? 'C5 H9 N O4'     147.129 
GLY 'peptide linking'   y GLYCINE         ? 'C2 H5 N O2'     75.067  
HIS 'L-peptide linking' y HISTIDINE       ? 'C6 H10 N3 O2 1' 156.162 
HOH non-polymer         . WATER           ? 'H2 O'           18.015  
ILE 'L-peptide linking' y ISOLEUCINE      ? 'C6 H13 N O2'    131.173 
LEU 'L-peptide linking' y LEUCINE         ? 'C6 H13 N O2'    131.173 
LYS 'L-peptide linking' y LYSINE          ? 'C6 H15 N2 O2 1' 147.195 
MET 'L-peptide linking' y METHIONINE      ? 'C5 H11 N O2 S'  149.211 
PHE 'L-peptide linking' y PHENYLALANINE   ? 'C9 H11 N O2'    165.189 
PRO 'L-peptide linking' y PROLINE         ? 'C5 H9 N O2'     115.130 
SER 'L-peptide linking' y SERINE          ? 'C3 H7 N O3'     105.093 
THR 'L-peptide linking' y THREONINE       ? 'C4 H9 N O3'     119.119 
TYR 'L-peptide linking' y TYROSINE        ? 'C9 H11 N O3'    181.189 
VAL 'L-peptide linking' y VALINE          ? 'C5 H11 N O2'    117.146 
# 
_exptl.absorpt_coefficient_mu     ? 
_exptl.absorpt_correction_T_max   ? 
_exptl.absorpt_correction_T_min   ? 
_exptl.absorpt_correction_type    ? 
_exptl.absorpt_process_details    ? 
_exptl.entry_id                   5D4L 
_exptl.crystals_number            1 
_exptl.details                    ? 
_exptl.method                     'X-RAY DIFFRACTION' 
_exptl.method_details             ? 
# 
_exptl_crystal.colour                      ? 
_exptl_crystal.density_diffrn              ? 
_exptl_crystal.density_Matthews            2.40 
_exptl_crystal.density_method              ? 
_exptl_crystal.density_percent_sol         48.74 
_exptl_crystal.description                 ? 
_exptl_crystal.F_000                       ? 
_exptl_crystal.id                          1 
_exptl_crystal.preparation                 ? 
_exptl_crystal.size_max                    ? 
_exptl_crystal.size_mid                    ? 
_exptl_crystal.size_min                    ? 
_exptl_crystal.size_rad                    ? 
_exptl_crystal.colour_lustre               ? 
_exptl_crystal.colour_modifier             ? 
_exptl_crystal.colour_primary              ? 
_exptl_crystal.density_meas                ? 
_exptl_crystal.density_meas_esd            ? 
_exptl_crystal.density_meas_gt             ? 
_exptl_crystal.density_meas_lt             ? 
_exptl_crystal.density_meas_temp           ? 
_exptl_crystal.density_meas_temp_esd       ? 
_exptl_crystal.density_meas_temp_gt        ? 
_exptl_crystal.density_meas_temp_lt        ? 
_exptl_crystal.pdbx_crystal_image_url      ? 
_exptl_crystal.pdbx_crystal_image_format   ? 
_exptl_crystal.pdbx_mosaicity              ? 
_exptl_crystal.pdbx_mosaicity_esd          ? 
# 
_exptl_crystal_grow.apparatus       ? 
_exptl_crystal_grow.atmosphere      ? 
_exptl_crystal_grow.crystal_id      1 
_exptl_crystal_grow.details         ? 
_exptl_crystal_grow.method          'VAPOR DIFFUSION, HANGING DROP' 
_exptl_crystal_grow.method_ref      ? 
_exptl_crystal_grow.pH              7.2 
_exptl_crystal_grow.pressure        ? 
_exptl_crystal_grow.pressure_esd    ? 
_exptl_crystal_grow.seeding         ? 
_exptl_crystal_grow.seeding_ref     ? 
_exptl_crystal_grow.temp            298 
_exptl_crystal_grow.temp_details    ? 
_exptl_crystal_grow.temp_esd        ? 
_exptl_crystal_grow.time            ? 
_exptl_crystal_grow.pdbx_details    '20% PEG 3500, 0.15 M LD Malic Acid pH 7.0' 
_exptl_crystal_grow.pdbx_pH_range   ? 
# 
_diffrn.ambient_environment    ? 
_diffrn.ambient_temp           100 
_diffrn.ambient_temp_details   ? 
_diffrn.ambient_temp_esd       ? 
_diffrn.crystal_id             1 
_diffrn.crystal_support        ? 
_diffrn.crystal_treatment      ? 
_diffrn.details                ? 
_diffrn.id                     1 
_diffrn.ambient_pressure       ? 
_diffrn.ambient_pressure_esd   ? 
_diffrn.ambient_pressure_gt    ? 
_diffrn.ambient_pressure_lt    ? 
_diffrn.ambient_temp_gt        ? 
_diffrn.ambient_temp_lt        ? 
# 
_diffrn_detector.details                      ? 
_diffrn_detector.detector                     'IMAGE PLATE' 
_diffrn_detector.diffrn_id                    1 
_diffrn_detector.type                         'RIGAKU RAXIS HTC' 
_diffrn_detector.area_resol_mean              ? 
_diffrn_detector.dtime                        ? 
_diffrn_detector.pdbx_frames_total            ? 
_diffrn_detector.pdbx_collection_time_total   ? 
_diffrn_detector.pdbx_collection_date         2013-10-13 
# 
_diffrn_radiation.collimation                      ? 
_diffrn_radiation.diffrn_id                        1 
_diffrn_radiation.filter_edge                      ? 
_diffrn_radiation.inhomogeneity                    ? 
_diffrn_radiation.monochromator                    ? 
_diffrn_radiation.polarisn_norm                    ? 
_diffrn_radiation.polarisn_ratio                   ? 
_diffrn_radiation.probe                            ? 
_diffrn_radiation.type                             ? 
_diffrn_radiation.xray_symbol                      ? 
_diffrn_radiation.wavelength_id                    1 
_diffrn_radiation.pdbx_monochromatic_or_laue_m_l   M 
_diffrn_radiation.pdbx_wavelength_list             ? 
_diffrn_radiation.pdbx_wavelength                  ? 
_diffrn_radiation.pdbx_diffrn_protocol             'SINGLE WAVELENGTH' 
_diffrn_radiation.pdbx_analyzer                    ? 
_diffrn_radiation.pdbx_scattering_type             x-ray 
# 
_diffrn_radiation_wavelength.id           1 
_diffrn_radiation_wavelength.wavelength   1.5418 
_diffrn_radiation_wavelength.wt           1.0 
# 
_diffrn_source.current                     ? 
_diffrn_source.details                     ? 
_diffrn_source.diffrn_id                   1 
_diffrn_source.power                       ? 
_diffrn_source.size                        ? 
_diffrn_source.source                      'ROTATING ANODE' 
_diffrn_source.target                      ? 
_diffrn_source.type                        'RIGAKU FR-E+ SUPERBRIGHT' 
_diffrn_source.voltage                     ? 
_diffrn_source.take-off_angle              ? 
_diffrn_source.pdbx_wavelength_list        1.5418 
_diffrn_source.pdbx_wavelength             ? 
_diffrn_source.pdbx_synchrotron_beamline   ? 
_diffrn_source.pdbx_synchrotron_site       ? 
# 
_reflns.B_iso_Wilson_estimate            28.900 
_reflns.entry_id                         5D4L 
_reflns.data_reduction_details           ? 
_reflns.data_reduction_method            ? 
_reflns.d_resolution_high                2.300 
_reflns.d_resolution_low                 71.61 
_reflns.details                          ? 
_reflns.limit_h_max                      ? 
_reflns.limit_h_min                      ? 
_reflns.limit_k_max                      ? 
_reflns.limit_k_min                      ? 
_reflns.limit_l_max                      ? 
_reflns.limit_l_min                      ? 
_reflns.number_all                       ? 
_reflns.number_obs                       10491 
_reflns.observed_criterion               ? 
_reflns.observed_criterion_F_max         ? 
_reflns.observed_criterion_F_min         ? 
_reflns.observed_criterion_I_max         ? 
_reflns.observed_criterion_I_min         ? 
_reflns.observed_criterion_sigma_F       ? 
_reflns.observed_criterion_sigma_I       -3.000 
_reflns.percent_possible_obs             97.400 
_reflns.R_free_details                   ? 
_reflns.Rmerge_F_all                     ? 
_reflns.Rmerge_F_obs                     0.998 
_reflns.Friedel_coverage                 ? 
_reflns.number_gt                        ? 
_reflns.threshold_expression             ? 
_reflns.pdbx_redundancy                  11.5 
_reflns.pdbx_Rmerge_I_obs                0.128 
_reflns.pdbx_Rmerge_I_all                ? 
_reflns.pdbx_Rsym_value                  ? 
_reflns.pdbx_netI_over_av_sigmaI         ? 
_reflns.pdbx_netI_over_sigmaI            16.960 
_reflns.pdbx_res_netI_over_av_sigmaI_2   ? 
_reflns.pdbx_res_netI_over_sigmaI_2      ? 
_reflns.pdbx_chi_squared                 0.920 
_reflns.pdbx_scaling_rejects             ? 
_reflns.pdbx_d_res_high_opt              ? 
_reflns.pdbx_d_res_low_opt               ? 
_reflns.pdbx_d_res_opt_method            ? 
_reflns.phase_calculation_details        ? 
_reflns.pdbx_Rrim_I_all                  0.134 
_reflns.pdbx_Rpim_I_all                  ? 
_reflns.pdbx_d_opt                       ? 
_reflns.pdbx_number_measured_all         121103 
_reflns.pdbx_diffrn_id                   1 
_reflns.pdbx_ordinal                     1 
_reflns.pdbx_CC_half                     ? 
_reflns.pdbx_R_split                     ? 
# 
loop_
_reflns_shell.d_res_high 
_reflns_shell.d_res_low 
_reflns_shell.meanI_over_sigI_all 
_reflns_shell.meanI_over_sigI_obs 
_reflns_shell.number_measured_all 
_reflns_shell.number_measured_obs 
_reflns_shell.number_possible 
_reflns_shell.number_unique_all 
_reflns_shell.number_unique_obs 
_reflns_shell.percent_possible_all 
_reflns_shell.percent_possible_obs 
_reflns_shell.Rmerge_F_all 
_reflns_shell.Rmerge_F_obs 
_reflns_shell.Rmerge_I_all 
_reflns_shell.Rmerge_I_obs 
_reflns_shell.meanI_over_sigI_gt 
_reflns_shell.meanI_over_uI_all 
_reflns_shell.meanI_over_uI_gt 
_reflns_shell.number_measured_gt 
_reflns_shell.number_unique_gt 
_reflns_shell.percent_possible_gt 
_reflns_shell.Rmerge_F_gt 
_reflns_shell.Rmerge_I_gt 
_reflns_shell.pdbx_redundancy 
_reflns_shell.pdbx_Rsym_value 
_reflns_shell.pdbx_chi_squared 
_reflns_shell.pdbx_netI_over_sigmaI_all 
_reflns_shell.pdbx_netI_over_sigmaI_obs 
_reflns_shell.pdbx_Rrim_I_all 
_reflns_shell.pdbx_Rpim_I_all 
_reflns_shell.pdbx_rejects 
_reflns_shell.pdbx_ordinal 
_reflns_shell.pdbx_diffrn_id 
_reflns_shell.pdbx_CC_half 
_reflns_shell.pdbx_R_split 
2.300  2.360  ? 3.240  ? 7666 813 ? 747 91.900  ? ? 0.849 ? 0.698 ? ? ? ? ? ? ? ? 10.5 ? ? ? ? 0.733 ? 0 1  1 ? ? 
2.360  2.420  ? 4.100  ? 8691 787 ? 727 92.400  ? ? 0.909 ? 0.630 ? ? ? ? ? ? ? ? ?    ? ? ? ? 0.658 ? 0 2  1 ? ? 
2.420  2.490  ? 4.450  ? 8262 711 ? 708 99.600  ? ? 0.935 ? 0.558 ? ? ? ? ? ? ? ? ?    ? ? ? ? 0.583 ? 0 3  1 ? ? 
2.490  2.570  ? 5.180  ? 8525 755 ? 739 97.900  ? ? 0.939 ? 0.485 ? ? ? ? ? ? ? ? ?    ? ? ? ? 0.507 ? 0 4  1 ? ? 
2.570  2.650  ? 5.800  ? 8139 721 ? 680 94.300  ? ? 0.944 ? 0.453 ? ? ? ? ? ? ? ? ?    ? ? ? ? 0.473 ? 0 5  1 ? ? 
2.650  2.750  ? 6.560  ? 7868 674 ? 673 99.900  ? ? 0.965 ? 0.384 ? ? ? ? ? ? ? ? ?    ? ? ? ? 0.402 ? 0 6  1 ? ? 
2.750  2.850  ? 8.090  ? 7617 682 ? 657 96.300  ? ? 0.971 ? 0.311 ? ? ? ? ? ? ? ? ?    ? ? ? ? 0.325 ? 0 7  1 ? ? 
2.850  2.970  ? 10.020 ? 7227 619 ? 608 98.200  ? ? 0.979 ? 0.259 ? ? ? ? ? ? ? ? ?    ? ? ? ? 0.271 ? 0 8  1 ? ? 
2.970  3.100  ? 12.540 ? 6895 605 ? 603 99.700  ? ? 0.988 ? 0.202 ? ? ? ? ? ? ? ? ?    ? ? ? ? 0.211 ? 0 9  1 ? ? 
3.100  3.250  ? 16.640 ? 6849 599 ? 578 96.500  ? ? 0.994 ? 0.148 ? ? ? ? ? ? ? ? ?    ? ? ? ? 0.155 ? 0 10 1 ? ? 
3.250  3.420  ? 20.150 ? 6426 556 ? 556 100.000 ? ? 0.995 ? 0.123 ? ? ? ? ? ? ? ? ?    ? ? ? ? 0.128 ? 0 11 1 ? ? 
3.420  3.630  ? 24.230 ? 5712 507 ? 493 97.200  ? ? 0.997 ? 0.099 ? ? ? ? ? ? ? ? ?    ? ? ? ? 0.104 ? 0 12 1 ? ? 
3.630  3.880  ? 30.800 ? 5861 512 ? 512 100.000 ? ? 0.998 ? 0.076 ? ? ? ? ? ? ? ? ?    ? ? ? ? 0.080 ? 0 13 1 ? ? 
3.880  4.190  ? 33.160 ? 5272 463 ? 455 98.300  ? ? 0.998 ? 0.069 ? ? ? ? ? ? ? ? ?    ? ? ? ? 0.072 ? 0 14 1 ? ? 
4.190  4.590  ? 41.220 ? 4632 416 ? 412 99.000  ? ? 0.999 ? 0.050 ? ? ? ? ? ? ? ? ?    ? ? ? ? 0.053 ? 0 15 1 ? ? 
4.590  5.140  ? 46.340 ? 4429 382 ? 382 100.000 ? ? 0.999 ? 0.045 ? ? ? ? ? ? ? ? ?    ? ? ? ? 0.047 ? 0 16 1 ? ? 
5.140  5.930  ? 36.560 ? 3867 338 ? 335 99.100  ? ? 0.999 ? 0.060 ? ? ? ? ? ? ? ? ?    ? ? ? ? 0.063 ? 0 17 1 ? ? 
5.930  7.260  ? 35.000 ? 3222 279 ? 278 99.600  ? ? 0.998 ? 0.067 ? ? ? ? ? ? ? ? ?    ? ? ? ? 0.071 ? 0 18 1 ? ? 
7.260  10.270 ? 49.700 ? 2653 231 ? 230 99.600  ? ? 0.999 ? 0.043 ? ? ? ? ? ? ? ? ?    ? ? ? ? 0.045 ? 0 19 1 ? ? 
10.270 ?      ? 55.500 ? 1290 119 ? 118 99.200  ? ? 0.999 ? 0.038 ? ? ? ? ? ? ? ? ?    ? ? ? ? 0.040 ? 0 20 1 ? ? 
# 
_refine.aniso_B[1][1]                            ? 
_refine.aniso_B[1][2]                            ? 
_refine.aniso_B[1][3]                            ? 
_refine.aniso_B[2][2]                            ? 
_refine.aniso_B[2][3]                            ? 
_refine.aniso_B[3][3]                            ? 
_refine.B_iso_max                                94.020 
_refine.B_iso_mean                               34.0123 
_refine.B_iso_min                                16.710 
_refine.correlation_coeff_Fo_to_Fc               ? 
_refine.correlation_coeff_Fo_to_Fc_free          ? 
_refine.details                                  ? 
_refine.diff_density_max                         ? 
_refine.diff_density_max_esd                     ? 
_refine.diff_density_min                         ? 
_refine.diff_density_min_esd                     ? 
_refine.diff_density_rms                         ? 
_refine.diff_density_rms_esd                     ? 
_refine.entry_id                                 5D4L 
_refine.pdbx_refine_id                           'X-RAY DIFFRACTION' 
_refine.ls_abs_structure_details                 ? 
_refine.ls_abs_structure_Flack                   ? 
_refine.ls_abs_structure_Flack_esd               ? 
_refine.ls_abs_structure_Rogers                  ? 
_refine.ls_abs_structure_Rogers_esd              ? 
_refine.ls_d_res_high                            2.3 
_refine.ls_d_res_low                             35.8060 
_refine.ls_extinction_coef                       ? 
_refine.ls_extinction_coef_esd                   ? 
_refine.ls_extinction_expression                 ? 
_refine.ls_extinction_method                     ? 
_refine.ls_goodness_of_fit_all                   ? 
_refine.ls_goodness_of_fit_all_esd               ? 
_refine.ls_goodness_of_fit_obs                   ? 
_refine.ls_goodness_of_fit_obs_esd               ? 
_refine.ls_hydrogen_treatment                    ? 
_refine.ls_matrix_type                           ? 
_refine.ls_number_constraints                    ? 
_refine.ls_number_parameters                     ? 
_refine.ls_number_reflns_all                     ? 
_refine.ls_number_reflns_obs                     10487 
_refine.ls_number_reflns_R_free                  524 
_refine.ls_number_reflns_R_work                  9963 
_refine.ls_number_restraints                     ? 
_refine.ls_percent_reflns_obs                    97.4000 
_refine.ls_percent_reflns_R_free                 5.0000 
_refine.ls_R_factor_all                          ? 
_refine.ls_R_factor_obs                          0.1801 
_refine.ls_R_factor_R_free                       0.2339 
_refine.ls_R_factor_R_free_error                 ? 
_refine.ls_R_factor_R_free_error_details         ? 
_refine.ls_R_factor_R_work                       0.1773 
_refine.ls_R_Fsqd_factor_obs                     ? 
_refine.ls_R_I_factor_obs                        ? 
_refine.ls_redundancy_reflns_all                 ? 
_refine.ls_redundancy_reflns_obs                 ? 
_refine.ls_restrained_S_all                      ? 
_refine.ls_restrained_S_obs                      ? 
_refine.ls_shift_over_esd_max                    ? 
_refine.ls_shift_over_esd_mean                   ? 
_refine.ls_structure_factor_coef                 ? 
_refine.ls_weighting_details                     ? 
_refine.ls_weighting_scheme                      ? 
_refine.ls_wR_factor_all                         ? 
_refine.ls_wR_factor_obs                         ? 
_refine.ls_wR_factor_R_free                      ? 
_refine.ls_wR_factor_R_work                      ? 
_refine.occupancy_max                            ? 
_refine.occupancy_min                            ? 
_refine.solvent_model_details                    'FLAT BULK SOLVENT MODEL' 
_refine.solvent_model_param_bsol                 ? 
_refine.solvent_model_param_ksol                 ? 
_refine.ls_R_factor_gt                           ? 
_refine.ls_goodness_of_fit_gt                    ? 
_refine.ls_goodness_of_fit_ref                   ? 
_refine.ls_shift_over_su_max                     ? 
_refine.ls_shift_over_su_max_lt                  ? 
_refine.ls_shift_over_su_mean                    ? 
_refine.ls_shift_over_su_mean_lt                 ? 
_refine.pdbx_ls_sigma_I                          ? 
_refine.pdbx_ls_sigma_F                          1.980 
_refine.pdbx_ls_sigma_Fsqd                       ? 
_refine.pdbx_data_cutoff_high_absF               ? 
_refine.pdbx_data_cutoff_high_rms_absF           ? 
_refine.pdbx_data_cutoff_low_absF                ? 
_refine.pdbx_isotropic_thermal_model             ? 
_refine.pdbx_ls_cross_valid_method               'FREE R-VALUE' 
_refine.pdbx_method_to_determine_struct          'MOLECULAR REPLACEMENT' 
_refine.pdbx_starting_model                      2CZ4 
_refine.pdbx_stereochemistry_target_values       ML 
_refine.pdbx_R_Free_selection_details            ? 
_refine.pdbx_stereochem_target_val_spec_case     ? 
_refine.pdbx_overall_ESU_R                       ? 
_refine.pdbx_overall_ESU_R_Free                  ? 
_refine.pdbx_solvent_vdw_probe_radii             1.1100 
_refine.pdbx_solvent_ion_probe_radii             ? 
_refine.pdbx_solvent_shrinkage_radii             0.9000 
_refine.pdbx_real_space_R                        ? 
_refine.pdbx_density_correlation                 ? 
_refine.pdbx_pd_number_of_powder_patterns        ? 
_refine.pdbx_pd_number_of_points                 ? 
_refine.pdbx_pd_meas_number_of_points            ? 
_refine.pdbx_pd_proc_ls_prof_R_factor            ? 
_refine.pdbx_pd_proc_ls_prof_wR_factor           ? 
_refine.pdbx_pd_Marquardt_correlation_coeff      ? 
_refine.pdbx_pd_Fsqrd_R_factor                   ? 
_refine.pdbx_pd_ls_matrix_band_width             ? 
_refine.pdbx_overall_phase_error                 24.2700 
_refine.pdbx_overall_SU_R_free_Cruickshank_DPI   ? 
_refine.pdbx_overall_SU_R_free_Blow_DPI          ? 
_refine.pdbx_overall_SU_R_Blow_DPI               ? 
_refine.pdbx_TLS_residual_ADP_flag               ? 
_refine.pdbx_diffrn_id                           1 
_refine.overall_SU_B                             ? 
_refine.overall_SU_ML                            0.2700 
_refine.overall_SU_R_Cruickshank_DPI             ? 
_refine.overall_SU_R_free                        ? 
_refine.overall_FOM_free_R_set                   ? 
_refine.overall_FOM_work_R_set                   ? 
_refine.pdbx_average_fsc_overall                 ? 
_refine.pdbx_average_fsc_work                    ? 
_refine.pdbx_average_fsc_free                    ? 
# 
_refine_hist.cycle_id                         final 
_refine_hist.pdbx_refine_id                   'X-RAY DIFFRACTION' 
_refine_hist.d_res_high                       2.3 
_refine_hist.d_res_low                        35.8060 
_refine_hist.pdbx_number_atoms_ligand         0 
_refine_hist.number_atoms_solvent             22 
_refine_hist.number_atoms_total               1496 
_refine_hist.pdbx_number_residues_total       194 
_refine_hist.pdbx_B_iso_mean_solvent          33.70 
_refine_hist.pdbx_number_atoms_protein        1474 
_refine_hist.pdbx_number_atoms_nucleic_acid   0 
# 
loop_
_refine_ls_restr.pdbx_refine_id 
_refine_ls_restr.criterion 
_refine_ls_restr.dev_ideal 
_refine_ls_restr.dev_ideal_target 
_refine_ls_restr.number 
_refine_ls_restr.rejects 
_refine_ls_restr.type 
_refine_ls_restr.weight 
_refine_ls_restr.pdbx_restraint_function 
'X-RAY DIFFRACTION' ? 0.008  ? 1506 ? f_bond_d           ? ? 
'X-RAY DIFFRACTION' ? 1.228  ? 2038 ? f_angle_d          ? ? 
'X-RAY DIFFRACTION' ? 0.052  ? 232  ? f_chiral_restr     ? ? 
'X-RAY DIFFRACTION' ? 0.005  ? 263  ? f_plane_restr      ? ? 
'X-RAY DIFFRACTION' ? 15.401 ? 538  ? f_dihedral_angle_d ? ? 
# 
loop_
_refine_ls_shell.pdbx_refine_id 
_refine_ls_shell.d_res_high 
_refine_ls_shell.d_res_low 
_refine_ls_shell.number_reflns_all 
_refine_ls_shell.number_reflns_obs 
_refine_ls_shell.number_reflns_R_free 
_refine_ls_shell.number_reflns_R_work 
_refine_ls_shell.percent_reflns_obs 
_refine_ls_shell.percent_reflns_R_free 
_refine_ls_shell.R_factor_all 
_refine_ls_shell.R_factor_obs 
_refine_ls_shell.R_factor_R_free 
_refine_ls_shell.R_factor_R_free_error 
_refine_ls_shell.R_factor_R_work 
_refine_ls_shell.redundancy_reflns_all 
_refine_ls_shell.redundancy_reflns_obs 
_refine_ls_shell.wR_factor_all 
_refine_ls_shell.wR_factor_obs 
_refine_ls_shell.wR_factor_R_free 
_refine_ls_shell.wR_factor_R_work 
_refine_ls_shell.pdbx_total_number_of_bins_used 
_refine_ls_shell.pdbx_phase_error 
_refine_ls_shell.pdbx_fsc_work 
_refine_ls_shell.pdbx_fsc_free 
'X-RAY DIFFRACTION' 2.30   2.5283  2572 . 129 2443 95.0000 . . . 0.2948 . 0.2234 . . . . . . 4 . . . 
'X-RAY DIFFRACTION' 2.5283 2.8940  2598 . 130 2468 97.0000 . . . 0.2679 . 0.2212 . . . . . . 4 . . . 
'X-RAY DIFFRACTION' 2.8940 3.6456  2631 . 131 2500 99.0000 . . . 0.2773 . 0.1819 . . . . . . 4 . . . 
'X-RAY DIFFRACTION' 3.6456 35.8102 2686 . 134 2552 99.0000 . . . 0.1793 . 0.1467 . . . . . . 4 . . . 
# 
_struct.entry_id                     5D4L 
_struct.title                        
'Structure of the apo form of CPII from Thiomonas intermedia K12, a nitrogen regulatory PII-like protein' 
_struct.pdbx_model_details           'nitrogen regulatory PII superfamily protein' 
_struct.pdbx_formula_weight          ? 
_struct.pdbx_formula_weight_method   ? 
_struct.pdbx_model_type_details      ? 
_struct.pdbx_CASP_flag               ? 
# 
_struct_keywords.entry_id        5D4L 
_struct_keywords.text            
;carbon regulatory PII protein, CPII, nitrogen regulatory PII protein, nucleotide binding, ADP hydrolysis, bicarbonate binding, acetate binding, SIGNALING PROTEIN
;
_struct_keywords.pdbx_keywords   'SIGNALING PROTEIN' 
# 
loop_
_struct_asym.id 
_struct_asym.pdbx_blank_PDB_chainid_flag 
_struct_asym.pdbx_modified 
_struct_asym.entity_id 
_struct_asym.details 
A N N 1 ? 
B N N 1 ? 
C N N 2 ? 
D N N 2 ? 
# 
loop_
_struct_conf.conf_type_id 
_struct_conf.id 
_struct_conf.pdbx_PDB_helix_id 
_struct_conf.beg_label_comp_id 
_struct_conf.beg_label_asym_id 
_struct_conf.beg_label_seq_id 
_struct_conf.pdbx_beg_PDB_ins_code 
_struct_conf.end_label_comp_id 
_struct_conf.end_label_asym_id 
_struct_conf.end_label_seq_id 
_struct_conf.pdbx_end_PDB_ins_code 
_struct_conf.beg_auth_comp_id 
_struct_conf.beg_auth_asym_id 
_struct_conf.beg_auth_seq_id 
_struct_conf.end_auth_comp_id 
_struct_conf.end_auth_asym_id 
_struct_conf.end_auth_seq_id 
_struct_conf.pdbx_PDB_helix_class 
_struct_conf.details 
_struct_conf.pdbx_PDB_helix_length 
HELX_P HELX_P1 AA1 HIS A 28 ? GLY A 40 ? HIS A 20 GLY A 32 1 ? 13 
HELX_P HELX_P2 AA2 PRO A 79 ? GLU A 81 ? PRO A 71 GLU A 73 5 ? 3  
HELX_P HELX_P3 AA3 LEU A 82 ? GLU A 95 ? LEU A 74 GLU A 87 1 ? 14 
HELX_P HELX_P4 AA4 HIS B 28 ? GLY B 40 ? HIS B 20 GLY B 32 1 ? 13 
HELX_P HELX_P5 AA5 PRO B 79 ? GLU B 81 ? PRO B 71 GLU B 73 5 ? 3  
HELX_P HELX_P6 AA6 LEU B 82 ? HIS B 97 ? LEU B 74 HIS B 89 1 ? 16 
# 
_struct_conf_type.id          HELX_P 
_struct_conf_type.criteria    ? 
_struct_conf_type.reference   ? 
# 
loop_
_struct_sheet.id 
_struct_sheet.type 
_struct_sheet.number_strands 
_struct_sheet.details 
AA1 ? 4 ? 
AA2 ? 4 ? 
# 
loop_
_struct_sheet_order.sheet_id 
_struct_sheet_order.range_id_1 
_struct_sheet_order.range_id_2 
_struct_sheet_order.offset 
_struct_sheet_order.sense 
AA1 1 2 ? anti-parallel 
AA1 2 3 ? anti-parallel 
AA1 3 4 ? anti-parallel 
AA2 1 2 ? anti-parallel 
AA2 2 3 ? anti-parallel 
AA2 3 4 ? anti-parallel 
# 
loop_
_struct_sheet_range.sheet_id 
_struct_sheet_range.id 
_struct_sheet_range.beg_label_comp_id 
_struct_sheet_range.beg_label_asym_id 
_struct_sheet_range.beg_label_seq_id 
_struct_sheet_range.pdbx_beg_PDB_ins_code 
_struct_sheet_range.end_label_comp_id 
_struct_sheet_range.end_label_asym_id 
_struct_sheet_range.end_label_seq_id 
_struct_sheet_range.pdbx_end_PDB_ins_code 
_struct_sheet_range.beg_auth_comp_id 
_struct_sheet_range.beg_auth_asym_id 
_struct_sheet_range.beg_auth_seq_id 
_struct_sheet_range.end_auth_comp_id 
_struct_sheet_range.end_auth_asym_id 
_struct_sheet_range.end_auth_seq_id 
AA1 1 THR A 45  ? LEU A 50  ? THR A 37 LEU A 42  
AA1 2 LEU A 71  ? VAL A 78  ? LEU A 63 VAL A 70  
AA1 3 ILE A 12  ? GLU A 25  ? ILE A 4  GLU A 17  
AA1 4 VAL A 100 ? PRO A 111 ? VAL A 92 PRO A 103 
AA2 1 THR B 45  ? LEU B 50  ? THR B 37 LEU B 42  
AA2 2 LEU B 71  ? VAL B 78  ? LEU B 63 VAL B 70  
AA2 3 LYS B 13  ? GLU B 25  ? LYS B 5  GLU B 17  
AA2 4 GLY B 99  ? ARG B 110 ? GLY B 91 ARG B 102 
# 
loop_
_pdbx_struct_sheet_hbond.sheet_id 
_pdbx_struct_sheet_hbond.range_id_1 
_pdbx_struct_sheet_hbond.range_id_2 
_pdbx_struct_sheet_hbond.range_1_label_atom_id 
_pdbx_struct_sheet_hbond.range_1_label_comp_id 
_pdbx_struct_sheet_hbond.range_1_label_asym_id 
_pdbx_struct_sheet_hbond.range_1_label_seq_id 
_pdbx_struct_sheet_hbond.range_1_PDB_ins_code 
_pdbx_struct_sheet_hbond.range_1_auth_atom_id 
_pdbx_struct_sheet_hbond.range_1_auth_comp_id 
_pdbx_struct_sheet_hbond.range_1_auth_asym_id 
_pdbx_struct_sheet_hbond.range_1_auth_seq_id 
_pdbx_struct_sheet_hbond.range_2_label_atom_id 
_pdbx_struct_sheet_hbond.range_2_label_comp_id 
_pdbx_struct_sheet_hbond.range_2_label_asym_id 
_pdbx_struct_sheet_hbond.range_2_label_seq_id 
_pdbx_struct_sheet_hbond.range_2_PDB_ins_code 
_pdbx_struct_sheet_hbond.range_2_auth_atom_id 
_pdbx_struct_sheet_hbond.range_2_auth_comp_id 
_pdbx_struct_sheet_hbond.range_2_auth_asym_id 
_pdbx_struct_sheet_hbond.range_2_auth_seq_id 
AA1 1 2 N THR A 45 ? N THR A 37 O ILE A 75  ? O ILE A 67  
AA1 2 3 O ILE A 74 ? O ILE A 66 N ILE A 22  ? N ILE A 14  
AA1 3 4 N LYS A 13 ? N LYS A 5  O ARG A 110 ? O ARG A 102 
AA2 1 2 N THR B 45 ? N THR B 37 O ILE B 75  ? O ILE B 67  
AA2 2 3 O ALA B 76 ? O ALA B 68 N LEU B 20  ? N LEU B 12  
AA2 3 4 N TYR B 15 ? N TYR B 7  O VAL B 108 ? O VAL B 100 
# 
_atom_sites.entry_id                    5D4L 
_atom_sites.fract_transf_matrix[1][1]   0.01285890 
_atom_sites.fract_transf_matrix[1][2]   -0.00245822 
_atom_sites.fract_transf_matrix[1][3]   0.00485745 
_atom_sites.fract_transf_matrix[2][1]   0.00993761 
_atom_sites.fract_transf_matrix[2][2]   -0.00469670 
_atom_sites.fract_transf_matrix[2][3]   -0.00861267 
_atom_sites.fract_transf_matrix[3][1]   0.00826129 
_atom_sites.fract_transf_matrix[3][2]   0.02986682 
_atom_sites.fract_transf_matrix[3][3]   -0.00675493 
_atom_sites.fract_transf_vector[1]      1.219401 
_atom_sites.fract_transf_vector[2]      0.297941 
_atom_sites.fract_transf_vector[3]      0.347626 
# 
loop_
_atom_type.symbol 
C 
N 
O 
S 
# 
loop_
_atom_site.group_PDB 
_atom_site.id 
_atom_site.type_symbol 
_atom_site.label_atom_id 
_atom_site.label_alt_id 
_atom_site.label_comp_id 
_atom_site.label_asym_id 
_atom_site.label_entity_id 
_atom_site.label_seq_id 
_atom_site.pdbx_PDB_ins_code 
_atom_site.Cartn_x 
_atom_site.Cartn_y 
_atom_site.Cartn_z 
_atom_site.occupancy 
_atom_site.B_iso_or_equiv 
_atom_site.pdbx_formal_charge 
_atom_site.auth_seq_id 
_atom_site.auth_comp_id 
_atom_site.auth_asym_id 
_atom_site.auth_atom_id 
_atom_site.pdbx_PDB_model_num 
ATOM   1    N N   . ALA A 1 11  ? -24.262 27.845  26.952  1.00 51.10 ? 3   ALA A N   1 
ATOM   2    C CA  . ALA A 1 11  ? -23.011 28.591  26.930  1.00 50.88 ? 3   ALA A CA  1 
ATOM   3    C C   . ALA A 1 11  ? -21.938 27.797  26.190  1.00 53.85 ? 3   ALA A C   1 
ATOM   4    O O   . ALA A 1 11  ? -20.905 27.443  26.779  1.00 53.50 ? 3   ALA A O   1 
ATOM   5    C CB  . ALA A 1 11  ? -22.556 28.912  28.346  1.00 50.01 ? 3   ALA A CB  1 
ATOM   6    N N   . ILE A 1 12  ? -22.193 27.524  24.907  1.00 45.67 ? 4   ILE A N   1 
ATOM   7    C CA  . ILE A 1 12  ? -21.330 26.670  24.092  1.00 42.01 ? 4   ILE A CA  1 
ATOM   8    C C   . ILE A 1 12  ? -20.436 27.466  23.156  1.00 38.32 ? 4   ILE A C   1 
ATOM   9    O O   . ILE A 1 12  ? -20.878 28.394  22.490  1.00 45.91 ? 4   ILE A O   1 
ATOM   10   C CB  . ILE A 1 12  ? -22.154 25.675  23.234  1.00 44.45 ? 4   ILE A CB  1 
ATOM   11   C CG1 . ILE A 1 12  ? -22.989 24.747  24.116  1.00 37.37 ? 4   ILE A CG1 1 
ATOM   12   C CG2 . ILE A 1 12  ? -21.234 24.835  22.343  1.00 40.33 ? 4   ILE A CG2 1 
ATOM   13   C CD1 . ILE A 1 12  ? -22.184 23.735  24.869  1.00 42.67 ? 4   ILE A CD1 1 
ATOM   14   N N   . LYS A 1 13  ? -19.169 27.085  23.106  1.00 37.75 ? 5   LYS A N   1 
ATOM   15   C CA  . LYS A 1 13  ? -18.209 27.680  22.193  1.00 36.12 ? 5   LYS A CA  1 
ATOM   16   C C   . LYS A 1 13  ? -17.606 26.557  21.359  1.00 36.28 ? 5   LYS A C   1 
ATOM   17   O O   . LYS A 1 13  ? -17.321 25.470  21.872  1.00 36.80 ? 5   LYS A O   1 
ATOM   18   C CB  . LYS A 1 13  ? -17.128 28.445  22.972  1.00 35.46 ? 5   LYS A CB  1 
ATOM   19   C CG  . LYS A 1 13  ? -15.813 28.622  22.250  1.00 34.80 ? 5   LYS A CG  1 
ATOM   20   C CD  . LYS A 1 13  ? -14.771 29.292  23.154  1.00 38.70 ? 5   LYS A CD  1 
ATOM   21   C CE  . LYS A 1 13  ? -13.387 29.337  22.493  1.00 43.28 ? 5   LYS A CE  1 
ATOM   22   N NZ  . LYS A 1 13  ? -13.323 30.299  21.350  1.00 36.72 ? 5   LYS A NZ  1 
ATOM   23   N N   . LEU A 1 14  ? -17.413 26.816  20.076  1.00 30.96 ? 6   LEU A N   1 
ATOM   24   C CA  . LEU A 1 14  ? -16.936 25.793  19.170  1.00 29.11 ? 6   LEU A CA  1 
ATOM   25   C C   . LEU A 1 14  ? -15.417 25.842  19.096  1.00 31.45 ? 6   LEU A C   1 
ATOM   26   O O   . LEU A 1 14  ? -14.822 26.917  19.083  1.00 33.49 ? 6   LEU A O   1 
ATOM   27   C CB  . LEU A 1 14  ? -17.567 25.976  17.793  1.00 25.89 ? 6   LEU A CB  1 
ATOM   28   C CG  . LEU A 1 14  ? -19.094 25.868  17.710  1.00 26.15 ? 6   LEU A CG  1 
ATOM   29   C CD1 . LEU A 1 14  ? -19.583 26.474  16.409  1.00 33.69 ? 6   LEU A CD1 1 
ATOM   30   C CD2 . LEU A 1 14  ? -19.587 24.421  17.835  1.00 29.02 ? 6   LEU A CD2 1 
ATOM   31   N N   . TYR A 1 15  ? -14.800 24.665  19.086  1.00 30.12 ? 7   TYR A N   1 
ATOM   32   C CA  . TYR A 1 15  ? -13.354 24.518  18.966  1.00 30.15 ? 7   TYR A CA  1 
ATOM   33   C C   . TYR A 1 15  ? -13.070 23.872  17.619  1.00 28.44 ? 7   TYR A C   1 
ATOM   34   O O   . TYR A 1 15  ? -13.717 22.892  17.274  1.00 28.84 ? 7   TYR A O   1 
ATOM   35   C CB  . TYR A 1 15  ? -12.787 23.650  20.106  1.00 30.40 ? 7   TYR A CB  1 
ATOM   36   C CG  . TYR A 1 15  ? -12.745 24.353  21.444  1.00 41.07 ? 7   TYR A CG  1 
ATOM   37   C CD1 . TYR A 1 15  ? -13.908 24.864  22.021  1.00 41.95 ? 7   TYR A CD1 1 
ATOM   38   C CD2 . TYR A 1 15  ? -11.538 24.514  22.139  1.00 44.58 ? 7   TYR A CD2 1 
ATOM   39   C CE1 . TYR A 1 15  ? -13.878 25.527  23.248  1.00 45.62 ? 7   TYR A CE1 1 
ATOM   40   C CE2 . TYR A 1 15  ? -11.495 25.170  23.372  1.00 43.99 ? 7   TYR A CE2 1 
ATOM   41   C CZ  . TYR A 1 15  ? -12.674 25.671  23.917  1.00 47.74 ? 7   TYR A CZ  1 
ATOM   42   O OH  . TYR A 1 15  ? -12.664 26.319  25.125  1.00 49.69 ? 7   TYR A OH  1 
ATOM   43   N N   . PRO A 1 16  ? -12.121 24.419  16.842  1.00 25.72 ? 8   PRO A N   1 
ATOM   44   C CA  . PRO A 1 16  ? -11.795 23.720  15.595  1.00 24.88 ? 8   PRO A CA  1 
ATOM   45   C C   . PRO A 1 16  ? -10.804 22.581  15.834  1.00 22.91 ? 8   PRO A C   1 
ATOM   46   O O   . PRO A 1 16  ? -9.882  22.717  16.611  1.00 24.65 ? 8   PRO A O   1 
ATOM   47   C CB  . PRO A 1 16  ? -11.175 24.818  14.726  1.00 23.73 ? 8   PRO A CB  1 
ATOM   48   C CG  . PRO A 1 16  ? -10.565 25.770  15.712  1.00 26.92 ? 8   PRO A CG  1 
ATOM   49   C CD  . PRO A 1 16  ? -11.406 25.705  16.973  1.00 26.58 ? 8   PRO A CD  1 
ATOM   50   N N   . LEU A 1 17  ? -11.017 21.465  15.160  1.00 23.86 ? 9   LEU A N   1 
ATOM   51   C CA  . LEU A 1 17  ? -10.131 20.316  15.228  1.00 23.68 ? 9   LEU A CA  1 
ATOM   52   C C   . LEU A 1 17  ? -10.068 19.736  13.827  1.00 22.17 ? 9   LEU A C   1 
ATOM   53   O O   . LEU A 1 17  ? -10.822 20.164  12.957  1.00 19.80 ? 9   LEU A O   1 
ATOM   54   C CB  . LEU A 1 17  ? -10.639 19.260  16.215  1.00 20.75 ? 9   LEU A CB  1 
ATOM   55   C CG  . LEU A 1 17  ? -10.633 19.536  17.717  1.00 26.27 ? 9   LEU A CG  1 
ATOM   56   C CD1 . LEU A 1 17  ? -11.356 18.412  18.391  1.00 26.49 ? 9   LEU A CD1 1 
ATOM   57   C CD2 . LEU A 1 17  ? -9.232  19.621  18.246  1.00 24.42 ? 9   LEU A CD2 1 
ATOM   58   N N   . LYS A 1 18  ? -9.185  18.760  13.632  1.00 20.23 ? 10  LYS A N   1 
ATOM   59   C CA  . LYS A 1 18  ? -9.089  17.987  12.398  1.00 19.97 ? 10  LYS A CA  1 
ATOM   60   C C   . LYS A 1 18  ? -9.680  16.615  12.657  1.00 22.55 ? 10  LYS A C   1 
ATOM   61   O O   . LYS A 1 18  ? -9.367  16.002  13.672  1.00 25.66 ? 10  LYS A O   1 
ATOM   62   C CB  . LYS A 1 18  ? -7.634  17.857  11.941  1.00 22.59 ? 10  LYS A CB  1 
ATOM   63   C CG  . LYS A 1 18  ? -6.963  19.182  11.582  1.00 25.23 ? 10  LYS A CG  1 
ATOM   64   C CD  . LYS A 1 18  ? -7.685  19.795  10.387  1.00 30.11 ? 10  LYS A CD  1 
ATOM   65   C CE  . LYS A 1 18  ? -6.912  20.922  9.732   1.00 26.84 ? 10  LYS A CE  1 
ATOM   66   N NZ  . LYS A 1 18  ? -7.727  21.529  8.646   1.00 28.70 ? 10  LYS A NZ  1 
ATOM   67   N N   . LYS A 1 19  ? -10.546 16.134  11.770  1.00 19.29 ? 11  LYS A N   1 
ATOM   68   C CA  . LYS A 1 19  ? -11.051 14.774  11.913  1.00 20.92 ? 11  LYS A CA  1 
ATOM   69   C C   . LYS A 1 19  ? -10.439 13.877  10.855  1.00 21.43 ? 11  LYS A C   1 
ATOM   70   O O   . LYS A 1 19  ? -10.533 14.152  9.668   1.00 21.61 ? 11  LYS A O   1 
ATOM   71   C CB  . LYS A 1 19  ? -12.566 14.699  11.817  1.00 19.48 ? 11  LYS A CB  1 
ATOM   72   C CG  . LYS A 1 19  ? -13.110 13.346  12.296  1.00 21.99 ? 11  LYS A CG  1 
ATOM   73   C CD  . LYS A 1 19  ? -14.567 13.111  11.928  1.00 21.78 ? 11  LYS A CD  1 
ATOM   74   C CE  . LYS A 1 19  ? -14.702 12.439  10.600  1.00 20.69 ? 11  LYS A CE  1 
ATOM   75   N NZ  . LYS A 1 19  ? -16.144 12.135  10.250  1.00 22.93 ? 11  LYS A NZ  1 
ATOM   76   N N   . LEU A 1 20  ? -9.827  12.804  11.323  1.00 19.48 ? 12  LEU A N   1 
ATOM   77   C CA  . LEU A 1 20  ? -9.129  11.841  10.501  1.00 18.37 ? 12  LEU A CA  1 
ATOM   78   C C   . LEU A 1 20  ? -9.997  10.609  10.363  1.00 19.81 ? 12  LEU A C   1 
ATOM   79   O O   . LEU A 1 20  ? -10.443 10.063  11.367  1.00 21.12 ? 12  LEU A O   1 
ATOM   80   C CB  . LEU A 1 20  ? -7.790  11.474  11.145  1.00 18.91 ? 12  LEU A CB  1 
ATOM   81   C CG  . LEU A 1 20  ? -6.454  12.153  10.840  1.00 24.50 ? 12  LEU A CG  1 
ATOM   82   C CD1 . LEU A 1 20  ? -6.575  13.597  10.456  1.00 23.74 ? 12  LEU A CD1 1 
ATOM   83   C CD2 . LEU A 1 20  ? -5.598  12.042  12.083  1.00 25.27 ? 12  LEU A CD2 1 
ATOM   84   N N   . GLU A 1 21  ? -10.271 10.197  9.127   1.00 21.54 ? 13  GLU A N   1 
ATOM   85   C CA  . GLU A 1 21  ? -10.897 8.909   8.865   1.00 19.28 ? 13  GLU A CA  1 
ATOM   86   C C   . GLU A 1 21  ? -9.844  8.000   8.251   1.00 21.05 ? 13  GLU A C   1 
ATOM   87   O O   . GLU A 1 21  ? -9.417  8.213   7.120   1.00 22.53 ? 13  GLU A O   1 
ATOM   88   C CB  . GLU A 1 21  ? -12.110 9.055   7.942   1.00 18.59 ? 13  GLU A CB  1 
ATOM   89   C CG  . GLU A 1 21  ? -13.249 9.877   8.561   1.00 22.16 ? 13  GLU A CG  1 
ATOM   90   C CD  . GLU A 1 21  ? -14.427 10.073  7.621   1.00 25.95 ? 13  GLU A CD  1 
ATOM   91   O OE1 . GLU A 1 21  ? -15.519 10.437  8.105   1.00 30.51 ? 13  GLU A OE1 1 
ATOM   92   O OE2 . GLU A 1 21  ? -14.273 9.858   6.395   1.00 29.76 ? 13  GLU A OE2 1 
ATOM   93   N N   . ILE A 1 22  ? -9.409  7.013   9.028   1.00 17.95 ? 14  ILE A N   1 
ATOM   94   C CA  . ILE A 1 22  ? -8.344  6.100   8.659   1.00 17.82 ? 14  ILE A CA  1 
ATOM   95   C C   . ILE A 1 22  ? -8.951  4.757   8.270   1.00 20.26 ? 14  ILE A C   1 
ATOM   96   O O   . ILE A 1 22  ? -9.478  4.031   9.119   1.00 21.91 ? 14  ILE A O   1 
ATOM   97   C CB  . ILE A 1 22  ? -7.344  5.894   9.834   1.00 24.92 ? 14  ILE A CB  1 
ATOM   98   C CG1 . ILE A 1 22  ? -6.757  7.223   10.294  1.00 19.73 ? 14  ILE A CG1 1 
ATOM   99   C CG2 . ILE A 1 22  ? -6.257  4.908   9.461   1.00 20.09 ? 14  ILE A CG2 1 
ATOM   100  C CD1 . ILE A 1 22  ? -5.992  7.116   11.603  1.00 25.98 ? 14  ILE A CD1 1 
ATOM   101  N N   . ILE A 1 23  ? -8.891  4.440   6.981   1.00 24.36 ? 15  ILE A N   1 
ATOM   102  C CA  . ILE A 1 23  ? -9.480  3.216   6.469   1.00 21.06 ? 15  ILE A CA  1 
ATOM   103  C C   . ILE A 1 23  ? -8.371  2.241   6.095   1.00 19.19 ? 15  ILE A C   1 
ATOM   104  O O   . ILE A 1 23  ? -7.507  2.569   5.309   1.00 21.98 ? 15  ILE A O   1 
ATOM   105  C CB  . ILE A 1 23  ? -10.376 3.487   5.249   1.00 20.05 ? 15  ILE A CB  1 
ATOM   106  C CG1 . ILE A 1 23  ? -11.448 4.521   5.601   1.00 17.48 ? 15  ILE A CG1 1 
ATOM   107  C CG2 . ILE A 1 23  ? -11.018 2.185   4.768   1.00 22.18 ? 15  ILE A CG2 1 
ATOM   108  C CD1 . ILE A 1 23  ? -12.039 5.187   4.432   1.00 21.68 ? 15  ILE A CD1 1 
ATOM   109  N N   . LEU A 1 24  ? -8.406  1.054   6.678   1.00 21.29 ? 16  LEU A N   1 
ATOM   110  C CA  . LEU A 1 24  ? -7.403  0.015   6.451   1.00 23.86 ? 16  LEU A CA  1 
ATOM   111  C C   . LEU A 1 24  ? -7.991  -1.332  6.838   1.00 23.98 ? 16  LEU A C   1 
ATOM   112  O O   . LEU A 1 24  ? -9.087  -1.383  7.384   1.00 23.19 ? 16  LEU A O   1 
ATOM   113  C CB  . LEU A 1 24  ? -6.111  0.291   7.245   1.00 20.80 ? 16  LEU A CB  1 
ATOM   114  C CG  . LEU A 1 24  ? -6.163  0.864   8.674   1.00 24.58 ? 16  LEU A CG  1 
ATOM   115  C CD1 . LEU A 1 24  ? -6.802  -0.052  9.650   1.00 21.83 ? 16  LEU A CD1 1 
ATOM   116  C CD2 . LEU A 1 24  ? -4.748  1.205   9.186   1.00 26.31 ? 16  LEU A CD2 1 
ATOM   117  N N   . GLU A 1 25  ? -7.266  -2.412  6.552   1.00 26.53 ? 17  GLU A N   1 
ATOM   118  C CA  . GLU A 1 25  ? -7.699  -3.756  6.917   1.00 25.08 ? 17  GLU A CA  1 
ATOM   119  C C   . GLU A 1 25  ? -7.775  -3.926  8.440   1.00 28.92 ? 17  GLU A C   1 
ATOM   120  O O   . GLU A 1 25  ? -6.965  -3.372  9.186   1.00 30.04 ? 17  GLU A O   1 
ATOM   121  C CB  . GLU A 1 25  ? -6.755  -4.804  6.324   1.00 30.41 ? 17  GLU A CB  1 
ATOM   122  C CG  . GLU A 1 25  ? -6.724  -4.883  4.798   1.00 32.07 ? 17  GLU A CG  1 
ATOM   123  C CD  . GLU A 1 25  ? -5.538  -5.716  4.285   1.00 39.62 ? 17  GLU A CD  1 
ATOM   124  O OE1 . GLU A 1 25  ? -5.747  -6.888  3.882   1.00 39.52 ? 17  GLU A OE1 1 
ATOM   125  O OE2 . GLU A 1 25  ? -4.395  -5.201  4.296   1.00 33.78 ? 17  GLU A OE2 1 
ATOM   126  N N   . GLY A 1 26  ? -8.758  -4.687  8.897   1.00 23.79 ? 18  GLY A N   1 
ATOM   127  C CA  . GLY A 1 26  ? -8.916  -4.949  10.309  1.00 26.87 ? 18  GLY A CA  1 
ATOM   128  C C   . GLY A 1 26  ? -7.714  -5.573  10.994  1.00 27.87 ? 18  GLY A C   1 
ATOM   129  O O   . GLY A 1 26  ? -7.452  -5.305  12.162  1.00 33.20 ? 18  GLY A O   1 
ATOM   130  N N   . ALA A 1 27  ? -6.974  -6.394  10.264  1.00 33.20 ? 19  ALA A N   1 
ATOM   131  C CA  . ALA A 1 27  ? -5.790  -7.076  10.788  1.00 33.94 ? 19  ALA A CA  1 
ATOM   132  C C   . ALA A 1 27  ? -4.770  -6.117  11.400  1.00 35.01 ? 19  ALA A C   1 
ATOM   133  O O   . ALA A 1 27  ? -3.991  -6.493  12.281  1.00 31.93 ? 19  ALA A O   1 
ATOM   134  C CB  . ALA A 1 27  ? -5.129  -7.886  9.671   1.00 27.29 ? 19  ALA A CB  1 
ATOM   135  N N   . HIS A 1 28  ? -4.767  -4.882  10.906  1.00 31.94 ? 20  HIS A N   1 
ATOM   136  C CA  . HIS A 1 28  ? -3.788  -3.893  11.320  1.00 28.16 ? 20  HIS A CA  1 
ATOM   137  C C   . HIS A 1 28  ? -4.358  -2.866  12.307  1.00 30.08 ? 20  HIS A C   1 
ATOM   138  O O   . HIS A 1 28  ? -3.796  -1.785  12.485  1.00 28.07 ? 20  HIS A O   1 
ATOM   139  C CB  . HIS A 1 28  ? -3.220  -3.209  10.080  1.00 27.49 ? 20  HIS A CB  1 
ATOM   140  C CG  . HIS A 1 28  ? -2.648  -4.176  9.087   1.00 34.54 ? 20  HIS A CG  1 
ATOM   141  N ND1 . HIS A 1 28  ? -3.229  -4.426  7.861   1.00 36.45 ? 20  HIS A ND1 1 
ATOM   142  C CD2 . HIS A 1 28  ? -1.565  -4.985  9.158   1.00 29.70 ? 20  HIS A CD2 1 
ATOM   143  C CE1 . HIS A 1 28  ? -2.519  -5.332  7.214   1.00 34.52 ? 20  HIS A CE1 1 
ATOM   144  N NE2 . HIS A 1 28  ? -1.506  -5.692  7.982   1.00 34.23 ? 20  HIS A NE2 1 
ATOM   145  N N   . LYS A 1 29  ? -5.456  -3.214  12.978  1.00 28.99 ? 21  LYS A N   1 
ATOM   146  C CA  . LYS A 1 29  ? -6.053  -2.279  13.921  1.00 28.22 ? 21  LYS A CA  1 
ATOM   147  C C   . LYS A 1 29  ? -5.094  -1.889  15.044  1.00 32.99 ? 21  LYS A C   1 
ATOM   148  O O   . LYS A 1 29  ? -4.913  -0.698  15.332  1.00 33.35 ? 21  LYS A O   1 
ATOM   149  C CB  . LYS A 1 29  ? -7.332  -2.844  14.529  1.00 30.27 ? 21  LYS A CB  1 
ATOM   150  C CG  . LYS A 1 29  ? -7.956  -1.877  15.525  1.00 33.34 ? 21  LYS A CG  1 
ATOM   151  C CD  . LYS A 1 29  ? -9.246  -2.395  16.061  1.00 30.75 ? 21  LYS A CD  1 
ATOM   152  C CE  . LYS A 1 29  ? -9.006  -3.541  16.990  1.00 44.20 ? 21  LYS A CE  1 
ATOM   153  N NZ  . LYS A 1 29  ? -10.284 -4.276  17.160  1.00 57.35 ? 21  LYS A NZ  1 
ATOM   154  N N   . GLU A 1 30  ? -4.483  -2.886  15.676  1.00 35.29 ? 22  GLU A N   1 
ATOM   155  C CA  . GLU A 1 30  ? -3.601  -2.631  16.811  1.00 34.33 ? 22  GLU A CA  1 
ATOM   156  C C   . GLU A 1 30  ? -2.397  -1.778  16.413  1.00 36.79 ? 22  GLU A C   1 
ATOM   157  O O   . GLU A 1 30  ? -1.994  -0.892  17.149  1.00 38.78 ? 22  GLU A O   1 
ATOM   158  C CB  . GLU A 1 30  ? -3.124  -3.936  17.443  1.00 35.00 ? 22  GLU A CB  1 
ATOM   159  C CG  . GLU A 1 30  ? -2.731  -3.762  18.909  1.00 51.91 ? 22  GLU A CG  1 
ATOM   160  C CD  . GLU A 1 30  ? -1.749  -4.814  19.393  1.00 58.28 ? 22  GLU A CD  1 
ATOM   161  O OE1 . GLU A 1 30  ? -1.876  -5.994  18.993  1.00 62.81 ? 22  GLU A OE1 1 
ATOM   162  O OE2 . GLU A 1 30  ? -0.837  -4.450  20.165  1.00 61.24 ? 22  GLU A OE2 1 
ATOM   163  N N   . PHE A 1 31  ? -1.824  -2.038  15.250  1.00 33.13 ? 23  PHE A N   1 
ATOM   164  C CA  . PHE A 1 31  ? -0.746  -1.193  14.770  1.00 32.26 ? 23  PHE A CA  1 
ATOM   165  C C   . PHE A 1 31  ? -1.184  0.271   14.710  1.00 32.96 ? 23  PHE A C   1 
ATOM   166  O O   . PHE A 1 31  ? -0.514  1.158   15.241  1.00 33.98 ? 23  PHE A O   1 
ATOM   167  C CB  . PHE A 1 31  ? -0.268  -1.648  13.387  1.00 29.02 ? 23  PHE A CB  1 
ATOM   168  C CG  . PHE A 1 31  ? 0.556   -0.612  12.674  1.00 31.87 ? 23  PHE A CG  1 
ATOM   169  C CD1 . PHE A 1 31  ? 1.920   -0.522  12.895  1.00 35.29 ? 23  PHE A CD1 1 
ATOM   170  C CD2 . PHE A 1 31  ? -0.032  0.280   11.800  1.00 27.77 ? 23  PHE A CD2 1 
ATOM   171  C CE1 . PHE A 1 31  ? 2.679   0.439   12.253  1.00 30.94 ? 23  PHE A CE1 1 
ATOM   172  C CE2 . PHE A 1 31  ? 0.719   1.247   11.166  1.00 31.88 ? 23  PHE A CE2 1 
ATOM   173  C CZ  . PHE A 1 31  ? 2.078   1.327   11.396  1.00 30.45 ? 23  PHE A CZ  1 
ATOM   174  N N   . ALA A 1 32  ? -2.303  0.514   14.035  1.00 32.44 ? 24  ALA A N   1 
ATOM   175  C CA  . ALA A 1 32  ? -2.754  1.872   13.763  1.00 30.25 ? 24  ALA A CA  1 
ATOM   176  C C   . ALA A 1 32  ? -3.056  2.571   15.067  1.00 30.52 ? 24  ALA A C   1 
ATOM   177  O O   . ALA A 1 32  ? -2.739  3.745   15.266  1.00 29.82 ? 24  ALA A O   1 
ATOM   178  C CB  . ALA A 1 32  ? -3.982  1.858   12.860  1.00 29.32 ? 24  ALA A CB  1 
ATOM   179  N N   . THR A 1 33  ? -3.632  1.810   15.978  1.00 29.47 ? 25  THR A N   1 
ATOM   180  C CA  . THR A 1 33  ? -4.098  2.356   17.230  1.00 29.74 ? 25  THR A CA  1 
ATOM   181  C C   . THR A 1 33  ? -2.943  2.622   18.230  1.00 35.81 ? 25  THR A C   1 
ATOM   182  O O   . THR A 1 33  ? -3.007  3.593   18.994  1.00 35.71 ? 25  THR A O   1 
ATOM   183  C CB  . THR A 1 33  ? -5.199  1.428   17.807  1.00 30.60 ? 25  THR A CB  1 
ATOM   184  O OG1 . THR A 1 33  ? -5.977  2.148   18.749  1.00 42.95 ? 25  THR A OG1 1 
ATOM   185  C CG2 . THR A 1 33  ? -4.647  0.218   18.446  1.00 29.59 ? 25  THR A CG2 1 
ATOM   186  N N   . ASP A 1 34  ? -1.876  1.816   18.189  1.00 34.42 ? 26  ASP A N   1 
ATOM   187  C CA  . ASP A 1 34  ? -0.647  2.105   18.947  1.00 33.62 ? 26  ASP A CA  1 
ATOM   188  C C   . ASP A 1 34  ? 0.009   3.356   18.389  1.00 38.23 ? 26  ASP A C   1 
ATOM   189  O O   . ASP A 1 34  ? 0.595   4.160   19.124  1.00 39.35 ? 26  ASP A O   1 
ATOM   190  C CB  . ASP A 1 34  ? 0.362   0.948   18.880  1.00 34.42 ? 26  ASP A CB  1 
ATOM   191  C CG  . ASP A 1 34  ? -0.138  -0.321  19.550  1.00 43.70 ? 26  ASP A CG  1 
ATOM   192  O OD1 . ASP A 1 34  ? -1.035  -0.240  20.430  1.00 42.29 ? 26  ASP A OD1 1 
ATOM   193  O OD2 . ASP A 1 34  ? 0.373   -1.408  19.189  1.00 40.49 ? 26  ASP A OD2 1 
ATOM   194  N N   . LEU A 1 35  ? -0.081  3.507   17.073  1.00 30.02 ? 27  LEU A N   1 
ATOM   195  C CA  . LEU A 1 35  ? 0.465   4.673   16.416  1.00 32.86 ? 27  LEU A CA  1 
ATOM   196  C C   . LEU A 1 35  ? -0.215  5.947   16.932  1.00 31.56 ? 27  LEU A C   1 
ATOM   197  O O   . LEU A 1 35  ? 0.453   6.926   17.255  1.00 32.69 ? 27  LEU A O   1 
ATOM   198  C CB  . LEU A 1 35  ? 0.310   4.536   14.899  1.00 37.32 ? 27  LEU A CB  1 
ATOM   199  C CG  . LEU A 1 35  ? 1.126   5.454   14.001  1.00 34.43 ? 27  LEU A CG  1 
ATOM   200  C CD1 . LEU A 1 35  ? 2.502   5.633   14.596  1.00 44.75 ? 27  LEU A CD1 1 
ATOM   201  C CD2 . LEU A 1 35  ? 1.234   4.829   12.631  1.00 30.52 ? 27  LEU A CD2 1 
ATOM   202  N N   . LEU A 1 36  ? -1.544  5.933   17.006  1.00 33.11 ? 28  LEU A N   1 
ATOM   203  C CA  . LEU A 1 36  ? -2.291  7.062   17.559  1.00 29.68 ? 28  LEU A CA  1 
ATOM   204  C C   . LEU A 1 36  ? -1.921  7.291   19.027  1.00 29.31 ? 28  LEU A C   1 
ATOM   205  O O   . LEU A 1 36  ? -1.674  8.425   19.427  1.00 31.49 ? 28  LEU A O   1 
ATOM   206  C CB  . LEU A 1 36  ? -3.805  6.837   17.419  1.00 26.73 ? 28  LEU A CB  1 
ATOM   207  C CG  . LEU A 1 36  ? -4.403  6.756   16.005  1.00 27.72 ? 28  LEU A CG  1 
ATOM   208  C CD1 . LEU A 1 36  ? -5.847  6.274   16.053  1.00 30.21 ? 28  LEU A CD1 1 
ATOM   209  C CD2 . LEU A 1 36  ? -4.353  8.083   15.276  1.00 22.57 ? 28  LEU A CD2 1 
ATOM   210  N N   . ASP A 1 37  ? -1.884  6.222   19.821  1.00 29.06 ? 29  ASP A N   1 
ATOM   211  C CA  . ASP A 1 37  ? -1.502  6.324   21.239  1.00 34.32 ? 29  ASP A CA  1 
ATOM   212  C C   . ASP A 1 37  ? -0.141  6.997   21.399  1.00 34.04 ? 29  ASP A C   1 
ATOM   213  O O   . ASP A 1 37  ? -0.024  8.013   22.081  1.00 35.20 ? 29  ASP A O   1 
ATOM   214  C CB  . ASP A 1 37  ? -1.467  4.940   21.919  1.00 35.14 ? 29  ASP A CB  1 
ATOM   215  C CG  . ASP A 1 37  ? -2.869  4.355   22.176  1.00 40.74 ? 29  ASP A CG  1 
ATOM   216  O OD1 . ASP A 1 37  ? -3.870  5.074   21.990  1.00 36.30 ? 29  ASP A OD1 1 
ATOM   217  O OD2 . ASP A 1 37  ? -2.970  3.171   22.582  1.00 41.19 ? 29  ASP A OD2 1 
ATOM   218  N N   . ARG A 1 38  ? 0.874   6.441   20.737  0.88 35.98 ? 30  ARG A N   1 
ATOM   219  C CA  . ARG A 1 38  ? 2.244   6.942   20.839  1.00 35.01 ? 30  ARG A CA  1 
ATOM   220  C C   . ARG A 1 38  ? 2.402   8.394   20.418  1.00 34.89 ? 30  ARG A C   1 
ATOM   221  O O   . ARG A 1 38  ? 3.296   9.087   20.889  1.00 37.70 ? 30  ARG A O   1 
ATOM   222  C CB  . ARG A 1 38  ? 3.180   6.081   20.007  1.00 40.99 ? 30  ARG A CB  1 
ATOM   223  C CG  . ARG A 1 38  ? 3.487   4.720   20.616  1.00 50.70 ? 30  ARG A CG  1 
ATOM   224  C CD  . ARG A 1 38  ? 4.661   4.071   19.885  1.00 57.31 ? 30  ARG A CD  1 
ATOM   225  N NE  . ARG A 1 38  ? 4.376   3.936   18.457  1.00 52.88 ? 30  ARG A NE  1 
ATOM   226  C CZ  . ARG A 1 38  ? 3.746   2.894   17.927  1.00 53.90 ? 30  ARG A CZ  1 
ATOM   227  N NH1 . ARG A 1 38  ? 3.353   1.900   18.714  1.00 56.42 ? 30  ARG A NH1 1 
ATOM   228  N NH2 . ARG A 1 38  ? 3.515   2.841   16.619  1.00 55.46 ? 30  ARG A NH2 1 
ATOM   229  N N   . ALA A 1 39  ? 1.537   8.855   19.529  1.00 34.96 ? 31  ALA A N   1 
ATOM   230  C CA  . ALA A 1 39  ? 1.589   10.235  19.071  1.00 32.48 ? 31  ALA A CA  1 
ATOM   231  C C   . ALA A 1 39  ? 0.830   11.167  20.012  1.00 32.79 ? 31  ALA A C   1 
ATOM   232  O O   . ALA A 1 39  ? 0.937   12.389  19.915  1.00 31.39 ? 31  ALA A O   1 
ATOM   233  C CB  . ALA A 1 39  ? 1.041   10.338  17.660  1.00 35.34 ? 31  ALA A CB  1 
ATOM   234  N N   . GLY A 1 40  ? 0.064   10.595  20.934  1.00 33.94 ? 32  GLY A N   1 
ATOM   235  C CA  . GLY A 1 40  ? -0.593  11.410  21.938  1.00 29.57 ? 32  GLY A CA  1 
ATOM   236  C C   . GLY A 1 40  ? -2.021  11.764  21.589  1.00 30.53 ? 32  GLY A C   1 
ATOM   237  O O   . GLY A 1 40  ? -2.586  12.697  22.158  1.00 32.43 ? 32  GLY A O   1 
ATOM   238  N N   . VAL A 1 41  ? -2.611  11.020  20.657  1.00 30.22 ? 33  VAL A N   1 
ATOM   239  C CA  . VAL A 1 41  ? -4.047  11.160  20.380  1.00 32.34 ? 33  VAL A CA  1 
ATOM   240  C C   . VAL A 1 41  ? -4.871  10.678  21.584  1.00 28.74 ? 33  VAL A C   1 
ATOM   241  O O   . VAL A 1 41  ? -4.634  9.599   22.119  1.00 30.09 ? 33  VAL A O   1 
ATOM   242  C CB  . VAL A 1 41  ? -4.450  10.386  19.119  1.00 25.06 ? 33  VAL A CB  1 
ATOM   243  C CG1 . VAL A 1 41  ? -5.940  10.496  18.882  1.00 27.57 ? 33  VAL A CG1 1 
ATOM   244  C CG2 . VAL A 1 41  ? -3.685  10.918  17.926  1.00 27.37 ? 33  VAL A CG2 1 
ATOM   245  N N   . LYS A 1 42  ? -5.846  11.477  21.990  1.00 29.63 ? 34  LYS A N   1 
ATOM   246  C CA  . LYS A 1 42  ? -6.530  11.284  23.271  1.00 36.55 ? 34  LYS A CA  1 
ATOM   247  C C   . LYS A 1 42  ? -7.662  10.257  23.231  1.00 37.34 ? 34  LYS A C   1 
ATOM   248  O O   . LYS A 1 42  ? -8.226  9.901   24.265  1.00 36.99 ? 34  LYS A O   1 
ATOM   249  C CB  . LYS A 1 42  ? -7.077  12.625  23.769  1.00 36.16 ? 34  LYS A CB  1 
ATOM   250  C CG  . LYS A 1 42  ? -6.016  13.700  23.895  1.00 42.49 ? 34  LYS A CG  1 
ATOM   251  C CD  . LYS A 1 42  ? -6.619  15.032  24.320  1.00 53.37 ? 34  LYS A CD  1 
ATOM   252  C CE  . LYS A 1 42  ? -6.084  15.449  25.684  1.00 65.26 ? 34  LYS A CE  1 
ATOM   253  N NZ  . LYS A 1 42  ? -4.624  15.128  25.817  1.00 56.54 ? 34  LYS A NZ  1 
ATOM   254  N N   . GLY A 1 43  ? -8.005  9.806   22.032  1.00 32.02 ? 35  GLY A N   1 
ATOM   255  C CA  . GLY A 1 43  ? -8.993  8.762   21.863  1.00 31.48 ? 35  GLY A CA  1 
ATOM   256  C C   . GLY A 1 43  ? -9.359  8.576   20.401  1.00 24.96 ? 35  GLY A C   1 
ATOM   257  O O   . GLY A 1 43  ? -8.950  9.346   19.552  1.00 24.46 ? 35  GLY A O   1 
ATOM   258  N N   . TYR A 1 44  ? -10.142 7.550   20.118  1.00 21.38 ? 36  TYR A N   1 
ATOM   259  C CA  . TYR A 1 44  ? -10.597 7.283   18.761  1.00 21.64 ? 36  TYR A CA  1 
ATOM   260  C C   . TYR A 1 44  ? -11.880 6.473   18.821  1.00 21.52 ? 36  TYR A C   1 
ATOM   261  O O   . TYR A 1 44  ? -12.215 5.923   19.870  1.00 21.86 ? 36  TYR A O   1 
ATOM   262  C CB  . TYR A 1 44  ? -9.523  6.527   17.980  1.00 18.46 ? 36  TYR A CB  1 
ATOM   263  C CG  . TYR A 1 44  ? -9.011  5.327   18.749  1.00 23.71 ? 36  TYR A CG  1 
ATOM   264  C CD1 . TYR A 1 44  ? -9.728  4.133   18.774  1.00 22.80 ? 36  TYR A CD1 1 
ATOM   265  C CD2 . TYR A 1 44  ? -7.827  5.395   19.478  1.00 24.74 ? 36  TYR A CD2 1 
ATOM   266  C CE1 . TYR A 1 44  ? -9.287  3.045   19.500  1.00 24.55 ? 36  TYR A CE1 1 
ATOM   267  C CE2 . TYR A 1 44  ? -7.368  4.301   20.198  1.00 25.72 ? 36  TYR A CE2 1 
ATOM   268  C CZ  . TYR A 1 44  ? -8.111  3.138   20.212  1.00 28.50 ? 36  TYR A CZ  1 
ATOM   269  O OH  . TYR A 1 44  ? -7.664  2.045   20.913  1.00 37.55 ? 36  TYR A OH  1 
ATOM   270  N N   . THR A 1 45  ? -12.597 6.378   17.704  1.00 23.04 ? 37  THR A N   1 
ATOM   271  C CA  . THR A 1 45  ? -13.661 5.390   17.601  1.00 19.02 ? 37  THR A CA  1 
ATOM   272  C C   . THR A 1 45  ? -13.451 4.581   16.337  1.00 22.58 ? 37  THR A C   1 
ATOM   273  O O   . THR A 1 45  ? -12.703 4.979   15.434  1.00 23.12 ? 37  THR A O   1 
ATOM   274  C CB  . THR A 1 45  ? -15.074 6.021   17.601  1.00 22.45 ? 37  THR A CB  1 
ATOM   275  O OG1 . THR A 1 45  ? -15.136 7.014   16.587  1.00 23.53 ? 37  THR A OG1 1 
ATOM   276  C CG2 . THR A 1 45  ? -15.388 6.675   18.941  1.00 22.06 ? 37  THR A CG2 1 
ATOM   277  N N   . ILE A 1 46  ? -14.083 3.417   16.287  1.00 21.94 ? 38  ILE A N   1 
ATOM   278  C CA  . ILE A 1 46  ? -13.861 2.506   15.186  1.00 21.83 ? 38  ILE A CA  1 
ATOM   279  C C   . ILE A 1 46  ? -15.167 2.009   14.611  1.00 25.31 ? 38  ILE A C   1 
ATOM   280  O O   . ILE A 1 46  ? -16.010 1.501   15.347  1.00 24.49 ? 38  ILE A O   1 
ATOM   281  C CB  . ILE A 1 46  ? -13.018 1.319   15.614  1.00 25.13 ? 38  ILE A CB  1 
ATOM   282  C CG1 . ILE A 1 46  ? -11.669 1.829   16.153  1.00 21.79 ? 38  ILE A CG1 1 
ATOM   283  C CG2 . ILE A 1 46  ? -12.850 0.336   14.427  1.00 21.14 ? 38  ILE A CG2 1 
ATOM   284  C CD1 . ILE A 1 46  ? -10.664 0.756   16.419  1.00 24.62 ? 38  ILE A CD1 1 
ATOM   285  N N   . VAL A 1 47  ? -15.326 2.195   13.300  1.00 21.33 ? 39  VAL A N   1 
ATOM   286  C CA  . VAL A 1 47  ? -16.455 1.646   12.568  1.00 24.87 ? 39  VAL A CA  1 
ATOM   287  C C   . VAL A 1 47  ? -16.000 0.350   11.917  1.00 25.48 ? 39  VAL A C   1 
ATOM   288  O O   . VAL A 1 47  ? -15.014 0.344   11.172  1.00 25.03 ? 39  VAL A O   1 
ATOM   289  C CB  . VAL A 1 47  ? -17.000 2.620   11.470  1.00 24.06 ? 39  VAL A CB  1 
ATOM   290  C CG1 . VAL A 1 47  ? -18.289 2.070   10.871  1.00 23.10 ? 39  VAL A CG1 1 
ATOM   291  C CG2 . VAL A 1 47  ? -17.246 4.024   12.028  1.00 17.06 ? 39  VAL A CG2 1 
ATOM   292  N N   . GLY A 1 48  ? -16.705 -0.744  12.196  1.00 20.45 ? 40  GLY A N   1 
ATOM   293  C CA  . GLY A 1 48  ? -16.367 -2.026  11.609  1.00 23.44 ? 40  GLY A CA  1 
ATOM   294  C C   . GLY A 1 48  ? -17.178 -2.359  10.359  1.00 29.81 ? 40  GLY A C   1 
ATOM   295  O O   . GLY A 1 48  ? -18.049 -1.597  9.948   1.00 29.52 ? 40  GLY A O   1 
ATOM   296  N N   . ASN A 1 49  ? -16.881 -3.503  9.752   1.00 28.24 ? 41  ASN A N   1 
ATOM   297  C CA  . ASN A 1 49  ? -17.613 -3.992  8.577   1.00 33.29 ? 41  ASN A CA  1 
ATOM   298  C C   . ASN A 1 49  ? -17.690 -3.035  7.393   1.00 28.53 ? 41  ASN A C   1 
ATOM   299  O O   . ASN A 1 49  ? -18.752 -2.835  6.815   1.00 33.06 ? 41  ASN A O   1 
ATOM   300  C CB  . ASN A 1 49  ? -19.036 -4.406  8.968   1.00 39.13 ? 41  ASN A CB  1 
ATOM   301  C CG  . ASN A 1 49  ? -19.192 -5.924  9.060   1.00 45.83 ? 41  ASN A CG  1 
ATOM   302  O OD1 . ASN A 1 49  ? -19.028 -6.645  8.064   1.00 46.50 ? 41  ASN A OD1 1 
ATOM   303  N ND2 . ASN A 1 49  ? -19.504 -6.417  10.257  1.00 44.94 ? 41  ASN A ND2 1 
ATOM   304  N N   . LEU A 1 50  ? -16.561 -2.435  7.053   1.00 27.28 ? 42  LEU A N   1 
ATOM   305  C CA  . LEU A 1 50  ? -16.415 -1.769  5.778   1.00 26.30 ? 42  LEU A CA  1 
ATOM   306  C C   . LEU A 1 50  ? -15.865 -2.765  4.767   1.00 26.04 ? 42  LEU A C   1 
ATOM   307  O O   . LEU A 1 50  ? -15.185 -3.726  5.127   1.00 25.09 ? 42  LEU A O   1 
ATOM   308  C CB  . LEU A 1 50  ? -15.484 -0.560  5.868   1.00 20.96 ? 42  LEU A CB  1 
ATOM   309  C CG  . LEU A 1 50  ? -16.065 0.785   6.306   1.00 26.72 ? 42  LEU A CG  1 
ATOM   310  C CD1 . LEU A 1 50  ? -16.405 0.819   7.812   1.00 24.40 ? 42  LEU A CD1 1 
ATOM   311  C CD2 . LEU A 1 50  ? -15.101 1.899   5.929   1.00 22.34 ? 42  LEU A CD2 1 
ATOM   312  N N   . SER A 1 51  ? -16.182 -2.526  3.504   1.00 24.54 ? 43  SER A N   1 
ATOM   313  C CA  . SER A 1 51  ? -15.563 -3.220  2.397   1.00 24.91 ? 43  SER A CA  1 
ATOM   314  C C   . SER A 1 51  ? -15.209 -2.155  1.384   1.00 23.86 ? 43  SER A C   1 
ATOM   315  O O   . SER A 1 51  ? -15.529 -0.982  1.575   1.00 24.54 ? 43  SER A O   1 
ATOM   316  C CB  . SER A 1 51  ? -16.488 -4.261  1.791   1.00 27.50 ? 43  SER A CB  1 
ATOM   317  O OG  . SER A 1 51  ? -17.698 -3.653  1.386   1.00 27.13 ? 43  SER A OG  1 
ATOM   318  N N   . GLY A 1 52  ? -14.547 -2.536  0.307   1.00 24.27 ? 44  GLY A N   1 
ATOM   319  C CA  . GLY A 1 52  ? -14.067 -1.516  -0.594  1.00 23.26 ? 44  GLY A CA  1 
ATOM   320  C C   . GLY A 1 52  ? -13.554 -2.073  -1.878  1.00 24.03 ? 44  GLY A C   1 
ATOM   321  O O   . GLY A 1 52  ? -13.521 -3.281  -2.078  1.00 26.60 ? 44  GLY A O   1 
ATOM   322  N N   . LYS A 1 53  ? -13.127 -1.169  -2.741  1.00 23.02 ? 45  LYS A N   1 
ATOM   323  C CA  . LYS A 1 53  ? -12.613 -1.546  -4.029  1.00 22.48 ? 45  LYS A CA  1 
ATOM   324  C C   . LYS A 1 53  ? -11.806 -0.406  -4.602  1.00 25.81 ? 45  LYS A C   1 
ATOM   325  O O   . LYS A 1 53  ? -12.257 0.729   -4.587  1.00 28.83 ? 45  LYS A O   1 
ATOM   326  C CB  . LYS A 1 53  ? -13.760 -1.906  -4.968  1.00 28.98 ? 45  LYS A CB  1 
ATOM   327  C CG  . LYS A 1 53  ? -13.350 -2.766  -6.157  1.00 34.33 ? 45  LYS A CG  1 
ATOM   328  C CD  . LYS A 1 53  ? -14.327 -2.617  -7.306  1.00 36.96 ? 45  LYS A CD  1 
ATOM   329  C CE  . LYS A 1 53  ? -14.061 -3.664  -8.372  1.00 46.13 ? 45  LYS A CE  1 
ATOM   330  N NZ  . LYS A 1 53  ? -14.438 -5.012  -7.845  1.00 60.98 ? 45  LYS A NZ  1 
ATOM   331  N N   . GLY A 1 54  ? -10.611 -0.705  -5.103  1.00 25.75 ? 46  GLY A N   1 
ATOM   332  C CA  . GLY A 1 54  ? -9.858  0.243   -5.906  1.00 27.61 ? 46  GLY A CA  1 
ATOM   333  C C   . GLY A 1 54  ? -9.126  1.326   -5.135  1.00 32.30 ? 46  GLY A C   1 
ATOM   334  O O   . GLY A 1 54  ? -8.877  1.205   -3.935  1.00 28.27 ? 46  GLY A O   1 
ATOM   335  N N   . SER A 1 55  ? -8.768  2.393   -5.842  1.00 36.27 ? 47  SER A N   1 
ATOM   336  C CA  . SER A 1 55  ? -8.000  3.485   -5.246  1.00 37.40 ? 47  SER A CA  1 
ATOM   337  C C   . SER A 1 55  ? -8.928  4.513   -4.628  1.00 40.79 ? 47  SER A C   1 
ATOM   338  O O   . SER A 1 55  ? -9.934  4.912   -5.229  1.00 42.01 ? 47  SER A O   1 
ATOM   339  C CB  . SER A 1 55  ? -7.103  4.160   -6.286  1.00 37.24 ? 47  SER A CB  1 
ATOM   340  O OG  . SER A 1 55  ? -6.321  5.179   -5.687  1.00 49.49 ? 47  SER A OG  1 
ATOM   341  N N   . HIS A 1 56  ? -8.579  4.965   -3.434  1.00 36.01 ? 48  HIS A N   1 
ATOM   342  C CA  . HIS A 1 56  ? -9.490  5.806   -2.690  1.00 39.69 ? 48  HIS A CA  1 
ATOM   343  C C   . HIS A 1 56  ? -8.916  7.198   -2.486  1.00 41.29 ? 48  HIS A C   1 
ATOM   344  O O   . HIS A 1 56  ? -9.040  7.767   -1.408  1.00 46.06 ? 48  HIS A O   1 
ATOM   345  C CB  . HIS A 1 56  ? -9.826  5.153   -1.347  1.00 36.51 ? 48  HIS A CB  1 
ATOM   346  C CG  . HIS A 1 56  ? -11.235 5.391   -0.897  1.00 35.11 ? 48  HIS A CG  1 
ATOM   347  N ND1 . HIS A 1 56  ? -11.695 5.018   0.350   1.00 33.16 ? 48  HIS A ND1 1 
ATOM   348  C CD2 . HIS A 1 56  ? -12.286 5.962   -1.530  1.00 32.07 ? 48  HIS A CD2 1 
ATOM   349  C CE1 . HIS A 1 56  ? -12.969 5.355   0.466   1.00 29.11 ? 48  HIS A CE1 1 
ATOM   350  N NE2 . HIS A 1 56  ? -13.353 5.927   -0.661  1.00 32.85 ? 48  HIS A NE2 1 
ATOM   351  N N   . GLY A 1 57  ? -8.272  7.735   -3.521  1.00 45.75 ? 49  GLY A N   1 
ATOM   352  C CA  . GLY A 1 57  ? -7.780  9.102   -3.495  1.00 46.62 ? 49  GLY A CA  1 
ATOM   353  C C   . GLY A 1 57  ? -6.275  9.282   -3.397  1.00 50.03 ? 49  GLY A C   1 
ATOM   354  O O   . GLY A 1 57  ? -5.777  10.412  -3.364  1.00 51.68 ? 49  GLY A O   1 
ATOM   355  N N   . MET A 1 58  ? -5.542  8.178   -3.358  1.00 47.80 ? 50  MET A N   1 
ATOM   356  C CA  . MET A 1 58  ? -4.093  8.234   -3.162  1.00 51.06 ? 50  MET A CA  1 
ATOM   357  C C   . MET A 1 58  ? -3.321  8.382   -4.474  1.00 50.76 ? 50  MET A C   1 
ATOM   358  O O   . MET A 1 58  ? -3.910  8.400   -5.554  1.00 54.42 ? 50  MET A O   1 
ATOM   359  C CB  . MET A 1 58  ? -3.622  6.985   -2.414  1.00 49.95 ? 50  MET A CB  1 
ATOM   360  C CG  . MET A 1 58  ? -4.065  6.947   -0.950  1.00 48.65 ? 50  MET A CG  1 
ATOM   361  S SD  . MET A 1 58  ? -2.965  7.857   0.164   1.00 48.43 ? 50  MET A SD  1 
ATOM   362  C CE  . MET A 1 58  ? -2.163  6.483   1.011   1.00 38.68 ? 50  MET A CE  1 
ATOM   363  N N   . TYR A 1 59  ? -2.002  8.503   -4.365  1.00 48.62 ? 51  TYR A N   1 
ATOM   364  C CA  . TYR A 1 59  ? -1.115  8.555   -5.527  1.00 46.80 ? 51  TYR A CA  1 
ATOM   365  C C   . TYR A 1 59  ? -1.214  7.296   -6.397  1.00 47.87 ? 51  TYR A C   1 
ATOM   366  O O   . TYR A 1 59  ? -1.464  6.207   -5.875  1.00 45.11 ? 51  TYR A O   1 
ATOM   367  C CB  . TYR A 1 59  ? 0.325   8.758   -5.064  1.00 43.86 ? 51  TYR A CB  1 
ATOM   368  C CG  . TYR A 1 59  ? 0.776   7.787   -3.994  1.00 46.34 ? 51  TYR A CG  1 
ATOM   369  C CD1 . TYR A 1 59  ? 1.385   6.580   -4.332  1.00 47.23 ? 51  TYR A CD1 1 
ATOM   370  C CD2 . TYR A 1 59  ? 0.610   8.084   -2.641  1.00 43.51 ? 51  TYR A CD2 1 
ATOM   371  C CE1 . TYR A 1 59  ? 1.810   5.693   -3.347  1.00 44.01 ? 51  TYR A CE1 1 
ATOM   372  C CE2 . TYR A 1 59  ? 1.021   7.207   -1.652  1.00 39.46 ? 51  TYR A CE2 1 
ATOM   373  C CZ  . TYR A 1 59  ? 1.621   6.014   -2.008  1.00 45.55 ? 51  TYR A CZ  1 
ATOM   374  O OH  . TYR A 1 59  ? 2.040   5.147   -1.026  1.00 37.46 ? 51  TYR A OH  1 
ATOM   375  N N   . GLU A 1 60  ? -1.013  7.437   -7.712  1.00 48.87 ? 52  GLU A N   1 
ATOM   376  C CA  . GLU A 1 60  ? -1.099  6.282   -8.614  1.00 45.64 ? 52  GLU A CA  1 
ATOM   377  C C   . GLU A 1 60  ? -0.092  5.228   -8.199  1.00 42.18 ? 52  GLU A C   1 
ATOM   378  O O   . GLU A 1 60  ? 1.055   5.544   -7.904  1.00 41.40 ? 52  GLU A O   1 
ATOM   379  C CB  . GLU A 1 60  ? -0.860  6.656   -10.077 1.00 41.58 ? 52  GLU A CB  1 
ATOM   380  C CG  . GLU A 1 60  ? -1.222  5.498   -11.006 1.00 46.82 ? 52  GLU A CG  1 
ATOM   381  C CD  . GLU A 1 60  ? -0.732  5.642   -12.446 1.00 50.77 ? 52  GLU A CD  1 
ATOM   382  O OE1 . GLU A 1 60  ? -0.153  6.686   -12.810 1.00 53.58 ? 52  GLU A OE1 1 
ATOM   383  O OE2 . GLU A 1 60  ? -0.932  4.691   -13.226 1.00 54.14 ? 52  GLU A OE2 1 
ATOM   384  N N   . GLY A 1 61  ? -0.533  3.977   -8.156  1.00 38.07 ? 53  GLY A N   1 
ATOM   385  C CA  . GLY A 1 61  ? 0.314   2.901   -7.690  1.00 34.44 ? 53  GLY A CA  1 
ATOM   386  C C   . GLY A 1 61  ? 0.119   2.529   -6.230  1.00 39.31 ? 53  GLY A C   1 
ATOM   387  O O   . GLY A 1 61  ? 0.624   1.493   -5.799  1.00 34.60 ? 53  GLY A O   1 
ATOM   388  N N   . HIS A 1 62  ? -0.592  3.357   -5.461  1.00 36.35 ? 54  HIS A N   1 
ATOM   389  C CA  . HIS A 1 62  ? -0.877  2.990   -4.077  1.00 39.71 ? 54  HIS A CA  1 
ATOM   390  C C   . HIS A 1 62  ? -1.771  1.765   -4.061  1.00 37.10 ? 54  HIS A C   1 
ATOM   391  O O   . HIS A 1 62  ? -2.689  1.659   -4.870  1.00 37.28 ? 54  HIS A O   1 
ATOM   392  C CB  . HIS A 1 62  ? -1.544  4.117   -3.291  1.00 42.26 ? 54  HIS A CB  1 
ATOM   393  C CG  . HIS A 1 62  ? -1.889  3.722   -1.887  1.00 41.16 ? 54  HIS A CG  1 
ATOM   394  N ND1 . HIS A 1 62  ? -0.941  3.266   -0.991  1.00 36.21 ? 54  HIS A ND1 1 
ATOM   395  C CD2 . HIS A 1 62  ? -3.077  3.676   -1.236  1.00 37.19 ? 54  HIS A CD2 1 
ATOM   396  C CE1 . HIS A 1 62  ? -1.532  2.963   0.154   1.00 33.31 ? 54  HIS A CE1 1 
ATOM   397  N NE2 . HIS A 1 62  ? -2.826  3.203   0.032   1.00 38.83 ? 54  HIS A NE2 1 
ATOM   398  N N   . LEU A 1 63  ? -1.495  0.838   -3.146  1.00 38.06 ? 55  LEU A N   1 
ATOM   399  C CA  . LEU A 1 63  ? -2.193  -0.443  -3.138  1.00 34.02 ? 55  LEU A CA  1 
ATOM   400  C C   . LEU A 1 63  ? -3.691  -0.239  -2.987  1.00 34.09 ? 55  LEU A C   1 
ATOM   401  O O   . LEU A 1 63  ? -4.139  0.485   -2.100  1.00 35.65 ? 55  LEU A O   1 
ATOM   402  C CB  . LEU A 1 63  ? -1.653  -1.334  -2.023  1.00 32.59 ? 55  LEU A CB  1 
ATOM   403  C CG  . LEU A 1 63  ? -0.141  -1.537  -2.134  1.00 34.23 ? 55  LEU A CG  1 
ATOM   404  C CD1 . LEU A 1 63  ? 0.399   -2.453  -1.034  1.00 27.41 ? 55  LEU A CD1 1 
ATOM   405  C CD2 . LEU A 1 63  ? 0.209   -2.073  -3.519  1.00 30.28 ? 55  LEU A CD2 1 
ATOM   406  N N   . MET A 1 64  ? -4.454  -0.852  -3.887  1.00 30.19 ? 56  MET A N   1 
ATOM   407  C CA  . MET A 1 64  ? -5.900  -0.759  -3.855  1.00 27.77 ? 56  MET A CA  1 
ATOM   408  C C   . MET A 1 64  ? -6.502  -1.738  -2.870  1.00 28.55 ? 56  MET A C   1 
ATOM   409  O O   . MET A 1 64  ? -5.877  -2.718  -2.511  1.00 28.88 ? 56  MET A O   1 
ATOM   410  C CB  . MET A 1 64  ? -6.488  -1.017  -5.244  1.00 24.18 ? 56  MET A CB  1 
ATOM   411  C CG  . MET A 1 64  ? -6.150  0.083   -6.264  1.00 32.84 ? 56  MET A CG  1 
ATOM   412  S SD  . MET A 1 64  ? -6.826  -0.182  -7.919  1.00 35.22 ? 56  MET A SD  1 
ATOM   413  C CE  . MET A 1 64  ? -5.944  -1.644  -8.440  1.00 21.35 ? 56  MET A CE  1 
ATOM   414  N N   . PHE A 1 65  ? -7.727  -1.447  -2.453  1.00 27.87 ? 57  PHE A N   1 
ATOM   415  C CA  . PHE A 1 65  ? -8.587  -2.385  -1.756  1.00 29.23 ? 57  PHE A CA  1 
ATOM   416  C C   . PHE A 1 65  ? -9.124  -3.405  -2.751  1.00 30.72 ? 57  PHE A C   1 
ATOM   417  O O   . PHE A 1 65  ? -9.324  -3.092  -3.930  1.00 24.52 ? 57  PHE A O   1 
ATOM   418  C CB  . PHE A 1 65  ? -9.791  -1.670  -1.110  1.00 24.97 ? 57  PHE A CB  1 
ATOM   419  C CG  . PHE A 1 65  ? -9.441  -0.669  -0.045  1.00 24.23 ? 57  PHE A CG  1 
ATOM   420  C CD1 . PHE A 1 65  ? -8.539  -0.975  0.959   1.00 27.29 ? 57  PHE A CD1 1 
ATOM   421  C CD2 . PHE A 1 65  ? -10.056 0.577   -0.033  1.00 23.06 ? 57  PHE A CD2 1 
ATOM   422  C CE1 . PHE A 1 65  ? -8.238  -0.037  1.969   1.00 25.97 ? 57  PHE A CE1 1 
ATOM   423  C CE2 . PHE A 1 65  ? -9.770  1.519   0.970   1.00 24.32 ? 57  PHE A CE2 1 
ATOM   424  C CZ  . PHE A 1 65  ? -8.861  1.211   1.973   1.00 23.07 ? 57  PHE A CZ  1 
ATOM   425  N N   . ASN A 1 66  ? -9.423  -4.612  -2.290  1.00 27.96 ? 58  ASN A N   1 
ATOM   426  C CA  . ASN A 1 66  ? -10.276 -5.433  -3.122  1.00 29.44 ? 58  ASN A CA  1 
ATOM   427  C C   . ASN A 1 66  ? -11.377 -6.094  -2.326  1.00 30.12 ? 58  ASN A C   1 
ATOM   428  O O   . ASN A 1 66  ? -11.496 -5.898  -1.114  1.00 30.60 ? 58  ASN A O   1 
ATOM   429  C CB  . ASN A 1 66  ? -9.467  -6.472  -3.901  1.00 33.05 ? 58  ASN A CB  1 
ATOM   430  C CG  . ASN A 1 66  ? -8.666  -7.374  -3.013  1.00 36.41 ? 58  ASN A CG  1 
ATOM   431  O OD1 . ASN A 1 66  ? -9.149  -7.856  -1.990  1.00 37.65 ? 58  ASN A OD1 1 
ATOM   432  N ND2 . ASN A 1 66  ? -7.426  -7.627  -3.410  1.00 36.70 ? 58  ASN A ND2 1 
ATOM   433  N N   . GLU A 1 67  ? -12.168 -6.888  -3.035  1.00 31.46 ? 59  GLU A N   1 
ATOM   434  C CA  . GLU A 1 67  ? -13.443 -7.370  -2.552  1.00 34.25 ? 59  GLU A CA  1 
ATOM   435  C C   . GLU A 1 67  ? -13.366 -8.346  -1.395  1.00 33.02 ? 59  GLU A C   1 
ATOM   436  O O   . GLU A 1 67  ? -14.388 -8.648  -0.789  1.00 50.59 ? 59  GLU A O   1 
ATOM   437  C CB  . GLU A 1 67  ? -14.218 -8.004  -3.711  1.00 46.27 ? 59  GLU A CB  1 
ATOM   438  C CG  . GLU A 1 67  ? -14.518 -7.009  -4.837  1.00 54.07 ? 59  GLU A CG  1 
ATOM   439  C CD  . GLU A 1 67  ? -15.586 -7.493  -5.797  1.00 67.87 ? 59  GLU A CD  1 
ATOM   440  O OE1 . GLU A 1 67  ? -16.734 -6.997  -5.712  1.00 68.30 ? 59  GLU A OE1 1 
ATOM   441  O OE2 . GLU A 1 67  ? -15.276 -8.362  -6.642  1.00 76.54 ? 59  GLU A OE2 1 
ATOM   442  N N   . ASP A 1 68  ? -12.193 -8.841  -1.046  1.00 27.60 ? 60  ASP A N   1 
ATOM   443  C CA  . ASP A 1 68  ? -12.169 -9.674  0.140   1.00 35.13 ? 60  ASP A CA  1 
ATOM   444  C C   . ASP A 1 68  ? -11.379 -9.034  1.279   1.00 32.20 ? 60  ASP A C   1 
ATOM   445  O O   . ASP A 1 68  ? -10.875 -9.714  2.168   1.00 39.14 ? 60  ASP A O   1 
ATOM   446  C CB  . ASP A 1 68  ? -11.644 -11.083 -0.193  1.00 46.99 ? 60  ASP A CB  1 
ATOM   447  C CG  . ASP A 1 68  ? -10.279 -11.080 -0.829  1.00 45.01 ? 60  ASP A CG  1 
ATOM   448  O OD1 . ASP A 1 68  ? -9.478  -10.172 -0.528  1.00 44.15 ? 60  ASP A OD1 1 
ATOM   449  O OD2 . ASP A 1 68  ? -10.009 -12.007 -1.625  1.00 44.89 ? 60  ASP A OD2 1 
ATOM   450  N N   . ASP A 1 69  ? -11.289 -7.714  1.257   1.00 28.91 ? 61  ASP A N   1 
ATOM   451  C CA  . ASP A 1 69  ? -10.751 -6.981  2.389   1.00 25.93 ? 61  ASP A CA  1 
ATOM   452  C C   . ASP A 1 69  ? -11.849 -6.688  3.410   1.00 26.02 ? 61  ASP A C   1 
ATOM   453  O O   . ASP A 1 69  ? -12.903 -6.134  3.064   1.00 22.83 ? 61  ASP A O   1 
ATOM   454  C CB  . ASP A 1 69  ? -10.120 -5.673  1.938   1.00 28.75 ? 61  ASP A CB  1 
ATOM   455  C CG  . ASP A 1 69  ? -8.805  -5.869  1.221   1.00 32.08 ? 61  ASP A CG  1 
ATOM   456  O OD1 . ASP A 1 69  ? -8.066  -6.836  1.541   1.00 33.89 ? 61  ASP A OD1 1 
ATOM   457  O OD2 . ASP A 1 69  ? -8.508  -5.024  0.352   1.00 29.84 ? 61  ASP A OD2 1 
ATOM   458  N N   . ALA A 1 70  ? -11.609 -7.074  4.658   1.00 24.75 ? 62  ALA A N   1 
ATOM   459  C CA  . ALA A 1 70  ? -12.479 -6.675  5.761   1.00 24.80 ? 62  ALA A CA  1 
ATOM   460  C C   . ALA A 1 70  ? -11.923 -5.389  6.313   1.00 26.27 ? 62  ALA A C   1 
ATOM   461  O O   . ALA A 1 70  ? -10.916 -5.406  7.019   1.00 25.09 ? 62  ALA A O   1 
ATOM   462  C CB  . ALA A 1 70  ? -12.530 -7.745  6.834   1.00 20.22 ? 62  ALA A CB  1 
ATOM   463  N N   . LEU A 1 71  ? -12.551 -4.266  5.985   1.00 22.57 ? 63  LEU A N   1 
ATOM   464  C CA  . LEU A 1 71  ? -11.976 -2.989  6.378   1.00 21.61 ? 63  LEU A CA  1 
ATOM   465  C C   . LEU A 1 71  ? -12.640 -2.413  7.629   1.00 25.68 ? 63  LEU A C   1 
ATOM   466  O O   . LEU A 1 71  ? -13.778 -2.752  7.976   1.00 24.02 ? 63  LEU A O   1 
ATOM   467  C CB  . LEU A 1 71  ? -12.066 -2.000  5.223   1.00 21.95 ? 63  LEU A CB  1 
ATOM   468  C CG  . LEU A 1 71  ? -11.497 -2.462  3.870   1.00 23.18 ? 63  LEU A CG  1 
ATOM   469  C CD1 . LEU A 1 71  ? -11.972 -1.541  2.789   1.00 17.82 ? 63  LEU A CD1 1 
ATOM   470  C CD2 . LEU A 1 71  ? -9.952  -2.555  3.856   1.00 21.15 ? 63  LEU A CD2 1 
ATOM   471  N N   . ILE A 1 72  ? -11.898 -1.556  8.319   1.00 22.16 ? 64  ILE A N   1 
ATOM   472  C CA  . ILE A 1 72  ? -12.453 -0.736  9.381   1.00 22.17 ? 64  ILE A CA  1 
ATOM   473  C C   . ILE A 1 72  ? -12.162 0.725   9.083   1.00 23.70 ? 64  ILE A C   1 
ATOM   474  O O   . ILE A 1 72  ? -11.318 1.049   8.256   1.00 21.97 ? 64  ILE A O   1 
ATOM   475  C CB  . ILE A 1 72  ? -11.863 -1.076  10.760  1.00 22.35 ? 64  ILE A CB  1 
ATOM   476  C CG1 . ILE A 1 72  ? -10.346 -0.874  10.739  1.00 22.75 ? 64  ILE A CG1 1 
ATOM   477  C CG2 . ILE A 1 72  ? -12.248 -2.494  11.182  1.00 24.31 ? 64  ILE A CG2 1 
ATOM   478  C CD1 . ILE A 1 72  ? -9.682  -1.041  12.112  1.00 21.38 ? 64  ILE A CD1 1 
ATOM   479  N N   . MET A 1 73  ? -12.861 1.606   9.776   1.00 19.47 ? 65  MET A N   1 
ATOM   480  C CA  . MET A 1 73  ? -12.532 3.003   9.744   1.00 18.75 ? 65  MET A CA  1 
ATOM   481  C C   . MET A 1 73  ? -12.204 3.432   11.150  1.00 19.37 ? 65  MET A C   1 
ATOM   482  O O   . MET A 1 73  ? -13.020 3.273   12.056  1.00 20.93 ? 65  MET A O   1 
ATOM   483  C CB  . MET A 1 73  ? -13.689 3.841   9.183   1.00 23.83 ? 65  MET A CB  1 
ATOM   484  C CG  . MET A 1 73  ? -13.463 5.346   9.301   1.00 21.41 ? 65  MET A CG  1 
ATOM   485  S SD  . MET A 1 73  ? -14.844 6.311   8.658   1.00 32.15 ? 65  MET A SD  1 
ATOM   486  C CE  . MET A 1 73  ? -14.677 5.961   6.914   1.00 18.64 ? 65  MET A CE  1 
ATOM   487  N N   . ILE A 1 74  ? -11.005 3.967   11.335  1.00 19.05 ? 66  ILE A N   1 
ATOM   488  C CA  . ILE A 1 74  ? -10.641 4.562   12.606  1.00 17.82 ? 66  ILE A CA  1 
ATOM   489  C C   . ILE A 1 74  ? -10.850 6.079   12.522  1.00 21.04 ? 66  ILE A C   1 
ATOM   490  O O   . ILE A 1 74  ? -10.399 6.729   11.582  1.00 22.21 ? 66  ILE A O   1 
ATOM   491  C CB  . ILE A 1 74  ? -9.196  4.209   12.971  1.00 20.41 ? 66  ILE A CB  1 
ATOM   492  C CG1 . ILE A 1 74  ? -9.029  2.687   12.916  1.00 16.71 ? 66  ILE A CG1 1 
ATOM   493  C CG2 . ILE A 1 74  ? -8.819  4.783   14.331  1.00 19.56 ? 66  ILE A CG2 1 
ATOM   494  C CD1 . ILE A 1 74  ? -7.674  2.198   13.342  1.00 20.54 ? 66  ILE A CD1 1 
ATOM   495  N N   . ILE A 1 75  ? -11.587 6.629   13.477  1.00 21.45 ? 67  ILE A N   1 
ATOM   496  C CA  . ILE A 1 75  ? -11.847 8.062   13.516  1.00 22.56 ? 67  ILE A CA  1 
ATOM   497  C C   . ILE A 1 75  ? -11.123 8.715   14.715  1.00 22.23 ? 67  ILE A C   1 
ATOM   498  O O   . ILE A 1 75  ? -11.353 8.352   15.863  1.00 21.62 ? 67  ILE A O   1 
ATOM   499  C CB  . ILE A 1 75  ? -13.389 8.343   13.587  1.00 19.85 ? 67  ILE A CB  1 
ATOM   500  C CG1 . ILE A 1 75  ? -14.116 7.686   12.414  1.00 20.48 ? 67  ILE A CG1 1 
ATOM   501  C CG2 . ILE A 1 75  ? -13.685 9.827   13.602  1.00 22.27 ? 67  ILE A CG2 1 
ATOM   502  C CD1 . ILE A 1 75  ? -15.653 7.819   12.517  1.00 22.22 ? 67  ILE A CD1 1 
ATOM   503  N N   . ALA A 1 76  ? -10.244 9.670   14.440  1.00 20.53 ? 68  ALA A N   1 
ATOM   504  C CA  . ALA A 1 76  ? -9.617  10.454  15.491  1.00 22.22 ? 68  ALA A CA  1 
ATOM   505  C C   . ALA A 1 76  ? -9.808  11.948  15.254  1.00 24.45 ? 68  ALA A C   1 
ATOM   506  O O   . ALA A 1 76  ? -9.527  12.451  14.167  1.00 24.01 ? 68  ALA A O   1 
ATOM   507  C CB  . ALA A 1 76  ? -8.173  10.136  15.572  1.00 23.88 ? 68  ALA A CB  1 
ATOM   508  N N   . ALA A 1 77  ? -10.305 12.646  16.269  1.00 24.46 ? 69  ALA A N   1 
ATOM   509  C CA  . ALA A 1 77  ? -10.391 14.099  16.237  1.00 22.36 ? 69  ALA A CA  1 
ATOM   510  C C   . ALA A 1 77  ? -9.179  14.663  16.984  1.00 27.49 ? 69  ALA A C   1 
ATOM   511  O O   . ALA A 1 77  ? -8.946  14.346  18.146  1.00 31.19 ? 69  ALA A O   1 
ATOM   512  C CB  . ALA A 1 77  ? -11.666 14.576  16.848  1.00 26.75 ? 69  ALA A CB  1 
ATOM   513  N N   . VAL A 1 78  ? -8.450  15.535  16.310  1.00 22.52 ? 70  VAL A N   1 
ATOM   514  C CA  . VAL A 1 78  ? -7.054  15.783  16.594  1.00 22.93 ? 70  VAL A CA  1 
ATOM   515  C C   . VAL A 1 78  ? -6.732  17.265  16.352  1.00 26.41 ? 70  VAL A C   1 
ATOM   516  O O   . VAL A 1 78  ? -7.264  17.867  15.412  1.00 29.69 ? 70  VAL A O   1 
ATOM   517  C CB  . VAL A 1 78  ? -6.213  14.811  15.694  1.00 28.61 ? 70  VAL A CB  1 
ATOM   518  C CG1 . VAL A 1 78  ? -5.303  15.525  14.725  1.00 24.59 ? 70  VAL A CG1 1 
ATOM   519  C CG2 . VAL A 1 78  ? -5.512  13.771  16.522  1.00 29.04 ? 70  VAL A CG2 1 
ATOM   520  N N   . PRO A 1 79  ? -5.898  17.875  17.209  1.00 29.71 ? 71  PRO A N   1 
ATOM   521  C CA  . PRO A 1 79  ? -5.486  19.261  16.952  1.00 25.82 ? 71  PRO A CA  1 
ATOM   522  C C   . PRO A 1 79  ? -4.747  19.350  15.624  1.00 24.86 ? 71  PRO A C   1 
ATOM   523  O O   . PRO A 1 79  ? -4.161  18.367  15.227  1.00 25.95 ? 71  PRO A O   1 
ATOM   524  C CB  . PRO A 1 79  ? -4.549  19.583  18.124  1.00 28.16 ? 71  PRO A CB  1 
ATOM   525  C CG  . PRO A 1 79  ? -4.849  18.547  19.161  1.00 28.93 ? 71  PRO A CG  1 
ATOM   526  C CD  . PRO A 1 79  ? -5.248  17.322  18.411  1.00 30.09 ? 71  PRO A CD  1 
ATOM   527  N N   . GLU A 1 80  ? -4.771  20.496  14.963  1.00 28.45 ? 72  GLU A N   1 
ATOM   528  C CA  . GLU A 1 80  ? -4.193  20.624  13.630  1.00 30.21 ? 72  GLU A CA  1 
ATOM   529  C C   . GLU A 1 80  ? -2.725  20.200  13.601  1.00 33.93 ? 72  GLU A C   1 
ATOM   530  O O   . GLU A 1 80  ? -2.286  19.530  12.675  1.00 31.53 ? 72  GLU A O   1 
ATOM   531  C CB  . GLU A 1 80  ? -4.356  22.069  13.141  1.00 32.35 ? 72  GLU A CB  1 
ATOM   532  C CG  . GLU A 1 80  ? -3.566  22.441  11.885  1.00 42.69 ? 72  GLU A CG  1 
ATOM   533  C CD  . GLU A 1 80  ? -2.212  23.063  12.209  1.00 53.20 ? 72  GLU A CD  1 
ATOM   534  O OE1 . GLU A 1 80  ? -2.053  23.609  13.321  1.00 56.51 ? 72  GLU A OE1 1 
ATOM   535  O OE2 . GLU A 1 80  ? -1.312  23.028  11.342  1.00 60.25 ? 72  GLU A OE2 1 
ATOM   536  N N   . GLU A 1 81  ? -1.987  20.569  14.645  1.00 35.96 ? 73  GLU A N   1 
ATOM   537  C CA  . GLU A 1 81  ? -0.562  20.282  14.768  1.00 32.65 ? 73  GLU A CA  1 
ATOM   538  C C   . GLU A 1 81  ? -0.229  18.790  14.755  1.00 30.79 ? 73  GLU A C   1 
ATOM   539  O O   . GLU A 1 81  ? 0.889   18.403  14.435  1.00 29.99 ? 73  GLU A O   1 
ATOM   540  C CB  . GLU A 1 81  ? -0.037  20.913  16.060  1.00 37.79 ? 73  GLU A CB  1 
ATOM   541  C CG  . GLU A 1 81  ? -0.833  20.483  17.297  1.00 42.26 ? 73  GLU A CG  1 
ATOM   542  C CD  . GLU A 1 81  ? -1.035  21.598  18.315  1.00 53.92 ? 73  GLU A CD  1 
ATOM   543  O OE1 . GLU A 1 81  ? -0.943  22.782  17.925  1.00 65.71 ? 73  GLU A OE1 1 
ATOM   544  O OE2 . GLU A 1 81  ? -1.305  21.288  19.504  1.00 54.45 ? 73  GLU A OE2 1 
ATOM   545  N N   . LEU A 1 82  ? -1.180  17.938  15.116  1.00 27.80 ? 74  LEU A N   1 
ATOM   546  C CA  . LEU A 1 82  ? -0.879  16.511  15.159  1.00 27.48 ? 74  LEU A CA  1 
ATOM   547  C C   . LEU A 1 82  ? -0.974  15.838  13.790  1.00 27.36 ? 74  LEU A C   1 
ATOM   548  O O   . LEU A 1 82  ? -0.583  14.686  13.643  1.00 26.58 ? 74  LEU A O   1 
ATOM   549  C CB  . LEU A 1 82  ? -1.804  15.789  16.137  1.00 26.58 ? 74  LEU A CB  1 
ATOM   550  C CG  . LEU A 1 82  ? -1.306  15.686  17.574  1.00 32.93 ? 74  LEU A CG  1 
ATOM   551  C CD1 . LEU A 1 82  ? -2.197  14.756  18.388  1.00 32.95 ? 74  LEU A CD1 1 
ATOM   552  C CD2 . LEU A 1 82  ? 0.138   15.194  17.614  1.00 36.15 ? 74  LEU A CD2 1 
ATOM   553  N N   . VAL A 1 83  ? -1.487  16.549  12.790  1.00 27.84 ? 75  VAL A N   1 
ATOM   554  C CA  . VAL A 1 83  ? -1.836  15.900  11.524  1.00 28.33 ? 75  VAL A CA  1 
ATOM   555  C C   . VAL A 1 83  ? -0.611  15.508  10.714  1.00 27.38 ? 75  VAL A C   1 
ATOM   556  O O   . VAL A 1 83  ? -0.477  14.352  10.345  1.00 30.09 ? 75  VAL A O   1 
ATOM   557  C CB  . VAL A 1 83  ? -2.748  16.796  10.681  1.00 26.12 ? 75  VAL A CB  1 
ATOM   558  C CG1 . VAL A 1 83  ? -2.716  16.383  9.225   1.00 21.78 ? 75  VAL A CG1 1 
ATOM   559  C CG2 . VAL A 1 83  ? -4.171  16.762  11.253  1.00 23.41 ? 75  VAL A CG2 1 
ATOM   560  N N   . GLY A 1 84  ? 0.276   16.462  10.453  1.00 26.36 ? 76  GLY A N   1 
ATOM   561  C CA  . GLY A 1 84  ? 1.509   16.190  9.735   1.00 24.12 ? 76  GLY A CA  1 
ATOM   562  C C   . GLY A 1 84  ? 2.287   15.003  10.282  1.00 30.67 ? 76  GLY A C   1 
ATOM   563  O O   . GLY A 1 84  ? 2.559   14.066  9.542   1.00 34.10 ? 76  GLY A O   1 
ATOM   564  N N   . PRO A 1 85  ? 2.643   15.028  11.582  1.00 30.57 ? 77  PRO A N   1 
ATOM   565  C CA  . PRO A 1 85  ? 3.323   13.888  12.215  1.00 28.74 ? 77  PRO A CA  1 
ATOM   566  C C   . PRO A 1 85  ? 2.596   12.550  12.068  1.00 29.07 ? 77  PRO A C   1 
ATOM   567  O O   . PRO A 1 85  ? 3.265   11.519  11.952  1.00 30.55 ? 77  PRO A O   1 
ATOM   568  C CB  . PRO A 1 85  ? 3.381   14.297  13.700  1.00 29.21 ? 77  PRO A CB  1 
ATOM   569  C CG  . PRO A 1 85  ? 3.439   15.777  13.673  1.00 27.32 ? 77  PRO A CG  1 
ATOM   570  C CD  . PRO A 1 85  ? 2.614   16.209  12.468  1.00 31.57 ? 77  PRO A CD  1 
ATOM   571  N N   . LEU A 1 86  ? 1.263   12.555  12.093  1.00 27.00 ? 78  LEU A N   1 
ATOM   572  C CA  . LEU A 1 86  ? 0.494   11.303  11.982  1.00 28.03 ? 78  LEU A CA  1 
ATOM   573  C C   . LEU A 1 86  ? 0.521   10.733  10.558  1.00 26.80 ? 78  LEU A C   1 
ATOM   574  O O   . LEU A 1 86  ? 0.586   9.519   10.363  1.00 28.93 ? 78  LEU A O   1 
ATOM   575  C CB  . LEU A 1 86  ? -0.963  11.515  12.444  1.00 28.01 ? 78  LEU A CB  1 
ATOM   576  C CG  . LEU A 1 86  ? -1.265  11.465  13.955  1.00 23.35 ? 78  LEU A CG  1 
ATOM   577  C CD1 . LEU A 1 86  ? -2.720  11.815  14.258  1.00 21.85 ? 78  LEU A CD1 1 
ATOM   578  C CD2 . LEU A 1 86  ? -0.905  10.107  14.580  1.00 17.43 ? 78  LEU A CD2 1 
ATOM   579  N N   . LEU A 1 87  ? 0.478   11.607  9.558   1.00 24.26 ? 79  LEU A N   1 
ATOM   580  C CA  . LEU A 1 87  ? 0.537   11.147  8.182   1.00 26.51 ? 79  LEU A CA  1 
ATOM   581  C C   . LEU A 1 87  ? 1.946   10.600  7.875   1.00 30.72 ? 79  LEU A C   1 
ATOM   582  O O   . LEU A 1 87  ? 2.104   9.650   7.099   1.00 26.67 ? 79  LEU A O   1 
ATOM   583  C CB  . LEU A 1 87  ? 0.151   12.271  7.220   1.00 26.13 ? 79  LEU A CB  1 
ATOM   584  C CG  . LEU A 1 87  ? -1.275  12.832  7.370   1.00 28.12 ? 79  LEU A CG  1 
ATOM   585  C CD1 . LEU A 1 87  ? -1.555  13.903  6.327   1.00 29.41 ? 79  LEU A CD1 1 
ATOM   586  C CD2 . LEU A 1 87  ? -2.318  11.726  7.283   1.00 23.41 ? 79  LEU A CD2 1 
ATOM   587  N N   . GLU A 1 88  ? 2.961   11.196  8.497   1.00 31.24 ? 80  GLU A N   1 
ATOM   588  C CA  . GLU A 1 88  ? 4.334   10.725  8.349   1.00 31.19 ? 80  GLU A CA  1 
ATOM   589  C C   . GLU A 1 88  ? 4.519   9.382   9.037   1.00 29.38 ? 80  GLU A C   1 
ATOM   590  O O   . GLU A 1 88  ? 5.240   8.515   8.544   1.00 31.73 ? 80  GLU A O   1 
ATOM   591  C CB  . GLU A 1 88  ? 5.317   11.749  8.905   1.00 33.98 ? 80  GLU A CB  1 
ATOM   592  C CG  . GLU A 1 88  ? 5.439   12.983  8.037   1.00 41.18 ? 80  GLU A CG  1 
ATOM   593  C CD  . GLU A 1 88  ? 6.564   13.897  8.475   1.00 52.73 ? 80  GLU A CD  1 
ATOM   594  O OE1 . GLU A 1 88  ? 7.295   13.522  9.419   1.00 57.24 ? 80  GLU A OE1 1 
ATOM   595  O OE2 . GLU A 1 88  ? 6.719   14.981  7.864   1.00 58.00 ? 80  GLU A OE2 1 
ATOM   596  N N   . GLY A 1 89  ? 3.849   9.209   10.170  1.00 27.56 ? 81  GLY A N   1 
ATOM   597  C CA  . GLY A 1 89  ? 3.821   7.929   10.848  1.00 26.28 ? 81  GLY A CA  1 
ATOM   598  C C   . GLY A 1 89  ? 3.190   6.820   10.031  1.00 31.35 ? 81  GLY A C   1 
ATOM   599  O O   . GLY A 1 89  ? 3.701   5.703   10.015  1.00 33.18 ? 81  GLY A O   1 
ATOM   600  N N   . PHE A 1 90  ? 2.084   7.105   9.346   1.00 27.20 ? 82  PHE A N   1 
ATOM   601  C CA  . PHE A 1 90  ? 1.390   6.053   8.612   1.00 26.02 ? 82  PHE A CA  1 
ATOM   602  C C   . PHE A 1 90  ? 2.032   5.725   7.267   1.00 27.12 ? 82  PHE A C   1 
ATOM   603  O O   . PHE A 1 90  ? 1.811   4.650   6.735   1.00 28.35 ? 82  PHE A O   1 
ATOM   604  C CB  . PHE A 1 90  ? -0.074  6.432   8.381   1.00 27.92 ? 82  PHE A CB  1 
ATOM   605  C CG  . PHE A 1 90  ? -0.966  6.121   9.545   1.00 28.10 ? 82  PHE A CG  1 
ATOM   606  C CD1 . PHE A 1 90  ? -1.453  4.834   9.735   1.00 25.82 ? 82  PHE A CD1 1 
ATOM   607  C CD2 . PHE A 1 90  ? -1.321  7.113   10.448  1.00 22.93 ? 82  PHE A CD2 1 
ATOM   608  C CE1 . PHE A 1 90  ? -2.284  4.540   10.812  1.00 29.92 ? 82  PHE A CE1 1 
ATOM   609  C CE2 . PHE A 1 90  ? -2.146  6.829   11.528  1.00 27.93 ? 82  PHE A CE2 1 
ATOM   610  C CZ  . PHE A 1 90  ? -2.623  5.539   11.715  1.00 29.60 ? 82  PHE A CZ  1 
ATOM   611  N N   . GLN A 1 91  ? 2.829   6.636   6.722   1.00 30.25 ? 83  GLN A N   1 
ATOM   612  C CA  . GLN A 1 91  ? 3.328   6.466   5.351   1.00 35.53 ? 83  GLN A CA  1 
ATOM   613  C C   . GLN A 1 91  ? 4.171   5.194   5.092   1.00 32.75 ? 83  GLN A C   1 
ATOM   614  O O   . GLN A 1 91  ? 3.987   4.544   4.061   1.00 31.32 ? 83  GLN A O   1 
ATOM   615  C CB  . GLN A 1 91  ? 4.139   7.693   4.907   1.00 34.12 ? 83  GLN A CB  1 
ATOM   616  C CG  . GLN A 1 91  ? 4.523   7.601   3.437   1.00 40.84 ? 83  GLN A CG  1 
ATOM   617  C CD  . GLN A 1 91  ? 3.309   7.531   2.494   1.00 48.95 ? 83  GLN A CD  1 
ATOM   618  O OE1 . GLN A 1 91  ? 2.168   7.822   2.880   1.00 47.46 ? 83  GLN A OE1 1 
ATOM   619  N NE2 . GLN A 1 91  ? 3.550   7.075   1.268   1.00 49.68 ? 83  GLN A NE2 1 
ATOM   620  N N   . PRO A 1 92  ? 5.087   4.834   6.010   1.00 30.47 ? 84  PRO A N   1 
ATOM   621  C CA  . PRO A 1 92  ? 5.767   3.554   5.775   1.00 29.53 ? 84  PRO A CA  1 
ATOM   622  C C   . PRO A 1 92  ? 4.781   2.409   5.670   1.00 31.27 ? 84  PRO A C   1 
ATOM   623  O O   . PRO A 1 92  ? 4.969   1.490   4.859   1.00 34.75 ? 84  PRO A O   1 
ATOM   624  C CB  . PRO A 1 92  ? 6.658   3.397   7.013   1.00 29.68 ? 84  PRO A CB  1 
ATOM   625  C CG  . PRO A 1 92  ? 6.953   4.790   7.429   1.00 33.74 ? 84  PRO A CG  1 
ATOM   626  C CD  . PRO A 1 92  ? 5.676   5.561   7.152   1.00 33.04 ? 84  PRO A CD  1 
ATOM   627  N N   . PHE A 1 93  ? 3.727   2.479   6.482   1.00 30.38 ? 85  PHE A N   1 
ATOM   628  C CA  . PHE A 1 93  ? 2.703   1.444   6.492   1.00 29.82 ? 85  PHE A CA  1 
ATOM   629  C C   . PHE A 1 93  ? 1.958   1.381   5.156   1.00 29.62 ? 85  PHE A C   1 
ATOM   630  O O   . PHE A 1 93  ? 1.670   0.286   4.649   1.00 30.71 ? 85  PHE A O   1 
ATOM   631  C CB  . PHE A 1 93  ? 1.702   1.665   7.637   1.00 29.83 ? 85  PHE A CB  1 
ATOM   632  C CG  . PHE A 1 93  ? 0.542   0.724   7.595   1.00 25.90 ? 85  PHE A CG  1 
ATOM   633  C CD1 . PHE A 1 93  ? 0.667   -0.562  8.089   1.00 26.93 ? 85  PHE A CD1 1 
ATOM   634  C CD2 . PHE A 1 93  ? -0.664  1.107   7.015   1.00 27.89 ? 85  PHE A CD2 1 
ATOM   635  C CE1 . PHE A 1 93  ? -0.393  -1.449  8.023   1.00 27.43 ? 85  PHE A CE1 1 
ATOM   636  C CE2 . PHE A 1 93  ? -1.730  0.224   6.942   1.00 28.42 ? 85  PHE A CE2 1 
ATOM   637  C CZ  . PHE A 1 93  ? -1.595  -1.050  7.446   1.00 28.23 ? 85  PHE A CZ  1 
ATOM   638  N N   . PHE A 1 94  ? 1.634   2.544   4.597   1.00 24.96 ? 86  PHE A N   1 
ATOM   639  C CA  . PHE A 1 94  ? 0.843   2.588   3.366   1.00 30.24 ? 86  PHE A CA  1 
ATOM   640  C C   . PHE A 1 94  ? 1.661   2.191   2.148   1.00 30.86 ? 86  PHE A C   1 
ATOM   641  O O   . PHE A 1 94  ? 1.107   1.824   1.113   1.00 33.61 ? 86  PHE A O   1 
ATOM   642  C CB  . PHE A 1 94  ? 0.228   3.974   3.168   1.00 26.41 ? 86  PHE A CB  1 
ATOM   643  C CG  . PHE A 1 94  ? -0.920  4.242   4.097   1.00 31.56 ? 86  PHE A CG  1 
ATOM   644  C CD1 . PHE A 1 94  ? -1.827  3.231   4.395   1.00 27.88 ? 86  PHE A CD1 1 
ATOM   645  C CD2 . PHE A 1 94  ? -1.074  5.477   4.711   1.00 31.24 ? 86  PHE A CD2 1 
ATOM   646  C CE1 . PHE A 1 94  ? -2.865  3.445   5.272   1.00 30.92 ? 86  PHE A CE1 1 
ATOM   647  C CE2 . PHE A 1 94  ? -2.128  5.698   5.587   1.00 28.86 ? 86  PHE A CE2 1 
ATOM   648  C CZ  . PHE A 1 94  ? -3.021  4.682   5.866   1.00 28.52 ? 86  PHE A CZ  1 
ATOM   649  N N   . GLU A 1 95  ? 2.982   2.232   2.279   1.00 30.57 ? 87  GLU A N   1 
ATOM   650  C CA  . GLU A 1 95  ? 3.853   1.790   1.194   1.00 33.28 ? 87  GLU A CA  1 
ATOM   651  C C   . GLU A 1 95  ? 3.735   0.292   0.932   1.00 32.31 ? 87  GLU A C   1 
ATOM   652  O O   . GLU A 1 95  ? 4.022   -0.169  -0.166  1.00 31.74 ? 87  GLU A O   1 
ATOM   653  C CB  . GLU A 1 95  ? 5.304   2.168   1.500   1.00 31.23 ? 87  GLU A CB  1 
ATOM   654  C CG  . GLU A 1 95  ? 5.596   3.610   1.130   1.00 32.79 ? 87  GLU A CG  1 
ATOM   655  C CD  . GLU A 1 95  ? 6.876   4.152   1.738   1.00 46.14 ? 87  GLU A CD  1 
ATOM   656  O OE1 . GLU A 1 95  ? 7.022   5.394   1.732   1.00 48.57 ? 87  GLU A OE1 1 
ATOM   657  O OE2 . GLU A 1 95  ? 7.726   3.358   2.216   1.00 44.15 ? 87  GLU A OE2 1 
ATOM   658  N N   . ALA A 1 96  ? 3.286   -0.466  1.931   1.00 31.71 ? 88  ALA A N   1 
ATOM   659  C CA  . ALA A 1 96  ? 3.166   -1.913  1.778   1.00 29.37 ? 88  ALA A CA  1 
ATOM   660  C C   . ALA A 1 96  ? 1.747   -2.430  2.063   1.00 30.94 ? 88  ALA A C   1 
ATOM   661  O O   . ALA A 1 96  ? 1.485   -3.634  1.981   1.00 28.47 ? 88  ALA A O   1 
ATOM   662  C CB  . ALA A 1 96  ? 4.173   -2.614  2.684   1.00 34.17 ? 88  ALA A CB  1 
ATOM   663  N N   . HIS A 1 97  ? 0.819   -1.537  2.386   1.00 29.50 ? 89  HIS A N   1 
ATOM   664  C CA  . HIS A 1 97  ? -0.549  -1.986  2.648   1.00 30.12 ? 89  HIS A CA  1 
ATOM   665  C C   . HIS A 1 97  ? -1.571  -1.027  2.077   1.00 28.21 ? 89  HIS A C   1 
ATOM   666  O O   . HIS A 1 97  ? -1.340  0.174   2.018   1.00 31.03 ? 89  HIS A O   1 
ATOM   667  C CB  . HIS A 1 97  ? -0.795  -2.142  4.156   1.00 32.41 ? 89  HIS A CB  1 
ATOM   668  C CG  . HIS A 1 97  ? 0.173   -3.051  4.846   1.00 29.17 ? 89  HIS A CG  1 
ATOM   669  N ND1 . HIS A 1 97  ? 1.321   -2.588  5.454   1.00 31.78 ? 89  HIS A ND1 1 
ATOM   670  C CD2 . HIS A 1 97  ? 0.162   -4.392  5.034   1.00 30.35 ? 89  HIS A CD2 1 
ATOM   671  C CE1 . HIS A 1 97  ? 1.980   -3.606  5.980   1.00 29.28 ? 89  HIS A CE1 1 
ATOM   672  N NE2 . HIS A 1 97  ? 1.303   -4.713  5.730   1.00 35.95 ? 89  HIS A NE2 1 
ATOM   673  N N   . SER A 1 98  ? -2.716  -1.555  1.685   1.00 27.21 ? 90  SER A N   1 
ATOM   674  C CA  . SER A 1 98  ? -3.804  -0.710  1.213   1.00 30.42 ? 90  SER A CA  1 
ATOM   675  C C   . SER A 1 98  ? -4.327  0.204   2.322   1.00 30.52 ? 90  SER A C   1 
ATOM   676  O O   . SER A 1 98  ? -4.136  -0.070  3.511   1.00 27.31 ? 90  SER A O   1 
ATOM   677  C CB  . SER A 1 98  ? -4.942  -1.564  0.687   1.00 30.57 ? 90  SER A CB  1 
ATOM   678  O OG  . SER A 1 98  ? -5.542  -2.255  1.769   1.00 38.85 ? 90  SER A OG  1 
ATOM   679  N N   . GLY A 1 99  ? -4.988  1.291   1.937   1.00 30.78 ? 91  GLY A N   1 
ATOM   680  C CA  . GLY A 1 99  ? -5.592  2.174   2.917   1.00 28.87 ? 91  GLY A CA  1 
ATOM   681  C C   . GLY A 1 99  ? -5.380  3.651   2.655   1.00 30.82 ? 91  GLY A C   1 
ATOM   682  O O   . GLY A 1 99  ? -4.532  4.026   1.850   1.00 25.53 ? 91  GLY A O   1 
ATOM   683  N N   . VAL A 1 100 ? -6.149  4.487   3.355   1.00 27.25 ? 92  VAL A N   1 
ATOM   684  C CA  . VAL A 1 100 ? -6.121  5.927   3.146   1.00 24.61 ? 92  VAL A CA  1 
ATOM   685  C C   . VAL A 1 100 ? -6.470  6.685   4.444   1.00 25.61 ? 92  VAL A C   1 
ATOM   686  O O   . VAL A 1 100 ? -7.075  6.116   5.371   1.00 27.40 ? 92  VAL A O   1 
ATOM   687  C CB  . VAL A 1 100 ? -7.099  6.321   2.003   1.00 31.78 ? 92  VAL A CB  1 
ATOM   688  C CG1 . VAL A 1 100 ? -8.553  6.109   2.436   1.00 20.92 ? 92  VAL A CG1 1 
ATOM   689  C CG2 . VAL A 1 100 ? -6.846  7.752   1.503   1.00 26.71 ? 92  VAL A CG2 1 
ATOM   690  N N   . VAL A 1 101 ? -6.070  7.954   4.512   1.00 21.63 ? 93  VAL A N   1 
ATOM   691  C CA  . VAL A 1 101 ? -6.474  8.861   5.587   1.00 21.67 ? 93  VAL A CA  1 
ATOM   692  C C   . VAL A 1 101 ? -7.127  10.098  4.992   1.00 20.54 ? 93  VAL A C   1 
ATOM   693  O O   . VAL A 1 101 ? -6.491  10.854  4.247   1.00 22.55 ? 93  VAL A O   1 
ATOM   694  C CB  . VAL A 1 101 ? -5.291  9.302   6.477   1.00 22.78 ? 93  VAL A CB  1 
ATOM   695  C CG1 . VAL A 1 101 ? -5.765  10.248  7.576   1.00 18.48 ? 93  VAL A CG1 1 
ATOM   696  C CG2 . VAL A 1 101 ? -4.603  8.100   7.082   1.00 24.61 ? 93  VAL A CG2 1 
ATOM   697  N N   . PHE A 1 102 ? -8.411  10.273  5.304   1.00 18.92 ? 94  PHE A N   1 
ATOM   698  C CA  . PHE A 1 102 ? -9.171  11.464  4.948   1.00 18.67 ? 94  PHE A CA  1 
ATOM   699  C C   . PHE A 1 102 ? -9.074  12.484  6.063   1.00 21.35 ? 94  PHE A C   1 
ATOM   700  O O   . PHE A 1 102 ? -9.453  12.197  7.196   1.00 21.98 ? 94  PHE A O   1 
ATOM   701  C CB  . PHE A 1 102 ? -10.659 11.135  4.710   1.00 20.02 ? 94  PHE A CB  1 
ATOM   702  C CG  . PHE A 1 102 ? -10.914 10.204  3.561   1.00 18.59 ? 94  PHE A CG  1 
ATOM   703  C CD1 . PHE A 1 102 ? -10.034 10.128  2.501   1.00 20.75 ? 94  PHE A CD1 1 
ATOM   704  C CD2 . PHE A 1 102 ? -12.041 9.417   3.539   1.00 19.30 ? 94  PHE A CD2 1 
ATOM   705  C CE1 . PHE A 1 102 ? -10.270 9.288   1.446   1.00 17.83 ? 94  PHE A CE1 1 
ATOM   706  C CE2 . PHE A 1 102 ? -12.282 8.576   2.483   1.00 22.78 ? 94  PHE A CE2 1 
ATOM   707  C CZ  . PHE A 1 102 ? -11.388 8.507   1.443   1.00 22.62 ? 94  PHE A CZ  1 
ATOM   708  N N   . VAL A 1 103 ? -8.588  13.674  5.745   1.00 18.83 ? 95  VAL A N   1 
ATOM   709  C CA  . VAL A 1 103 ? -8.517  14.758  6.712   1.00 18.48 ? 95  VAL A CA  1 
ATOM   710  C C   . VAL A 1 103 ? -9.686  15.736  6.512   1.00 20.37 ? 95  VAL A C   1 
ATOM   711  O O   . VAL A 1 103 ? -9.861  16.246  5.413   1.00 19.45 ? 95  VAL A O   1 
ATOM   712  C CB  . VAL A 1 103 ? -7.167  15.506  6.585   1.00 18.80 ? 95  VAL A CB  1 
ATOM   713  C CG1 . VAL A 1 103 ? -7.103  16.673  7.551   1.00 21.11 ? 95  VAL A CG1 1 
ATOM   714  C CG2 . VAL A 1 103 ? -6.014  14.553  6.827   1.00 20.18 ? 95  VAL A CG2 1 
ATOM   715  N N   . HIS A 1 104 ? -10.495 15.967  7.555   1.00 20.77 ? 96  HIS A N   1 
ATOM   716  C CA  . HIS A 1 104 ? -11.587 16.950  7.488   1.00 23.18 ? 96  HIS A CA  1 
ATOM   717  C C   . HIS A 1 104 ? -11.363 18.111  8.482   1.00 25.06 ? 96  HIS A C   1 
ATOM   718  O O   . HIS A 1 104 ? -10.667 17.945  9.492   1.00 23.15 ? 96  HIS A O   1 
ATOM   719  C CB  . HIS A 1 104 ? -12.965 16.344  7.822   1.00 18.52 ? 96  HIS A CB  1 
ATOM   720  C CG  . HIS A 1 104 ? -13.271 15.025  7.182   1.00 22.27 ? 96  HIS A CG  1 
ATOM   721  N ND1 . HIS A 1 104 ? -14.372 14.832  6.370   1.00 21.30 ? 96  HIS A ND1 1 
ATOM   722  C CD2 . HIS A 1 104 ? -12.680 13.815  7.296   1.00 19.13 ? 96  HIS A CD2 1 
ATOM   723  C CE1 . HIS A 1 104 ? -14.420 13.571  5.984   1.00 19.01 ? 96  HIS A CE1 1 
ATOM   724  N NE2 . HIS A 1 104 ? -13.406 12.931  6.535   1.00 19.58 ? 96  HIS A NE2 1 
ATOM   725  N N   . ASP A 1 105 ? -11.990 19.258  8.212   1.00 23.25 ? 97  ASP A N   1 
ATOM   726  C CA  . ASP A 1 105 ? -12.223 20.292  9.239   1.00 25.49 ? 97  ASP A CA  1 
ATOM   727  C C   . ASP A 1 105 ? -13.516 19.995  9.994   1.00 23.09 ? 97  ASP A C   1 
ATOM   728  O O   . ASP A 1 105 ? -14.550 19.750  9.384   1.00 22.50 ? 97  ASP A O   1 
ATOM   729  C CB  . ASP A 1 105 ? -12.333 21.693  8.629   1.00 25.99 ? 97  ASP A CB  1 
ATOM   730  C CG  . ASP A 1 105 ? -10.993 22.271  8.205   1.00 29.52 ? 97  ASP A CG  1 
ATOM   731  O OD1 . ASP A 1 105 ? -9.996  22.087  8.922   1.00 33.93 ? 97  ASP A OD1 1 
ATOM   732  O OD2 . ASP A 1 105 ? -10.943 22.931  7.143   1.00 37.57 ? 97  ASP A OD2 1 
ATOM   733  N N   . ILE A 1 106 ? -13.463 19.982  11.318  1.00 18.80 ? 98  ILE A N   1 
ATOM   734  C CA  . ILE A 1 106 ? -14.681 19.876  12.098  1.00 24.31 ? 98  ILE A CA  1 
ATOM   735  C C   . ILE A 1 106 ? -14.627 20.836  13.257  1.00 24.82 ? 98  ILE A C   1 
ATOM   736  O O   . ILE A 1 106 ? -13.593 21.452  13.507  1.00 22.18 ? 98  ILE A O   1 
ATOM   737  C CB  . ILE A 1 106 ? -14.929 18.460  12.656  1.00 19.47 ? 98  ILE A CB  1 
ATOM   738  C CG1 . ILE A 1 106 ? -13.895 18.099  13.717  1.00 20.67 ? 98  ILE A CG1 1 
ATOM   739  C CG2 . ILE A 1 106 ? -14.969 17.441  11.536  1.00 22.71 ? 98  ILE A CG2 1 
ATOM   740  C CD1 . ILE A 1 106 ? -14.195 16.801  14.456  1.00 20.33 ? 98  ILE A CD1 1 
ATOM   741  N N   . GLN A 1 107 ? -15.749 20.962  13.956  1.00 19.01 ? 99  GLN A N   1 
ATOM   742  C CA  . GLN A 1 107 ? -15.781 21.724  15.190  1.00 23.35 ? 99  GLN A CA  1 
ATOM   743  C C   . GLN A 1 107 ? -16.452 20.891  16.255  1.00 24.78 ? 99  GLN A C   1 
ATOM   744  O O   . GLN A 1 107 ? -17.312 20.072  15.932  1.00 23.02 ? 99  GLN A O   1 
ATOM   745  C CB  . GLN A 1 107 ? -16.509 23.053  14.990  1.00 28.41 ? 99  GLN A CB  1 
ATOM   746  C CG  . GLN A 1 107 ? -15.882 23.884  13.861  1.00 32.05 ? 99  GLN A CG  1 
ATOM   747  C CD  . GLN A 1 107 ? -16.444 25.284  13.765  1.00 42.10 ? 99  GLN A CD  1 
ATOM   748  O OE1 . GLN A 1 107 ? -17.539 25.565  14.253  1.00 48.39 ? 99  GLN A OE1 1 
ATOM   749  N NE2 . GLN A 1 107 ? -15.689 26.178  13.138  1.00 49.74 ? 99  GLN A NE2 1 
ATOM   750  N N   . VAL A 1 108 ? -16.046 21.083  17.513  1.00 21.72 ? 100 VAL A N   1 
ATOM   751  C CA  . VAL A 1 108 ? -16.666 20.411  18.643  1.00 22.49 ? 100 VAL A CA  1 
ATOM   752  C C   . VAL A 1 108 ? -17.049 21.442  19.703  1.00 28.38 ? 100 VAL A C   1 
ATOM   753  O O   . VAL A 1 108 ? -16.288 22.363  20.012  1.00 29.97 ? 100 VAL A O   1 
ATOM   754  C CB  . VAL A 1 108 ? -15.747 19.319  19.262  1.00 22.41 ? 100 VAL A CB  1 
ATOM   755  C CG1 . VAL A 1 108 ? -15.478 18.215  18.258  1.00 25.04 ? 100 VAL A CG1 1 
ATOM   756  C CG2 . VAL A 1 108 ? -14.437 19.905  19.738  1.00 37.11 ? 100 VAL A CG2 1 
ATOM   757  N N   . GLY A 1 109 ? -18.249 21.293  20.245  1.00 28.43 ? 101 GLY A N   1 
ATOM   758  C CA  . GLY A 1 109 ? -18.786 22.270  21.174  1.00 29.90 ? 101 GLY A CA  1 
ATOM   759  C C   . GLY A 1 109 ? -18.354 21.974  22.596  1.00 35.28 ? 101 GLY A C   1 
ATOM   760  O O   . GLY A 1 109 ? -18.376 20.827  23.028  1.00 38.62 ? 101 GLY A O   1 
ATOM   761  N N   . ARG A 1 110 ? -17.942 23.014  23.314  1.00 38.57 ? 102 ARG A N   1 
ATOM   762  C CA  . ARG A 1 110 ? -17.564 22.901  24.722  1.00 44.93 ? 102 ARG A CA  1 
ATOM   763  C C   . ARG A 1 110 ? -18.265 24.015  25.509  1.00 41.21 ? 102 ARG A C   1 
ATOM   764  O O   . ARG A 1 110 ? -18.357 25.145  25.036  1.00 37.31 ? 102 ARG A O   1 
ATOM   765  C CB  . ARG A 1 110 ? -16.035 22.977  24.892  1.00 43.83 ? 102 ARG A CB  1 
ATOM   766  C CG  . ARG A 1 110 ? -15.575 23.625  26.194  1.00 48.99 ? 102 ARG A CG  1 
ATOM   767  C CD  . ARG A 1 110 ? -14.050 23.686  26.332  1.00 56.95 ? 102 ARG A CD  1 
ATOM   768  N NE  . ARG A 1 110 ? -13.622 23.936  27.717  1.00 69.48 ? 102 ARG A NE  1 
ATOM   769  C CZ  . ARG A 1 110 ? -13.493 25.147  28.268  1.00 71.21 ? 102 ARG A CZ  1 
ATOM   770  N NH1 . ARG A 1 110 ? -13.753 26.241  27.559  1.00 65.47 ? 102 ARG A NH1 1 
ATOM   771  N NH2 . ARG A 1 110 ? -13.099 25.267  29.531  1.00 63.82 ? 102 ARG A NH2 1 
ATOM   772  N N   . PRO A 1 111 ? -18.790 23.693  26.699  1.00 43.10 ? 103 PRO A N   1 
ATOM   773  C CA  . PRO A 1 111 ? -19.431 24.721  27.528  1.00 47.87 ? 103 PRO A CA  1 
ATOM   774  C C   . PRO A 1 111 ? -18.415 25.721  28.070  1.00 47.51 ? 103 PRO A C   1 
ATOM   775  O O   . PRO A 1 111 ? -17.349 25.309  28.523  1.00 45.66 ? 103 PRO A O   1 
ATOM   776  C CB  . PRO A 1 111 ? -20.072 23.910  28.654  1.00 50.33 ? 103 PRO A CB  1 
ATOM   777  C CG  . PRO A 1 111 ? -19.210 22.693  28.766  1.00 48.36 ? 103 PRO A CG  1 
ATOM   778  C CD  . PRO A 1 111 ? -18.780 22.376  27.359  1.00 46.75 ? 103 PRO A CD  1 
ATOM   779  N N   . ILE A 1 112 ? -18.731 27.012  28.010  1.00 55.07 ? 104 ILE A N   1 
ATOM   780  C CA  . ILE A 1 112 ? -17.812 28.044  28.499  1.00 56.59 ? 104 ILE A CA  1 
ATOM   781  C C   . ILE A 1 112 ? -17.759 28.057  30.032  1.00 53.44 ? 104 ILE A C   1 
ATOM   782  O O   . ILE A 1 112 ? -16.948 27.353  30.648  1.00 52.14 ? 104 ILE A O   1 
ATOM   783  C CB  . ILE A 1 112 ? -18.210 29.450  27.986  1.00 51.55 ? 104 ILE A CB  1 
ATOM   784  N N   . ALA B 1 11  ? -0.514  -0.380  -39.430 1.00 73.26 ? 3   ALA B N   1 
ATOM   785  C CA  . ALA B 1 11  ? -0.755  0.794   -38.596 1.00 73.56 ? 3   ALA B CA  1 
ATOM   786  C C   . ALA B 1 11  ? -0.604  0.464   -37.114 1.00 66.82 ? 3   ALA B C   1 
ATOM   787  O O   . ALA B 1 11  ? -1.598  0.316   -36.399 1.00 68.59 ? 3   ALA B O   1 
ATOM   788  C CB  . ALA B 1 11  ? -2.141  1.369   -38.870 1.00 75.32 ? 3   ALA B CB  1 
ATOM   789  N N   . ILE B 1 12  ? 0.644   0.360   -36.663 1.00 68.28 ? 4   ILE B N   1 
ATOM   790  C CA  . ILE B 1 12  ? 0.953   0.021   -35.272 1.00 64.49 ? 4   ILE B CA  1 
ATOM   791  C C   . ILE B 1 12  ? 1.872   1.058   -34.602 1.00 63.61 ? 4   ILE B C   1 
ATOM   792  O O   . ILE B 1 12  ? 2.969   1.352   -35.088 1.00 68.03 ? 4   ILE B O   1 
ATOM   793  C CB  . ILE B 1 12  ? 1.593   -1.387  -35.181 1.00 56.64 ? 4   ILE B CB  1 
ATOM   794  C CG1 . ILE B 1 12  ? 0.497   -2.451  -35.264 1.00 59.07 ? 4   ILE B CG1 1 
ATOM   795  C CG2 . ILE B 1 12  ? 2.417   -1.547  -33.908 1.00 51.60 ? 4   ILE B CG2 1 
ATOM   796  C CD1 . ILE B 1 12  ? 0.864   -3.780  -34.650 1.00 57.07 ? 4   ILE B CD1 1 
ATOM   797  N N   . LYS B 1 13  ? 1.402   1.618   -33.489 1.00 55.43 ? 5   LYS B N   1 
ATOM   798  C CA  . LYS B 1 13  ? 2.186   2.568   -32.697 1.00 62.08 ? 5   LYS B CA  1 
ATOM   799  C C   . LYS B 1 13  ? 2.935   1.850   -31.564 1.00 55.92 ? 5   LYS B C   1 
ATOM   800  O O   . LYS B 1 13  ? 2.371   0.983   -30.895 1.00 51.53 ? 5   LYS B O   1 
ATOM   801  C CB  . LYS B 1 13  ? 1.272   3.665   -32.123 1.00 59.67 ? 5   LYS B CB  1 
ATOM   802  C CG  . LYS B 1 13  ? 1.426   5.047   -32.773 1.00 65.33 ? 5   LYS B CG  1 
ATOM   803  C CD  . LYS B 1 13  ? 2.332   5.984   -31.961 1.00 67.99 ? 5   LYS B CD  1 
ATOM   804  C CE  . LYS B 1 13  ? 1.627   6.521   -30.702 1.00 60.46 ? 5   LYS B CE  1 
ATOM   805  N NZ  . LYS B 1 13  ? 2.487   7.441   -29.898 1.00 55.11 ? 5   LYS B NZ  1 
ATOM   806  N N   . LEU B 1 14  ? 4.204   2.201   -31.367 1.00 46.97 ? 6   LEU B N   1 
ATOM   807  C CA  . LEU B 1 14  ? 4.979   1.662   -30.256 1.00 43.52 ? 6   LEU B CA  1 
ATOM   808  C C   . LEU B 1 14  ? 4.894   2.568   -29.030 1.00 44.03 ? 6   LEU B C   1 
ATOM   809  O O   . LEU B 1 14  ? 5.070   3.785   -29.139 1.00 46.74 ? 6   LEU B O   1 
ATOM   810  C CB  . LEU B 1 14  ? 6.439   1.469   -30.662 1.00 40.71 ? 6   LEU B CB  1 
ATOM   811  C CG  . LEU B 1 14  ? 6.731   0.276   -31.570 1.00 38.23 ? 6   LEU B CG  1 
ATOM   812  C CD1 . LEU B 1 14  ? 8.176   0.295   -31.980 1.00 42.13 ? 6   LEU B CD1 1 
ATOM   813  C CD2 . LEU B 1 14  ? 6.427   -1.002  -30.844 1.00 40.34 ? 6   LEU B CD2 1 
ATOM   814  N N   . TYR B 1 15  ? 4.636   1.963   -27.872 1.00 35.57 ? 7   TYR B N   1 
ATOM   815  C CA  . TYR B 1 15  ? 4.453   2.691   -26.618 1.00 36.07 ? 7   TYR B CA  1 
ATOM   816  C C   . TYR B 1 15  ? 5.520   2.285   -25.610 1.00 30.51 ? 7   TYR B C   1 
ATOM   817  O O   . TYR B 1 15  ? 5.852   1.117   -25.506 1.00 29.99 ? 7   TYR B O   1 
ATOM   818  C CB  . TYR B 1 15  ? 3.047   2.432   -26.047 1.00 38.68 ? 7   TYR B CB  1 
ATOM   819  C CG  . TYR B 1 15  ? 1.968   2.961   -26.955 1.00 50.49 ? 7   TYR B CG  1 
ATOM   820  C CD1 . TYR B 1 15  ? 1.452   4.234   -26.776 1.00 55.32 ? 7   TYR B CD1 1 
ATOM   821  C CD2 . TYR B 1 15  ? 1.503   2.212   -28.028 1.00 52.04 ? 7   TYR B CD2 1 
ATOM   822  C CE1 . TYR B 1 15  ? 0.486   4.744   -27.620 1.00 58.38 ? 7   TYR B CE1 1 
ATOM   823  C CE2 . TYR B 1 15  ? 0.540   2.717   -28.883 1.00 58.53 ? 7   TYR B CE2 1 
ATOM   824  C CZ  . TYR B 1 15  ? 0.031   3.982   -28.670 1.00 62.05 ? 7   TYR B CZ  1 
ATOM   825  O OH  . TYR B 1 15  ? -0.932  4.492   -29.511 1.00 64.41 ? 7   TYR B OH  1 
ATOM   826  N N   . PRO B 1 16  ? 6.077   3.255   -24.877 1.00 24.80 ? 8   PRO B N   1 
ATOM   827  C CA  . PRO B 1 16  ? 7.092   2.928   -23.874 1.00 28.67 ? 8   PRO B CA  1 
ATOM   828  C C   . PRO B 1 16  ? 6.485   2.485   -22.529 1.00 27.24 ? 8   PRO B C   1 
ATOM   829  O O   . PRO B 1 16  ? 5.456   2.997   -22.111 1.00 25.51 ? 8   PRO B O   1 
ATOM   830  C CB  . PRO B 1 16  ? 7.861   4.238   -23.725 1.00 26.58 ? 8   PRO B CB  1 
ATOM   831  C CG  . PRO B 1 16  ? 6.840   5.287   -24.004 1.00 32.46 ? 8   PRO B CG  1 
ATOM   832  C CD  . PRO B 1 16  ? 5.876   4.707   -25.006 1.00 30.91 ? 8   PRO B CD  1 
ATOM   833  N N   . LEU B 1 17  ? 7.138   1.518   -21.898 1.00 24.86 ? 9   LEU B N   1 
ATOM   834  C CA  . LEU B 1 17  ? 6.754   0.947   -20.621 1.00 25.57 ? 9   LEU B CA  1 
ATOM   835  C C   . LEU B 1 17  ? 8.023   0.461   -19.944 1.00 24.17 ? 9   LEU B C   1 
ATOM   836  O O   . LEU B 1 17  ? 9.088   0.427   -20.561 1.00 25.69 ? 9   LEU B O   1 
ATOM   837  C CB  . LEU B 1 17  ? 5.775   -0.222  -20.778 1.00 26.29 ? 9   LEU B CB  1 
ATOM   838  C CG  . LEU B 1 17  ? 4.354   -0.014  -21.301 1.00 27.00 ? 9   LEU B CG  1 
ATOM   839  C CD1 . LEU B 1 17  ? 3.649   -1.345  -21.375 1.00 23.74 ? 9   LEU B CD1 1 
ATOM   840  C CD2 . LEU B 1 17  ? 3.581   0.955   -20.417 1.00 24.73 ? 9   LEU B CD2 1 
ATOM   841  N N   . LYS B 1 18  ? 7.902   0.076   -18.680 1.00 25.77 ? 10  LYS B N   1 
ATOM   842  C CA  . LYS B 1 18  ? 8.998   -0.537  -17.938 1.00 22.40 ? 10  LYS B CA  1 
ATOM   843  C C   . LYS B 1 18  ? 8.679   -2.014  -17.762 1.00 27.53 ? 10  LYS B C   1 
ATOM   844  O O   . LYS B 1 18  ? 7.543   -2.361  -17.437 1.00 27.15 ? 10  LYS B O   1 
ATOM   845  C CB  . LYS B 1 18  ? 9.183   0.133   -16.572 1.00 23.75 ? 10  LYS B CB  1 
ATOM   846  C CG  . LYS B 1 18  ? 9.459   1.615   -16.627 1.00 26.92 ? 10  LYS B CG  1 
ATOM   847  C CD  . LYS B 1 18  ? 10.907  1.892   -17.024 1.00 28.42 ? 10  LYS B CD  1 
ATOM   848  C CE  . LYS B 1 18  ? 11.195  3.382   -16.976 1.00 36.35 ? 10  LYS B CE  1 
ATOM   849  N NZ  . LYS B 1 18  ? 12.643  3.694   -17.020 1.00 36.32 ? 10  LYS B NZ  1 
ATOM   850  N N   . LYS B 1 19  ? 9.650   -2.897  -17.992 1.00 26.08 ? 11  LYS B N   1 
ATOM   851  C CA  . LYS B 1 19  ? 9.411   -4.306  -17.703 1.00 21.58 ? 11  LYS B CA  1 
ATOM   852  C C   . LYS B 1 19  ? 10.120  -4.730  -16.421 1.00 23.83 ? 11  LYS B C   1 
ATOM   853  O O   . LYS B 1 19  ? 11.325  -4.542  -16.269 1.00 24.25 ? 11  LYS B O   1 
ATOM   854  C CB  . LYS B 1 19  ? 9.849   -5.200  -18.857 1.00 21.35 ? 11  LYS B CB  1 
ATOM   855  C CG  . LYS B 1 19  ? 9.316   -6.631  -18.769 1.00 23.25 ? 11  LYS B CG  1 
ATOM   856  C CD  . LYS B 1 19  ? 10.014  -7.592  -19.762 1.00 22.66 ? 11  LYS B CD  1 
ATOM   857  C CE  . LYS B 1 19  ? 11.379  -8.034  -19.256 1.00 19.96 ? 11  LYS B CE  1 
ATOM   858  N NZ  . LYS B 1 19  ? 11.837  -9.331  -19.870 1.00 25.34 ? 11  LYS B NZ  1 
ATOM   859  N N   . LEU B 1 20  ? 9.345   -5.301  -15.505 1.00 21.12 ? 12  LEU B N   1 
ATOM   860  C CA  . LEU B 1 20  ? 9.865   -5.789  -14.250 1.00 19.28 ? 12  LEU B CA  1 
ATOM   861  C C   . LEU B 1 20  ? 10.084  -7.285  -14.321 1.00 21.73 ? 12  LEU B C   1 
ATOM   862  O O   . LEU B 1 20  ? 9.232   -8.038  -14.789 1.00 22.93 ? 12  LEU B O   1 
ATOM   863  C CB  . LEU B 1 20  ? 8.920   -5.460  -13.096 1.00 17.76 ? 12  LEU B CB  1 
ATOM   864  C CG  . LEU B 1 20  ? 8.505   -3.999  -12.863 1.00 23.05 ? 12  LEU B CG  1 
ATOM   865  C CD1 . LEU B 1 20  ? 7.645   -3.900  -11.617 1.00 19.71 ? 12  LEU B CD1 1 
ATOM   866  C CD2 . LEU B 1 20  ? 9.695   -3.074  -12.736 1.00 20.76 ? 12  LEU B CD2 1 
ATOM   867  N N   . GLU B 1 21  ? 11.261  -7.706  -13.893 1.00 20.21 ? 13  GLU B N   1 
ATOM   868  C CA  . GLU B 1 21  ? 11.525  -9.102  -13.683 1.00 19.86 ? 13  GLU B CA  1 
ATOM   869  C C   . GLU B 1 21  ? 11.742  -9.256  -12.184 1.00 19.41 ? 13  GLU B C   1 
ATOM   870  O O   . GLU B 1 21  ? 12.728  -8.771  -11.635 1.00 21.07 ? 13  GLU B O   1 
ATOM   871  C CB  . GLU B 1 21  ? 12.728  -9.563  -14.507 1.00 20.87 ? 13  GLU B CB  1 
ATOM   872  C CG  . GLU B 1 21  ? 12.478  -9.535  -16.016 1.00 22.74 ? 13  GLU B CG  1 
ATOM   873  C CD  . GLU B 1 21  ? 13.656  -10.087 -16.823 1.00 28.83 ? 13  GLU B CD  1 
ATOM   874  O OE1 . GLU B 1 21  ? 13.481  -10.319 -18.037 1.00 31.88 ? 13  GLU B OE1 1 
ATOM   875  O OE2 . GLU B 1 21  ? 14.763  -10.281 -16.258 1.00 31.72 ? 13  GLU B OE2 1 
ATOM   876  N N   . ILE B 1 22  ? 10.774  -9.885  -11.531 1.00 19.02 ? 14  ILE B N   1 
ATOM   877  C CA  . ILE B 1 22  ? 10.777  -10.101 -10.092 1.00 20.35 ? 14  ILE B CA  1 
ATOM   878  C C   . ILE B 1 22  ? 11.120  -11.556 -9.815  1.00 19.27 ? 14  ILE B C   1 
ATOM   879  O O   . ILE B 1 22  ? 10.353  -12.454 -10.133 1.00 18.32 ? 14  ILE B O   1 
ATOM   880  C CB  . ILE B 1 22  ? 9.398   -9.746  -9.482  1.00 22.06 ? 14  ILE B CB  1 
ATOM   881  C CG1 . ILE B 1 22  ? 8.954   -8.362  -9.970  1.00 20.01 ? 14  ILE B CG1 1 
ATOM   882  C CG2 . ILE B 1 22  ? 9.410   -9.864  -7.953  1.00 20.14 ? 14  ILE B CG2 1 
ATOM   883  C CD1 . ILE B 1 22  ? 7.469   -8.082  -9.804  1.00 25.35 ? 14  ILE B CD1 1 
ATOM   884  N N   . ILE B 1 23  ? 12.294  -11.799 -9.260  1.00 21.94 ? 15  ILE B N   1 
ATOM   885  C CA  . ILE B 1 23  ? 12.699  -13.162 -8.964  1.00 21.79 ? 15  ILE B CA  1 
ATOM   886  C C   . ILE B 1 23  ? 12.612  -13.406 -7.457  1.00 25.83 ? 15  ILE B C   1 
ATOM   887  O O   . ILE B 1 23  ? 13.199  -12.673 -6.667  1.00 26.17 ? 15  ILE B O   1 
ATOM   888  C CB  . ILE B 1 23  ? 14.127  -13.447 -9.466  1.00 25.91 ? 15  ILE B CB  1 
ATOM   889  C CG1 . ILE B 1 23  ? 14.138  -13.454 -10.997 1.00 22.48 ? 15  ILE B CG1 1 
ATOM   890  C CG2 . ILE B 1 23  ? 14.640  -14.773 -8.910  1.00 22.42 ? 15  ILE B CG2 1 
ATOM   891  C CD1 . ILE B 1 23  ? 15.015  -12.420 -11.604 1.00 22.42 ? 15  ILE B CD1 1 
ATOM   892  N N   . LEU B 1 24  ? 11.875  -14.438 -7.064  1.00 25.43 ? 16  LEU B N   1 
ATOM   893  C CA  . LEU B 1 24  ? 11.751  -14.767 -5.656  1.00 28.11 ? 16  LEU B CA  1 
ATOM   894  C C   . LEU B 1 24  ? 11.359  -16.223 -5.481  1.00 28.15 ? 16  LEU B C   1 
ATOM   895  O O   . LEU B 1 24  ? 10.996  -16.897 -6.447  1.00 30.36 ? 16  LEU B O   1 
ATOM   896  C CB  . LEU B 1 24  ? 10.727  -13.842 -4.976  1.00 28.57 ? 16  LEU B CB  1 
ATOM   897  C CG  . LEU B 1 24  ? 9.216   -13.985 -5.187  1.00 29.57 ? 16  LEU B CG  1 
ATOM   898  C CD1 . LEU B 1 24  ? 8.504   -12.879 -4.412  1.00 37.46 ? 16  LEU B CD1 1 
ATOM   899  C CD2 . LEU B 1 24  ? 8.802   -13.944 -6.643  1.00 27.42 ? 16  LEU B CD2 1 
ATOM   900  N N   . GLU B 1 25  ? 11.452  -16.711 -4.248  1.00 31.87 ? 17  GLU B N   1 
ATOM   901  C CA  . GLU B 1 25  ? 11.026  -18.069 -3.923  1.00 33.44 ? 17  GLU B CA  1 
ATOM   902  C C   . GLU B 1 25  ? 9.577   -18.275 -4.320  1.00 29.14 ? 17  GLU B C   1 
ATOM   903  O O   . GLU B 1 25  ? 8.729   -17.432 -4.048  1.00 40.02 ? 17  GLU B O   1 
ATOM   904  C CB  . GLU B 1 25  ? 11.209  -18.354 -2.428  1.00 41.55 ? 17  GLU B CB  1 
ATOM   905  C CG  . GLU B 1 25  ? 12.652  -18.342 -1.945  1.00 43.35 ? 17  GLU B CG  1 
ATOM   906  C CD  . GLU B 1 25  ? 12.768  -18.503 -0.430  1.00 57.05 ? 17  GLU B CD  1 
ATOM   907  O OE1 . GLU B 1 25  ? 12.875  -17.464 0.274   1.00 55.39 ? 17  GLU B OE1 1 
ATOM   908  O OE2 . GLU B 1 25  ? 12.755  -19.667 0.047   1.00 50.73 ? 17  GLU B OE2 1 
ATOM   909  N N   . GLY B 1 26  ? 9.290   -19.396 -4.964  1.00 27.81 ? 18  GLY B N   1 
ATOM   910  C CA  . GLY B 1 26  ? 7.951   -19.683 -5.442  1.00 33.63 ? 18  GLY B CA  1 
ATOM   911  C C   . GLY B 1 26  ? 6.941   -19.809 -4.318  1.00 37.44 ? 18  GLY B C   1 
ATOM   912  O O   . GLY B 1 26  ? 5.734   -19.734 -4.539  1.00 39.27 ? 18  GLY B O   1 
ATOM   913  N N   . ALA B 1 27  ? 7.442   -20.015 -3.106  1.00 38.92 ? 19  ALA B N   1 
ATOM   914  C CA  . ALA B 1 27  ? 6.600   -20.110 -1.926  1.00 40.05 ? 19  ALA B CA  1 
ATOM   915  C C   . ALA B 1 27  ? 5.854   -18.812 -1.713  1.00 41.92 ? 19  ALA B C   1 
ATOM   916  O O   . ALA B 1 27  ? 4.775   -18.803 -1.132  1.00 44.48 ? 19  ALA B O   1 
ATOM   917  C CB  . ALA B 1 27  ? 7.436   -20.448 -0.696  1.00 36.32 ? 19  ALA B CB  1 
ATOM   918  N N   . HIS B 1 28  ? 6.433   -17.713 -2.188  1.00 42.71 ? 20  HIS B N   1 
ATOM   919  C CA  . HIS B 1 28  ? 5.831   -16.400 -1.996  1.00 39.35 ? 20  HIS B CA  1 
ATOM   920  C C   . HIS B 1 28  ? 5.195   -15.840 -3.259  1.00 40.81 ? 20  HIS B C   1 
ATOM   921  O O   . HIS B 1 28  ? 5.117   -14.631 -3.438  1.00 43.63 ? 20  HIS B O   1 
ATOM   922  C CB  . HIS B 1 28  ? 6.876   -15.436 -1.465  1.00 37.67 ? 20  HIS B CB  1 
ATOM   923  C CG  . HIS B 1 28  ? 7.534   -15.916 -0.214  1.00 45.06 ? 20  HIS B CG  1 
ATOM   924  N ND1 . HIS B 1 28  ? 6.818   -16.246 0.916   1.00 47.95 ? 20  HIS B ND1 1 
ATOM   925  C CD2 . HIS B 1 28  ? 8.837   -16.136 0.083   1.00 45.56 ? 20  HIS B CD2 1 
ATOM   926  C CE1 . HIS B 1 28  ? 7.654   -16.640 1.863   1.00 46.97 ? 20  HIS B CE1 1 
ATOM   927  N NE2 . HIS B 1 28  ? 8.883   -16.583 1.383   1.00 44.42 ? 20  HIS B NE2 1 
ATOM   928  N N   . LYS B 1 29  ? 4.717   -16.726 -4.126  1.00 39.48 ? 21  LYS B N   1 
ATOM   929  C CA  . LYS B 1 29  ? 4.084   -16.296 -5.360  1.00 38.45 ? 21  LYS B CA  1 
ATOM   930  C C   . LYS B 1 29  ? 2.805   -15.502 -5.113  1.00 45.27 ? 21  LYS B C   1 
ATOM   931  O O   . LYS B 1 29  ? 2.614   -14.433 -5.692  1.00 46.46 ? 21  LYS B O   1 
ATOM   932  C CB  . LYS B 1 29  ? 3.751   -17.486 -6.243  1.00 37.27 ? 21  LYS B CB  1 
ATOM   933  C CG  . LYS B 1 29  ? 3.288   -17.078 -7.607  1.00 38.04 ? 21  LYS B CG  1 
ATOM   934  C CD  . LYS B 1 29  ? 2.727   -18.243 -8.370  1.00 39.81 ? 21  LYS B CD  1 
ATOM   935  C CE  . LYS B 1 29  ? 1.307   -18.515 -7.937  1.00 47.19 ? 21  LYS B CE  1 
ATOM   936  N NZ  . LYS B 1 29  ? 0.574   -19.325 -8.948  1.00 54.87 ? 21  LYS B NZ  1 
ATOM   937  N N   . GLU B 1 30  ? 1.913   -16.044 -4.289  1.00 46.51 ? 22  GLU B N   1 
ATOM   938  C CA  . GLU B 1 30  ? 0.604   -15.423 -4.092  1.00 42.70 ? 22  GLU B CA  1 
ATOM   939  C C   . GLU B 1 30  ? 0.784   -14.048 -3.465  1.00 40.97 ? 22  GLU B C   1 
ATOM   940  O O   . GLU B 1 30  ? 0.055   -13.118 -3.785  1.00 46.02 ? 22  GLU B O   1 
ATOM   941  C CB  . GLU B 1 30  ? -0.302  -16.302 -3.230  1.00 39.79 ? 22  GLU B CB  1 
ATOM   942  N N   . PHE B 1 31  ? 1.780   -13.910 -2.601  1.00 33.79 ? 23  PHE B N   1 
ATOM   943  C CA  . PHE B 1 31  ? 2.090   -12.611 -2.026  1.00 35.73 ? 23  PHE B CA  1 
ATOM   944  C C   . PHE B 1 31  ? 2.430   -11.607 -3.110  1.00 40.88 ? 23  PHE B C   1 
ATOM   945  O O   . PHE B 1 31  ? 1.801   -10.553 -3.215  1.00 43.60 ? 23  PHE B O   1 
ATOM   946  C CB  . PHE B 1 31  ? 3.262   -12.707 -1.047  1.00 33.46 ? 23  PHE B CB  1 
ATOM   947  C CG  . PHE B 1 31  ? 3.892   -11.371 -0.711  1.00 38.68 ? 23  PHE B CG  1 
ATOM   948  C CD1 . PHE B 1 31  ? 3.307   -10.525 0.218   1.00 42.19 ? 23  PHE B CD1 1 
ATOM   949  C CD2 . PHE B 1 31  ? 5.072   -10.975 -1.305  1.00 37.65 ? 23  PHE B CD2 1 
ATOM   950  C CE1 . PHE B 1 31  ? 3.884   -9.309  0.530   1.00 41.68 ? 23  PHE B CE1 1 
ATOM   951  C CE2 . PHE B 1 31  ? 5.658   -9.760  -1.000  1.00 38.01 ? 23  PHE B CE2 1 
ATOM   952  C CZ  . PHE B 1 31  ? 5.067   -8.928  -0.081  1.00 45.73 ? 23  PHE B CZ  1 
ATOM   953  N N   . ALA B 1 32  ? 3.440   -11.951 -3.908  1.00 38.36 ? 24  ALA B N   1 
ATOM   954  C CA  . ALA B 1 32  ? 3.970   -11.059 -4.927  1.00 36.70 ? 24  ALA B CA  1 
ATOM   955  C C   . ALA B 1 32  ? 2.889   -10.620 -5.900  1.00 31.35 ? 24  ALA B C   1 
ATOM   956  O O   . ALA B 1 32  ? 2.787   -9.450  -6.224  1.00 30.71 ? 24  ALA B O   1 
ATOM   957  C CB  . ALA B 1 32  ? 5.114   -11.727 -5.673  1.00 33.67 ? 24  ALA B CB  1 
ATOM   958  N N   . THR B 1 33  ? 2.078   -11.563 -6.357  1.00 35.15 ? 25  THR B N   1 
ATOM   959  C CA  . THR B 1 33  ? 1.048   -11.254 -7.331  1.00 35.52 ? 25  THR B CA  1 
ATOM   960  C C   . THR B 1 33  ? -0.090  -10.444 -6.711  1.00 36.89 ? 25  THR B C   1 
ATOM   961  O O   . THR B 1 33  ? -0.785  -9.707  -7.407  1.00 34.27 ? 25  THR B O   1 
ATOM   962  C CB  . THR B 1 33  ? 0.484   -12.528 -7.962  1.00 34.11 ? 25  THR B CB  1 
ATOM   963  O OG1 . THR B 1 33  ? 0.168   -13.460 -6.930  1.00 38.17 ? 25  THR B OG1 1 
ATOM   964  C CG2 . THR B 1 33  ? 1.517   -13.154 -8.871  1.00 36.67 ? 25  THR B CG2 1 
ATOM   965  N N   . ASP B 1 34  ? -0.278  -10.583 -5.403  1.00 35.81 ? 26  ASP B N   1 
ATOM   966  C CA  . ASP B 1 34  ? -1.305  -9.817  -4.709  1.00 38.86 ? 26  ASP B CA  1 
ATOM   967  C C   . ASP B 1 34  ? -0.906  -8.350  -4.704  1.00 33.78 ? 26  ASP B C   1 
ATOM   968  O O   . ASP B 1 34  ? -1.729  -7.456  -4.870  1.00 34.20 ? 26  ASP B O   1 
ATOM   969  C CB  . ASP B 1 34  ? -1.500  -10.322 -3.271  1.00 34.19 ? 26  ASP B CB  1 
ATOM   970  C CG  . ASP B 1 34  ? -2.274  -9.342  -2.417  1.00 38.31 ? 26  ASP B CG  1 
ATOM   971  O OD1 . ASP B 1 34  ? -3.522  -9.365  -2.487  1.00 42.10 ? 26  ASP B OD1 1 
ATOM   972  O OD2 . ASP B 1 34  ? -1.635  -8.541  -1.693  1.00 37.40 ? 26  ASP B OD2 1 
ATOM   973  N N   . LEU B 1 35  ? 0.376   -8.124  -4.493  1.00 31.86 ? 27  LEU B N   1 
ATOM   974  C CA  . LEU B 1 35  ? 0.947   -6.801  -4.551  1.00 31.18 ? 27  LEU B CA  1 
ATOM   975  C C   . LEU B 1 35  ? 0.773   -6.179  -5.949  1.00 32.09 ? 27  LEU B C   1 
ATOM   976  O O   . LEU B 1 35  ? 0.418   -5.011  -6.061  1.00 26.82 ? 27  LEU B O   1 
ATOM   977  C CB  . LEU B 1 35  ? 2.416   -6.889  -4.138  1.00 29.37 ? 27  LEU B CB  1 
ATOM   978  C CG  . LEU B 1 35  ? 3.413   -5.734  -4.162  1.00 34.97 ? 27  LEU B CG  1 
ATOM   979  C CD1 . LEU B 1 35  ? 2.794   -4.387  -3.887  1.00 33.81 ? 27  LEU B CD1 1 
ATOM   980  C CD2 . LEU B 1 35  ? 4.468   -6.037  -3.107  1.00 36.92 ? 27  LEU B CD2 1 
ATOM   981  N N   . LEU B 1 36  ? 0.980   -6.965  -7.009  1.00 28.63 ? 28  LEU B N   1 
ATOM   982  C CA  . LEU B 1 36  ? 0.881   -6.428  -8.365  1.00 26.71 ? 28  LEU B CA  1 
ATOM   983  C C   . LEU B 1 36  ? -0.568  -6.065  -8.702  1.00 27.27 ? 28  LEU B C   1 
ATOM   984  O O   . LEU B 1 36  ? -0.828  -5.009  -9.284  1.00 25.20 ? 28  LEU B O   1 
ATOM   985  C CB  . LEU B 1 36  ? 1.443   -7.422  -9.396  1.00 27.16 ? 28  LEU B CB  1 
ATOM   986  C CG  . LEU B 1 36  ? 2.952   -7.710  -9.301  1.00 32.05 ? 28  LEU B CG  1 
ATOM   987  C CD1 . LEU B 1 36  ? 3.295   -9.004  -10.025 1.00 30.14 ? 28  LEU B CD1 1 
ATOM   988  C CD2 . LEU B 1 36  ? 3.804   -6.562  -9.847  1.00 22.05 ? 28  LEU B CD2 1 
ATOM   989  N N   . ASP B 1 37  ? -1.506  -6.934  -8.330  1.00 27.63 ? 29  ASP B N   1 
ATOM   990  C CA  . ASP B 1 37  ? -2.927  -6.673  -8.531  1.00 27.90 ? 29  ASP B CA  1 
ATOM   991  C C   . ASP B 1 37  ? -3.347  -5.382  -7.830  1.00 26.74 ? 29  ASP B C   1 
ATOM   992  O O   . ASP B 1 37  ? -3.913  -4.508  -8.454  1.00 25.98 ? 29  ASP B O   1 
ATOM   993  C CB  . ASP B 1 37  ? -3.765  -7.846  -8.024  1.00 28.52 ? 29  ASP B CB  1 
ATOM   994  C CG  . ASP B 1 37  ? -3.544  -9.121  -8.829  1.00 38.58 ? 29  ASP B CG  1 
ATOM   995  O OD1 . ASP B 1 37  ? -3.332  -9.035  -10.064 1.00 40.92 ? 29  ASP B OD1 1 
ATOM   996  O OD2 . ASP B 1 37  ? -3.587  -10.213 -8.224  1.00 38.62 ? 29  ASP B OD2 1 
ATOM   997  N N   . ARG B 1 38  ? -3.027  -5.265  -6.544  1.00 25.23 ? 30  ARG B N   1 
ATOM   998  C CA  . ARG B 1 38  ? -3.362  -4.082  -5.749  1.00 30.25 ? 30  ARG B CA  1 
ATOM   999  C C   . ARG B 1 38  ? -2.724  -2.805  -6.292  1.00 31.61 ? 30  ARG B C   1 
ATOM   1000 O O   . ARG B 1 38  ? -3.291  -1.716  -6.170  1.00 30.96 ? 30  ARG B O   1 
ATOM   1001 C CB  . ARG B 1 38  ? -2.919  -4.269  -4.292  1.00 28.26 ? 30  ARG B CB  1 
ATOM   1002 C CG  . ARG B 1 38  ? -3.792  -5.169  -3.465  1.00 29.26 ? 30  ARG B CG  1 
ATOM   1003 C CD  . ARG B 1 38  ? -3.186  -5.381  -2.077  1.00 27.16 ? 30  ARG B CD  1 
ATOM   1004 N NE  . ARG B 1 38  ? -4.184  -5.542  -1.019  1.00 37.38 ? 30  ARG B NE  1 
ATOM   1005 C CZ  . ARG B 1 38  ? -5.067  -6.533  -0.960  1.00 38.20 ? 30  ARG B CZ  1 
ATOM   1006 N NH1 . ARG B 1 38  ? -5.094  -7.458  -1.905  1.00 43.25 ? 30  ARG B NH1 1 
ATOM   1007 N NH2 . ARG B 1 38  ? -5.928  -6.603  0.041   1.00 38.16 ? 30  ARG B NH2 1 
ATOM   1008 N N   . ALA B 1 39  ? -1.529  -2.932  -6.859  1.00 25.09 ? 31  ALA B N   1 
ATOM   1009 C CA  . ALA B 1 39  ? -0.849  -1.779  -7.425  1.00 27.48 ? 31  ALA B CA  1 
ATOM   1010 C C   . ALA B 1 39  ? -1.464  -1.391  -8.758  1.00 23.72 ? 31  ALA B C   1 
ATOM   1011 O O   . ALA B 1 39  ? -1.208  -0.306  -9.264  1.00 26.78 ? 31  ALA B O   1 
ATOM   1012 C CB  . ALA B 1 39  ? 0.616   -2.051  -7.580  1.00 24.77 ? 31  ALA B CB  1 
ATOM   1013 N N   . GLY B 1 40  ? -2.283  -2.278  -9.313  1.00 24.80 ? 32  GLY B N   1 
ATOM   1014 C CA  . GLY B 1 40  ? -2.997  -1.999  -10.547 1.00 24.23 ? 32  GLY B CA  1 
ATOM   1015 C C   . GLY B 1 40  ? -2.361  -2.537  -11.819 1.00 29.85 ? 32  GLY B C   1 
ATOM   1016 O O   . GLY B 1 40  ? -2.697  -2.097  -12.913 1.00 32.27 ? 32  GLY B O   1 
ATOM   1017 N N   . VAL B 1 41  ? -1.448  -3.489  -11.692 1.00 26.33 ? 33  VAL B N   1 
ATOM   1018 C CA  . VAL B 1 41  ? -0.811  -4.067  -12.866 1.00 31.10 ? 33  VAL B CA  1 
ATOM   1019 C C   . VAL B 1 41  ? -1.801  -4.943  -13.632 1.00 33.92 ? 33  VAL B C   1 
ATOM   1020 O O   . VAL B 1 41  ? -2.420  -5.843  -13.059 1.00 31.70 ? 33  VAL B O   1 
ATOM   1021 C CB  . VAL B 1 41  ? 0.428   -4.882  -12.489 1.00 27.32 ? 33  VAL B CB  1 
ATOM   1022 C CG1 . VAL B 1 41  ? 1.046   -5.520  -13.732 1.00 25.91 ? 33  VAL B CG1 1 
ATOM   1023 C CG2 . VAL B 1 41  ? 1.427   -3.988  -11.795 1.00 27.24 ? 33  VAL B CG2 1 
ATOM   1024 N N   . LYS B 1 42  ? -1.910  -4.679  -14.933 1.00 32.59 ? 34  LYS B N   1 
ATOM   1025 C CA  . LYS B 1 42  ? -2.953  -5.244  -15.793 1.00 40.47 ? 34  LYS B CA  1 
ATOM   1026 C C   . LYS B 1 42  ? -2.850  -6.758  -16.002 1.00 37.90 ? 34  LYS B C   1 
ATOM   1027 O O   . LYS B 1 42  ? -3.841  -7.467  -15.902 1.00 44.63 ? 34  LYS B O   1 
ATOM   1028 C CB  . LYS B 1 42  ? -2.930  -4.535  -17.149 1.00 41.85 ? 34  LYS B CB  1 
ATOM   1029 C CG  . LYS B 1 42  ? -3.178  -3.028  -17.084 1.00 43.78 ? 34  LYS B CG  1 
ATOM   1030 C CD  . LYS B 1 42  ? -3.166  -2.422  -18.484 1.00 56.39 ? 34  LYS B CD  1 
ATOM   1031 C CE  . LYS B 1 42  ? -3.619  -0.966  -18.508 1.00 54.50 ? 34  LYS B CE  1 
ATOM   1032 N NZ  . LYS B 1 42  ? -3.694  -0.451  -19.916 1.00 54.40 ? 34  LYS B NZ  1 
ATOM   1033 N N   . GLY B 1 43  ? -1.661  -7.245  -16.321 1.00 36.23 ? 35  GLY B N   1 
ATOM   1034 C CA  . GLY B 1 43  ? -1.422  -8.670  -16.433 1.00 37.03 ? 35  GLY B CA  1 
ATOM   1035 C C   . GLY B 1 43  ? 0.003   -8.958  -15.989 1.00 37.27 ? 35  GLY B C   1 
ATOM   1036 O O   . GLY B 1 43  ? 0.742   -8.041  -15.625 1.00 34.84 ? 35  GLY B O   1 
ATOM   1037 N N   . TYR B 1 44  ? 0.390   -10.227 -15.994 1.00 26.52 ? 36  TYR B N   1 
ATOM   1038 C CA  . TYR B 1 44  ? 1.777   -10.592 -15.761 1.00 26.47 ? 36  TYR B CA  1 
ATOM   1039 C C   . TYR B 1 44  ? 1.948   -12.022 -16.213 1.00 29.66 ? 36  TYR B C   1 
ATOM   1040 O O   . TYR B 1 44  ? 0.975   -12.713 -16.521 1.00 25.37 ? 36  TYR B O   1 
ATOM   1041 C CB  . TYR B 1 44  ? 2.195   -10.423 -14.287 1.00 24.22 ? 36  TYR B CB  1 
ATOM   1042 C CG  . TYR B 1 44  ? 1.220   -11.005 -13.292 1.00 27.36 ? 36  TYR B CG  1 
ATOM   1043 C CD1 . TYR B 1 44  ? 1.245   -12.348 -12.976 1.00 33.07 ? 36  TYR B CD1 1 
ATOM   1044 C CD2 . TYR B 1 44  ? 0.256   -10.210 -12.688 1.00 33.52 ? 36  TYR B CD2 1 
ATOM   1045 C CE1 . TYR B 1 44  ? 0.345   -12.889 -12.085 1.00 38.88 ? 36  TYR B CE1 1 
ATOM   1046 C CE2 . TYR B 1 44  ? -0.651  -10.743 -11.796 1.00 37.05 ? 36  TYR B CE2 1 
ATOM   1047 C CZ  . TYR B 1 44  ? -0.598  -12.082 -11.499 1.00 38.17 ? 36  TYR B CZ  1 
ATOM   1048 O OH  . TYR B 1 44  ? -1.489  -12.625 -10.613 1.00 47.91 ? 36  TYR B OH  1 
ATOM   1049 N N   . THR B 1 45  ? 3.196   -12.457 -16.264 1.00 23.16 ? 37  THR B N   1 
ATOM   1050 C CA  . THR B 1 45  ? 3.509   -13.802 -16.685 1.00 23.64 ? 37  THR B CA  1 
ATOM   1051 C C   . THR B 1 45  ? 4.470   -14.368 -15.683 1.00 21.94 ? 37  THR B C   1 
ATOM   1052 O O   . THR B 1 45  ? 5.304   -13.645 -15.143 1.00 24.22 ? 37  THR B O   1 
ATOM   1053 C CB  . THR B 1 45  ? 4.091   -13.817 -18.112 1.00 24.29 ? 37  THR B CB  1 
ATOM   1054 O OG1 . THR B 1 45  ? 3.080   -13.340 -19.002 1.00 31.79 ? 37  THR B OG1 1 
ATOM   1055 C CG2 . THR B 1 45  ? 4.437   -15.214 -18.534 1.00 30.30 ? 37  THR B CG2 1 
ATOM   1056 N N   . ILE B 1 46  ? 4.338   -15.658 -15.402 1.00 25.27 ? 38  ILE B N   1 
ATOM   1057 C CA  . ILE B 1 46  ? 5.222   -16.303 -14.457 1.00 23.79 ? 38  ILE B CA  1 
ATOM   1058 C C   . ILE B 1 46  ? 6.036   -17.414 -15.085 1.00 23.66 ? 38  ILE B C   1 
ATOM   1059 O O   . ILE B 1 46  ? 5.493   -18.322 -15.708 1.00 25.10 ? 38  ILE B O   1 
ATOM   1060 C CB  . ILE B 1 46  ? 4.440   -16.856 -13.289 1.00 27.86 ? 38  ILE B CB  1 
ATOM   1061 C CG1 . ILE B 1 46  ? 3.627   -15.723 -12.654 1.00 23.08 ? 38  ILE B CG1 1 
ATOM   1062 C CG2 . ILE B 1 46  ? 5.396   -17.496 -12.283 1.00 23.53 ? 38  ILE B CG2 1 
ATOM   1063 C CD1 . ILE B 1 46  ? 3.058   -16.052 -11.313 1.00 24.51 ? 38  ILE B CD1 1 
ATOM   1064 N N   . VAL B 1 47  ? 7.350   -17.315 -14.930 1.00 21.59 ? 39  VAL B N   1 
ATOM   1065 C CA  . VAL B 1 47  ? 8.265   -18.337 -15.409 1.00 23.62 ? 39  VAL B CA  1 
ATOM   1066 C C   . VAL B 1 47  ? 8.668   -19.249 -14.260 1.00 27.03 ? 39  VAL B C   1 
ATOM   1067 O O   . VAL B 1 47  ? 9.225   -18.782 -13.272 1.00 24.85 ? 39  VAL B O   1 
ATOM   1068 C CB  . VAL B 1 47  ? 9.536   -17.725 -16.020 1.00 26.52 ? 39  VAL B CB  1 
ATOM   1069 C CG1 . VAL B 1 47  ? 10.460  -18.829 -16.538 1.00 24.64 ? 39  VAL B CG1 1 
ATOM   1070 C CG2 . VAL B 1 47  ? 9.184   -16.727 -17.110 1.00 22.80 ? 39  VAL B CG2 1 
ATOM   1071 N N   . GLY B 1 48  ? 8.399   -20.544 -14.390 1.00 27.99 ? 40  GLY B N   1 
ATOM   1072 C CA  . GLY B 1 48  ? 8.713   -21.480 -13.324 1.00 26.46 ? 40  GLY B CA  1 
ATOM   1073 C C   . GLY B 1 48  ? 10.088  -22.118 -13.439 1.00 32.37 ? 40  GLY B C   1 
ATOM   1074 O O   . GLY B 1 48  ? 10.779  -21.942 -14.436 1.00 32.02 ? 40  GLY B O   1 
ATOM   1075 N N   . ASN B 1 49  ? 10.487  -22.844 -12.397 1.00 32.39 ? 41  ASN B N   1 
ATOM   1076 C CA  . ASN B 1 49  ? 11.692  -23.682 -12.411 1.00 36.19 ? 41  ASN B CA  1 
ATOM   1077 C C   . ASN B 1 49  ? 12.964  -22.903 -12.692 1.00 37.36 ? 41  ASN B C   1 
ATOM   1078 O O   . ASN B 1 49  ? 13.666  -23.138 -13.679 1.00 40.65 ? 41  ASN B O   1 
ATOM   1079 C CB  . ASN B 1 49  ? 11.553  -24.818 -13.424 1.00 40.73 ? 41  ASN B CB  1 
ATOM   1080 C CG  . ASN B 1 49  ? 11.811  -26.181 -12.798 1.00 50.70 ? 41  ASN B CG  1 
ATOM   1081 O OD1 . ASN B 1 49  ? 10.969  -26.705 -12.057 1.00 54.86 ? 41  ASN B OD1 1 
ATOM   1082 N ND2 . ASN B 1 49  ? 12.983  -26.756 -13.073 1.00 47.66 ? 41  ASN B ND2 1 
ATOM   1083 N N   . LEU B 1 50  ? 13.218  -21.950 -11.812 1.00 35.27 ? 42  LEU B N   1 
ATOM   1084 C CA  . LEU B 1 50  ? 14.461  -21.218 -11.758 1.00 32.94 ? 42  LEU B CA  1 
ATOM   1085 C C   . LEU B 1 50  ? 15.193  -21.715 -10.533 1.00 25.59 ? 42  LEU B C   1 
ATOM   1086 O O   . LEU B 1 50  ? 14.568  -22.157 -9.585  1.00 26.63 ? 42  LEU B O   1 
ATOM   1087 C CB  . LEU B 1 50  ? 14.220  -19.707 -11.654 1.00 27.43 ? 42  LEU B CB  1 
ATOM   1088 C CG  . LEU B 1 50  ? 13.934  -18.901 -12.921 1.00 31.69 ? 42  LEU B CG  1 
ATOM   1089 C CD1 . LEU B 1 50  ? 12.705  -19.410 -13.640 1.00 28.63 ? 42  LEU B CD1 1 
ATOM   1090 C CD2 . LEU B 1 50  ? 13.789  -17.420 -12.576 1.00 28.94 ? 42  LEU B CD2 1 
ATOM   1091 N N   . SER B 1 51  ? 16.514  -21.647 -10.562 1.00 27.50 ? 43  SER B N   1 
ATOM   1092 C CA  . SER B 1 51  ? 17.325  -21.877 -9.381  1.00 29.06 ? 43  SER B CA  1 
ATOM   1093 C C   . SER B 1 51  ? 18.344  -20.762 -9.340  1.00 30.30 ? 43  SER B C   1 
ATOM   1094 O O   . SER B 1 51  ? 18.499  -20.044 -10.337 1.00 29.96 ? 43  SER B O   1 
ATOM   1095 C CB  . SER B 1 51  ? 18.006  -23.239 -9.431  1.00 31.56 ? 43  SER B CB  1 
ATOM   1096 O OG  . SER B 1 51  ? 18.912  -23.295 -10.519 1.00 29.30 ? 43  SER B OG  1 
ATOM   1097 N N   . GLY B 1 52  ? 19.027  -20.595 -8.208  1.00 32.47 ? 44  GLY B N   1 
ATOM   1098 C CA  . GLY B 1 52  ? 20.052  -19.569 -8.101  1.00 35.70 ? 44  GLY B CA  1 
ATOM   1099 C C   . GLY B 1 52  ? 21.188  -19.897 -7.148  1.00 47.67 ? 44  GLY B C   1 
ATOM   1100 O O   . GLY B 1 52  ? 21.103  -20.849 -6.374  1.00 53.30 ? 44  GLY B O   1 
ATOM   1101 N N   . LYS B 1 53  ? 22.260  -19.110 -7.209  1.00 43.52 ? 45  LYS B N   1 
ATOM   1102 C CA  . LYS B 1 53  ? 23.314  -19.163 -6.194  1.00 54.75 ? 45  LYS B CA  1 
ATOM   1103 C C   . LYS B 1 53  ? 23.868  -17.762 -5.985  1.00 54.86 ? 45  LYS B C   1 
ATOM   1104 O O   . LYS B 1 53  ? 23.700  -16.890 -6.843  1.00 47.97 ? 45  LYS B O   1 
ATOM   1105 C CB  . LYS B 1 53  ? 24.438  -20.130 -6.589  1.00 51.43 ? 45  LYS B CB  1 
ATOM   1106 N N   . LEU B 1 63  ? 21.102  -11.889 2.085   1.00 56.36 ? 55  LEU B N   1 
ATOM   1107 C CA  . LEU B 1 63  ? 19.865  -12.430 1.534   1.00 55.27 ? 55  LEU B CA  1 
ATOM   1108 C C   . LEU B 1 63  ? 20.082  -12.939 0.113   1.00 61.28 ? 55  LEU B C   1 
ATOM   1109 O O   . LEU B 1 63  ? 19.484  -12.428 -0.838  1.00 59.71 ? 55  LEU B O   1 
ATOM   1110 C CB  . LEU B 1 63  ? 18.760  -11.369 1.552   1.00 59.64 ? 55  LEU B CB  1 
ATOM   1111 N N   . MET B 1 64  ? 20.937  -13.950 -0.026  1.00 57.21 ? 56  MET B N   1 
ATOM   1112 C CA  . MET B 1 64  ? 21.294  -14.474 -1.339  1.00 60.91 ? 56  MET B CA  1 
ATOM   1113 C C   . MET B 1 64  ? 20.536  -15.762 -1.659  1.00 59.65 ? 56  MET B C   1 
ATOM   1114 O O   . MET B 1 64  ? 20.128  -16.495 -0.758  1.00 63.62 ? 56  MET B O   1 
ATOM   1115 C CB  . MET B 1 64  ? 22.808  -14.718 -1.425  1.00 57.48 ? 56  MET B CB  1 
ATOM   1116 N N   . PHE B 1 65  ? 20.340  -16.017 -2.948  1.00 54.77 ? 57  PHE B N   1 
ATOM   1117 C CA  . PHE B 1 65  ? 19.751  -17.268 -3.410  1.00 54.89 ? 57  PHE B CA  1 
ATOM   1118 C C   . PHE B 1 65  ? 20.644  -18.431 -3.041  1.00 64.95 ? 57  PHE B C   1 
ATOM   1119 O O   . PHE B 1 65  ? 21.820  -18.457 -3.415  1.00 69.49 ? 57  PHE B O   1 
ATOM   1120 C CB  . PHE B 1 65  ? 19.545  -17.233 -4.915  1.00 47.10 ? 57  PHE B CB  1 
ATOM   1121 C CG  . PHE B 1 65  ? 18.494  -16.267 -5.344  1.00 46.93 ? 57  PHE B CG  1 
ATOM   1122 C CD1 . PHE B 1 65  ? 17.325  -16.134 -4.608  1.00 44.52 ? 57  PHE B CD1 1 
ATOM   1123 C CD2 . PHE B 1 65  ? 18.676  -15.476 -6.470  1.00 38.22 ? 57  PHE B CD2 1 
ATOM   1124 C CE1 . PHE B 1 65  ? 16.342  -15.244 -4.999  1.00 39.61 ? 57  PHE B CE1 1 
ATOM   1125 C CE2 . PHE B 1 65  ? 17.704  -14.580 -6.860  1.00 38.57 ? 57  PHE B CE2 1 
ATOM   1126 C CZ  . PHE B 1 65  ? 16.534  -14.466 -6.121  1.00 34.87 ? 57  PHE B CZ  1 
ATOM   1127 N N   . ASN B 1 66  ? 20.094  -19.403 -2.321  1.00 68.27 ? 58  ASN B N   1 
ATOM   1128 C CA  . ASN B 1 66  ? 20.936  -20.434 -1.741  1.00 69.20 ? 58  ASN B CA  1 
ATOM   1129 C C   . ASN B 1 66  ? 20.587  -21.843 -2.218  1.00 70.18 ? 58  ASN B C   1 
ATOM   1130 O O   . ASN B 1 66  ? 20.189  -22.689 -1.417  1.00 74.97 ? 58  ASN B O   1 
ATOM   1131 C CB  . ASN B 1 66  ? 20.870  -20.348 -0.206  1.00 76.17 ? 58  ASN B CB  1 
ATOM   1132 C CG  . ASN B 1 66  ? 22.245  -20.459 0.450   1.00 84.78 ? 58  ASN B CG  1 
ATOM   1133 O OD1 . ASN B 1 66  ? 23.054  -21.319 0.087   1.00 86.37 ? 58  ASN B OD1 1 
ATOM   1134 N ND2 . ASN B 1 66  ? 22.519  -19.575 1.409   1.00 82.99 ? 58  ASN B ND2 1 
ATOM   1135 N N   . GLU B 1 67  ? 20.728  -22.078 -3.525  1.00 66.38 ? 59  GLU B N   1 
ATOM   1136 C CA  . GLU B 1 67  ? 20.747  -23.431 -4.108  1.00 65.75 ? 59  GLU B CA  1 
ATOM   1137 C C   . GLU B 1 67  ? 19.502  -24.297 -3.851  1.00 64.40 ? 59  GLU B C   1 
ATOM   1138 O O   . GLU B 1 67  ? 18.971  -24.927 -4.764  1.00 62.83 ? 59  GLU B O   1 
ATOM   1139 C CB  . GLU B 1 67  ? 21.990  -24.173 -3.597  1.00 74.19 ? 59  GLU B CB  1 
ATOM   1140 C CG  . GLU B 1 67  ? 23.261  -23.340 -3.613  1.00 75.97 ? 59  GLU B CG  1 
ATOM   1141 C CD  . GLU B 1 67  ? 24.473  -24.121 -3.163  1.00 88.92 ? 59  GLU B CD  1 
ATOM   1142 O OE1 . GLU B 1 67  ? 24.307  -25.278 -2.720  1.00 94.02 ? 59  GLU B OE1 1 
ATOM   1143 O OE2 . GLU B 1 67  ? 25.588  -23.566 -3.218  1.00 88.82 ? 59  GLU B OE2 1 
ATOM   1144 N N   . ASP B 1 68  ? 19.056  -24.339 -2.601  1.00 64.41 ? 60  ASP B N   1 
ATOM   1145 C CA  . ASP B 1 68  ? 17.856  -25.077 -2.216  1.00 58.05 ? 60  ASP B CA  1 
ATOM   1146 C C   . ASP B 1 68  ? 16.581  -24.310 -2.544  1.00 49.38 ? 60  ASP B C   1 
ATOM   1147 O O   . ASP B 1 68  ? 15.511  -24.615 -2.027  1.00 50.97 ? 60  ASP B O   1 
ATOM   1148 C CB  . ASP B 1 68  ? 17.877  -25.383 -0.714  1.00 61.75 ? 60  ASP B CB  1 
ATOM   1149 C CG  . ASP B 1 68  ? 19.039  -26.258 -0.311  1.00 69.91 ? 60  ASP B CG  1 
ATOM   1150 O OD1 . ASP B 1 68  ? 19.583  -26.964 -1.185  1.00 75.48 ? 60  ASP B OD1 1 
ATOM   1151 O OD2 . ASP B 1 68  ? 19.396  -26.250 0.887   1.00 76.04 ? 60  ASP B OD2 1 
ATOM   1152 N N   . ASP B 1 69  ? 16.699  -23.287 -3.377  1.00 49.20 ? 61  ASP B N   1 
ATOM   1153 C CA  . ASP B 1 69  ? 15.565  -22.423 -3.657  1.00 43.19 ? 61  ASP B CA  1 
ATOM   1154 C C   . ASP B 1 69  ? 14.846  -22.835 -4.920  1.00 36.34 ? 61  ASP B C   1 
ATOM   1155 O O   . ASP B 1 69  ? 15.442  -22.917 -5.987  1.00 35.49 ? 61  ASP B O   1 
ATOM   1156 C CB  . ASP B 1 69  ? 16.015  -20.966 -3.772  1.00 45.35 ? 61  ASP B CB  1 
ATOM   1157 C CG  . ASP B 1 69  ? 16.348  -20.346 -2.425  1.00 56.72 ? 61  ASP B CG  1 
ATOM   1158 O OD1 . ASP B 1 69  ? 15.872  -20.857 -1.380  1.00 54.78 ? 61  ASP B OD1 1 
ATOM   1159 O OD2 . ASP B 1 69  ? 17.088  -19.337 -2.418  1.00 59.23 ? 61  ASP B OD2 1 
ATOM   1160 N N   . ALA B 1 70  ? 13.559  -23.111 -4.797  1.00 35.00 ? 62  ALA B N   1 
ATOM   1161 C CA  . ALA B 1 70  ? 12.718  -23.156 -5.982  1.00 33.81 ? 62  ALA B CA  1 
ATOM   1162 C C   . ALA B 1 70  ? 12.329  -21.718 -6.264  1.00 33.83 ? 62  ALA B C   1 
ATOM   1163 O O   . ALA B 1 70  ? 11.613  -21.105 -5.471  1.00 30.02 ? 62  ALA B O   1 
ATOM   1164 C CB  . ALA B 1 70  ? 11.495  -24.035 -5.774  1.00 27.60 ? 62  ALA B CB  1 
ATOM   1165 N N   . LEU B 1 71  ? 12.831  -21.170 -7.369  1.00 32.63 ? 63  LEU B N   1 
ATOM   1166 C CA  . LEU B 1 71  ? 12.596  -19.765 -7.691  1.00 29.75 ? 63  LEU B CA  1 
ATOM   1167 C C   . LEU B 1 71  ? 11.612  -19.635 -8.831  1.00 25.63 ? 63  LEU B C   1 
ATOM   1168 O O   . LEU B 1 71  ? 11.422  -20.566 -9.600  1.00 27.73 ? 63  LEU B O   1 
ATOM   1169 C CB  . LEU B 1 71  ? 13.905  -19.065 -8.050  1.00 26.65 ? 63  LEU B CB  1 
ATOM   1170 C CG  . LEU B 1 71  ? 15.019  -19.079 -7.001  1.00 31.55 ? 63  LEU B CG  1 
ATOM   1171 C CD1 . LEU B 1 71  ? 16.252  -18.371 -7.544  1.00 26.19 ? 63  LEU B CD1 1 
ATOM   1172 C CD2 . LEU B 1 71  ? 14.548  -18.430 -5.695  1.00 31.40 ? 63  LEU B CD2 1 
ATOM   1173 N N   . ILE B 1 72  ? 10.980  -18.471 -8.925  1.00 27.95 ? 64  ILE B N   1 
ATOM   1174 C CA  . ILE B 1 72  ? 10.179  -18.116 -10.093 1.00 25.88 ? 64  ILE B CA  1 
ATOM   1175 C C   . ILE B 1 72  ? 10.535  -16.712 -10.548 1.00 21.90 ? 64  ILE B C   1 
ATOM   1176 O O   . ILE B 1 72  ? 11.123  -15.940 -9.807  1.00 23.17 ? 64  ILE B O   1 
ATOM   1177 C CB  . ILE B 1 72  ? 8.659   -18.167 -9.819  1.00 22.79 ? 64  ILE B CB  1 
ATOM   1178 C CG1 . ILE B 1 72  ? 8.285   -17.124 -8.768  1.00 22.84 ? 64  ILE B CG1 1 
ATOM   1179 C CG2 . ILE B 1 72  ? 8.224   -19.572 -9.395  1.00 23.71 ? 64  ILE B CG2 1 
ATOM   1180 C CD1 . ILE B 1 72  ? 6.811   -17.012 -8.552  1.00 26.89 ? 64  ILE B CD1 1 
ATOM   1181 N N   . MET B 1 73  ? 10.173  -16.388 -11.777 1.00 23.30 ? 65  MET B N   1 
ATOM   1182 C CA  . MET B 1 73  ? 10.308  -15.036 -12.274 1.00 22.33 ? 65  MET B CA  1 
ATOM   1183 C C   . MET B 1 73  ? 8.947   -14.541 -12.704 1.00 21.21 ? 65  MET B C   1 
ATOM   1184 O O   . MET B 1 73  ? 8.302   -15.154 -13.550 1.00 23.07 ? 65  MET B O   1 
ATOM   1185 C CB  . MET B 1 73  ? 11.286  -14.966 -13.444 1.00 22.10 ? 65  MET B CB  1 
ATOM   1186 C CG  . MET B 1 73  ? 11.331  -13.580 -14.108 1.00 23.30 ? 65  MET B CG  1 
ATOM   1187 S SD  . MET B 1 73  ? 12.462  -13.524 -15.508 1.00 30.88 ? 65  MET B SD  1 
ATOM   1188 C CE  . MET B 1 73  ? 14.009  -13.683 -14.668 1.00 25.75 ? 65  MET B CE  1 
ATOM   1189 N N   . ILE B 1 74  ? 8.493   -13.451 -12.099 1.00 21.12 ? 66  ILE B N   1 
ATOM   1190 C CA  . ILE B 1 74  ? 7.268   -12.807 -12.530 1.00 19.53 ? 66  ILE B CA  1 
ATOM   1191 C C   . ILE B 1 74  ? 7.629   -11.676 -13.491 1.00 22.41 ? 66  ILE B C   1 
ATOM   1192 O O   . ILE B 1 74  ? 8.466   -10.837 -13.180 1.00 24.75 ? 66  ILE B O   1 
ATOM   1193 C CB  . ILE B 1 74  ? 6.478   -12.263 -11.354 1.00 19.33 ? 66  ILE B CB  1 
ATOM   1194 C CG1 . ILE B 1 74  ? 6.119   -13.402 -10.406 1.00 21.25 ? 66  ILE B CG1 1 
ATOM   1195 C CG2 . ILE B 1 74  ? 5.200   -11.561 -11.839 1.00 17.04 ? 66  ILE B CG2 1 
ATOM   1196 C CD1 . ILE B 1 74  ? 5.784   -12.950 -9.029  1.00 22.55 ? 66  ILE B CD1 1 
ATOM   1197 N N   . ILE B 1 75  ? 7.024   -11.662 -14.666 1.00 19.11 ? 67  ILE B N   1 
ATOM   1198 C CA  . ILE B 1 75  ? 7.306   -10.596 -15.606 1.00 21.61 ? 67  ILE B CA  1 
ATOM   1199 C C   . ILE B 1 75  ? 6.100   -9.681  -15.724 1.00 22.48 ? 67  ILE B C   1 
ATOM   1200 O O   . ILE B 1 75  ? 4.974   -10.139 -15.914 1.00 23.97 ? 67  ILE B O   1 
ATOM   1201 C CB  . ILE B 1 75  ? 7.680   -11.142 -16.984 1.00 21.68 ? 67  ILE B CB  1 
ATOM   1202 C CG1 . ILE B 1 75  ? 8.951   -11.996 -16.879 1.00 18.81 ? 67  ILE B CG1 1 
ATOM   1203 C CG2 . ILE B 1 75  ? 7.849   -9.988  -17.987 1.00 19.67 ? 67  ILE B CG2 1 
ATOM   1204 C CD1 . ILE B 1 75  ? 9.330   -12.642 -18.183 1.00 25.87 ? 67  ILE B CD1 1 
ATOM   1205 N N   . ALA B 1 76  ? 6.338   -8.384  -15.598 1.00 19.98 ? 68  ALA B N   1 
ATOM   1206 C CA  . ALA B 1 76  ? 5.250   -7.424  -15.637 1.00 22.34 ? 68  ALA B CA  1 
ATOM   1207 C C   . ALA B 1 76  ? 5.696   -6.148  -16.332 1.00 22.59 ? 68  ALA B C   1 
ATOM   1208 O O   . ALA B 1 76  ? 6.702   -5.516  -15.965 1.00 18.54 ? 68  ALA B O   1 
ATOM   1209 C CB  . ALA B 1 76  ? 4.749   -7.128  -14.240 1.00 20.67 ? 68  ALA B CB  1 
ATOM   1210 N N   . ALA B 1 77  ? 4.952   -5.796  -17.367 1.00 19.74 ? 69  ALA B N   1 
ATOM   1211 C CA  . ALA B 1 77  ? 5.171   -4.548  -18.056 1.00 24.98 ? 69  ALA B CA  1 
ATOM   1212 C C   . ALA B 1 77  ? 4.242   -3.541  -17.419 1.00 26.49 ? 69  ALA B C   1 
ATOM   1213 O O   . ALA B 1 77  ? 3.072   -3.827  -17.203 1.00 24.63 ? 69  ALA B O   1 
ATOM   1214 C CB  . ALA B 1 77  ? 4.899   -4.681  -19.532 1.00 22.84 ? 69  ALA B CB  1 
ATOM   1215 N N   . VAL B 1 78  ? 4.762   -2.358  -17.139 1.00 24.67 ? 70  VAL B N   1 
ATOM   1216 C CA  . VAL B 1 78  ? 4.058   -1.440  -16.285 1.00 24.34 ? 70  VAL B CA  1 
ATOM   1217 C C   . VAL B 1 78  ? 4.368   0.009   -16.702 1.00 29.45 ? 70  VAL B C   1 
ATOM   1218 O O   . VAL B 1 78  ? 5.423   0.277   -17.304 1.00 23.48 ? 70  VAL B O   1 
ATOM   1219 C CB  . VAL B 1 78  ? 4.460   -1.727  -14.824 1.00 28.85 ? 70  VAL B CB  1 
ATOM   1220 C CG1 . VAL B 1 78  ? 5.677   -0.887  -14.381 1.00 23.76 ? 70  VAL B CG1 1 
ATOM   1221 C CG2 . VAL B 1 78  ? 3.298   -1.591  -13.928 1.00 33.39 ? 70  VAL B CG2 1 
ATOM   1222 N N   . PRO B 1 79  ? 3.423   0.938   -16.451 1.00 28.40 ? 71  PRO B N   1 
ATOM   1223 C CA  . PRO B 1 79  ? 3.726   2.364   -16.606 1.00 24.68 ? 71  PRO B CA  1 
ATOM   1224 C C   . PRO B 1 79  ? 4.834   2.779   -15.658 1.00 27.76 ? 71  PRO B C   1 
ATOM   1225 O O   . PRO B 1 79  ? 4.944   2.230   -14.564 1.00 27.49 ? 71  PRO B O   1 
ATOM   1226 C CB  . PRO B 1 79  ? 2.415   3.051   -16.235 1.00 29.48 ? 71  PRO B CB  1 
ATOM   1227 C CG  . PRO B 1 79  ? 1.365   2.032   -16.529 1.00 30.85 ? 71  PRO B CG  1 
ATOM   1228 C CD  . PRO B 1 79  ? 1.981   0.697   -16.246 1.00 27.56 ? 71  PRO B CD  1 
ATOM   1229 N N   . GLU B 1 80  ? 5.656   3.724   -16.083 1.00 25.43 ? 72  GLU B N   1 
ATOM   1230 C CA  . GLU B 1 80  ? 6.767   4.181   -15.277 1.00 27.38 ? 72  GLU B CA  1 
ATOM   1231 C C   . GLU B 1 80  ? 6.316   4.619   -13.892 1.00 29.01 ? 72  GLU B C   1 
ATOM   1232 O O   . GLU B 1 80  ? 7.038   4.416   -12.920 1.00 26.62 ? 72  GLU B O   1 
ATOM   1233 C CB  . GLU B 1 80  ? 7.491   5.325   -15.983 1.00 35.23 ? 72  GLU B CB  1 
ATOM   1234 C CG  . GLU B 1 80  ? 8.641   5.897   -15.195 1.00 41.26 ? 72  GLU B CG  1 
ATOM   1235 C CD  . GLU B 1 80  ? 9.436   6.919   -15.983 1.00 56.89 ? 72  GLU B CD  1 
ATOM   1236 O OE1 . GLU B 1 80  ? 9.007   7.276   -17.108 1.00 52.15 ? 72  GLU B OE1 1 
ATOM   1237 O OE2 . GLU B 1 80  ? 10.485  7.369   -15.465 1.00 62.17 ? 72  GLU B OE2 1 
ATOM   1238 N N   . GLU B 1 81  ? 5.113   5.193   -13.805 1.00 30.93 ? 73  GLU B N   1 
ATOM   1239 C CA  . GLU B 1 81  ? 4.579   5.710   -12.538 1.00 29.49 ? 73  GLU B CA  1 
ATOM   1240 C C   . GLU B 1 81  ? 4.438   4.622   -11.480 1.00 25.97 ? 73  GLU B C   1 
ATOM   1241 O O   . GLU B 1 81  ? 4.484   4.906   -10.300 1.00 29.09 ? 73  GLU B O   1 
ATOM   1242 C CB  . GLU B 1 81  ? 3.204   6.380   -12.732 1.00 34.95 ? 73  GLU B CB  1 
ATOM   1243 C CG  . GLU B 1 81  ? 3.116   7.393   -13.861 1.00 44.40 ? 73  GLU B CG  1 
ATOM   1244 C CD  . GLU B 1 81  ? 2.915   6.738   -15.224 1.00 44.62 ? 73  GLU B CD  1 
ATOM   1245 O OE1 . GLU B 1 81  ? 1.808   6.202   -15.484 1.00 48.89 ? 73  GLU B OE1 1 
ATOM   1246 O OE2 . GLU B 1 81  ? 3.872   6.750   -16.024 1.00 43.23 ? 73  GLU B OE2 1 
ATOM   1247 N N   . LEU B 1 82  ? 4.263   3.378   -11.897 1.00 25.68 ? 74  LEU B N   1 
ATOM   1248 C CA  . LEU B 1 82  ? 4.064   2.299   -10.936 1.00 25.26 ? 74  LEU B CA  1 
ATOM   1249 C C   . LEU B 1 82  ? 5.358   1.713   -10.359 1.00 26.60 ? 74  LEU B C   1 
ATOM   1250 O O   . LEU B 1 82  ? 5.314   0.946   -9.400  1.00 27.05 ? 74  LEU B O   1 
ATOM   1251 C CB  . LEU B 1 82  ? 3.259   1.167   -11.576 1.00 28.11 ? 74  LEU B CB  1 
ATOM   1252 C CG  . LEU B 1 82  ? 1.785   1.347   -11.934 1.00 30.76 ? 74  LEU B CG  1 
ATOM   1253 C CD1 . LEU B 1 82  ? 1.080   0.015   -11.864 1.00 27.86 ? 74  LEU B CD1 1 
ATOM   1254 C CD2 . LEU B 1 82  ? 1.097   2.350   -11.037 1.00 31.44 ? 74  LEU B CD2 1 
ATOM   1255 N N   . VAL B 1 83  ? 6.506   2.052   -10.942 1.00 29.20 ? 75  VAL B N   1 
ATOM   1256 C CA  . VAL B 1 83  ? 7.764   1.412   -10.550 1.00 27.93 ? 75  VAL B CA  1 
ATOM   1257 C C   . VAL B 1 83  ? 8.161   1.791   -9.123  1.00 27.09 ? 75  VAL B C   1 
ATOM   1258 O O   . VAL B 1 83  ? 8.470   0.923   -8.312  1.00 29.25 ? 75  VAL B O   1 
ATOM   1259 C CB  . VAL B 1 83  ? 8.945   1.771   -11.522 1.00 29.02 ? 75  VAL B CB  1 
ATOM   1260 C CG1 . VAL B 1 83  ? 10.288  1.435   -10.885 1.00 25.22 ? 75  VAL B CG1 1 
ATOM   1261 C CG2 . VAL B 1 83  ? 8.806   1.036   -12.843 1.00 23.51 ? 75  VAL B CG2 1 
ATOM   1262 N N   . GLY B 1 84  ? 8.162   3.086   -8.825  1.00 29.06 ? 76  GLY B N   1 
ATOM   1263 C CA  . GLY B 1 84  ? 8.447   3.558   -7.478  1.00 26.47 ? 76  GLY B CA  1 
ATOM   1264 C C   . GLY B 1 84  ? 7.634   2.854   -6.405  1.00 27.05 ? 76  GLY B C   1 
ATOM   1265 O O   . GLY B 1 84  ? 8.191   2.199   -5.539  1.00 29.18 ? 76  GLY B O   1 
ATOM   1266 N N   . PRO B 1 85  ? 6.303   2.984   -6.464  1.00 27.02 ? 77  PRO B N   1 
ATOM   1267 C CA  . PRO B 1 85  ? 5.388   2.300   -5.546  1.00 27.76 ? 77  PRO B CA  1 
ATOM   1268 C C   . PRO B 1 85  ? 5.605   0.785   -5.446  1.00 27.46 ? 77  PRO B C   1 
ATOM   1269 O O   . PRO B 1 85  ? 5.603   0.239   -4.348  1.00 30.51 ? 77  PRO B O   1 
ATOM   1270 C CB  . PRO B 1 85  ? 4.016   2.606   -6.155  1.00 32.53 ? 77  PRO B CB  1 
ATOM   1271 C CG  . PRO B 1 85  ? 4.194   3.937   -6.802  1.00 27.33 ? 77  PRO B CG  1 
ATOM   1272 C CD  . PRO B 1 85  ? 5.600   3.952   -7.323  1.00 25.34 ? 77  PRO B CD  1 
ATOM   1273 N N   . LEU B 1 86  ? 5.784   0.110   -6.575  1.00 28.44 ? 78  LEU B N   1 
ATOM   1274 C CA  . LEU B 1 86  ? 5.985   -1.334  -6.553  1.00 28.36 ? 78  LEU B CA  1 
ATOM   1275 C C   . LEU B 1 86  ? 7.257   -1.713  -5.800  1.00 27.69 ? 78  LEU B C   1 
ATOM   1276 O O   . LEU B 1 86  ? 7.282   -2.685  -5.046  1.00 28.41 ? 78  LEU B O   1 
ATOM   1277 C CB  . LEU B 1 86  ? 6.030   -1.886  -7.976  1.00 25.99 ? 78  LEU B CB  1 
ATOM   1278 C CG  . LEU B 1 86  ? 4.662   -2.166  -8.591  1.00 25.82 ? 78  LEU B CG  1 
ATOM   1279 C CD1 . LEU B 1 86  ? 4.791   -2.569  -10.046 1.00 22.72 ? 78  LEU B CD1 1 
ATOM   1280 C CD2 . LEU B 1 86  ? 3.953   -3.245  -7.787  1.00 24.81 ? 78  LEU B CD2 1 
ATOM   1281 N N   . LEU B 1 87  ? 8.312   -0.934  -6.004  1.00 29.64 ? 79  LEU B N   1 
ATOM   1282 C CA  . LEU B 1 87  ? 9.596   -1.216  -5.376  1.00 28.58 ? 79  LEU B CA  1 
ATOM   1283 C C   . LEU B 1 87  ? 9.516   -0.992  -3.873  1.00 34.58 ? 79  LEU B C   1 
ATOM   1284 O O   . LEU B 1 87  ? 10.117  -1.738  -3.090  1.00 34.03 ? 79  LEU B O   1 
ATOM   1285 C CB  . LEU B 1 87  ? 10.698  -0.343  -5.979  1.00 26.01 ? 79  LEU B CB  1 
ATOM   1286 C CG  . LEU B 1 87  ? 11.225  -0.641  -7.391  1.00 30.24 ? 79  LEU B CG  1 
ATOM   1287 C CD1 . LEU B 1 87  ? 12.396  0.268   -7.701  1.00 30.61 ? 79  LEU B CD1 1 
ATOM   1288 C CD2 . LEU B 1 87  ? 11.645  -2.078  -7.543  1.00 23.91 ? 79  LEU B CD2 1 
ATOM   1289 N N   . GLU B 1 88  ? 8.777   0.042   -3.472  1.00 30.15 ? 80  GLU B N   1 
ATOM   1290 C CA  . GLU B 1 88  ? 8.589   0.335   -2.050  1.00 32.64 ? 80  GLU B CA  1 
ATOM   1291 C C   . GLU B 1 88  ? 7.679   -0.715  -1.431  1.00 28.76 ? 80  GLU B C   1 
ATOM   1292 O O   . GLU B 1 88  ? 7.837   -1.084  -0.280  1.00 30.68 ? 80  GLU B O   1 
ATOM   1293 C CB  . GLU B 1 88  ? 8.026   1.750   -1.861  1.00 33.75 ? 80  GLU B CB  1 
ATOM   1294 C CG  . GLU B 1 88  ? 9.080   2.819   -2.139  1.00 39.53 ? 80  GLU B CG  1 
ATOM   1295 C CD  . GLU B 1 88  ? 8.602   4.244   -1.897  1.00 46.38 ? 80  GLU B CD  1 
ATOM   1296 O OE1 . GLU B 1 88  ? 7.377   4.467   -1.812  1.00 42.22 ? 80  GLU B OE1 1 
ATOM   1297 O OE2 . GLU B 1 88  ? 9.468   5.144   -1.791  1.00 57.34 ? 80  GLU B OE2 1 
ATOM   1298 N N   . GLY B 1 89  ? 6.737   -1.218  -2.217  1.00 30.90 ? 81  GLY B N   1 
ATOM   1299 C CA  . GLY B 1 89  ? 5.891   -2.313  -1.778  1.00 31.97 ? 81  GLY B CA  1 
ATOM   1300 C C   . GLY B 1 89  ? 6.662   -3.598  -1.527  1.00 37.21 ? 81  GLY B C   1 
ATOM   1301 O O   . GLY B 1 89  ? 6.331   -4.356  -0.615  1.00 40.48 ? 81  GLY B O   1 
ATOM   1302 N N   . PHE B 1 90  ? 7.697   -3.844  -2.328  1.00 34.63 ? 82  PHE B N   1 
ATOM   1303 C CA  . PHE B 1 90  ? 8.408   -5.117  -2.278  1.00 35.42 ? 82  PHE B CA  1 
ATOM   1304 C C   . PHE B 1 90  ? 9.551   -5.118  -1.278  1.00 37.88 ? 82  PHE B C   1 
ATOM   1305 O O   . PHE B 1 90  ? 9.982   -6.178  -0.831  1.00 40.16 ? 82  PHE B O   1 
ATOM   1306 C CB  . PHE B 1 90  ? 8.943   -5.489  -3.668  1.00 27.30 ? 82  PHE B CB  1 
ATOM   1307 C CG  . PHE B 1 90  ? 7.996   -6.337  -4.467  1.00 30.77 ? 82  PHE B CG  1 
ATOM   1308 C CD1 . PHE B 1 90  ? 7.793   -7.669  -4.132  1.00 33.01 ? 82  PHE B CD1 1 
ATOM   1309 C CD2 . PHE B 1 90  ? 7.309   -5.813  -5.547  1.00 26.82 ? 82  PHE B CD2 1 
ATOM   1310 C CE1 . PHE B 1 90  ? 6.935   -8.465  -4.859  1.00 28.49 ? 82  PHE B CE1 1 
ATOM   1311 C CE2 . PHE B 1 90  ? 6.434   -6.602  -6.278  1.00 30.27 ? 82  PHE B CE2 1 
ATOM   1312 C CZ  . PHE B 1 90  ? 6.247   -7.926  -5.936  1.00 34.40 ? 82  PHE B CZ  1 
ATOM   1313 N N   . GLN B 1 91  ? 10.035  -3.930  -0.936  1.00 41.01 ? 83  GLN B N   1 
ATOM   1314 C CA  . GLN B 1 91  ? 11.199  -3.784  -0.064  1.00 43.32 ? 83  GLN B CA  1 
ATOM   1315 C C   . GLN B 1 91  ? 11.050  -4.401  1.343   1.00 46.53 ? 83  GLN B C   1 
ATOM   1316 O O   . GLN B 1 91  ? 11.998  -5.017  1.831   1.00 49.96 ? 83  GLN B O   1 
ATOM   1317 C CB  . GLN B 1 91  ? 11.572  -2.305  0.070   1.00 44.14 ? 83  GLN B CB  1 
ATOM   1318 C CG  . GLN B 1 91  ? 12.715  -2.081  1.042   1.00 58.42 ? 83  GLN B CG  1 
ATOM   1319 C CD  . GLN B 1 91  ? 12.991  -0.621  1.310   1.00 69.29 ? 83  GLN B CD  1 
ATOM   1320 O OE1 . GLN B 1 91  ? 12.074  0.207   1.319   1.00 67.21 ? 83  GLN B OE1 1 
ATOM   1321 N NE2 . GLN B 1 91  ? 14.261  -0.295  1.548   1.00 71.86 ? 83  GLN B NE2 1 
ATOM   1322 N N   . PRO B 1 92  ? 9.888   -4.227  2.011   1.00 46.76 ? 84  PRO B N   1 
ATOM   1323 C CA  . PRO B 1 92  ? 9.772   -4.964  3.275   1.00 51.63 ? 84  PRO B CA  1 
ATOM   1324 C C   . PRO B 1 92  ? 10.085  -6.440  3.084   1.00 46.76 ? 84  PRO B C   1 
ATOM   1325 O O   . PRO B 1 92  ? 10.825  -7.022  3.869   1.00 52.18 ? 84  PRO B O   1 
ATOM   1326 C CB  . PRO B 1 92  ? 8.301   -4.771  3.673   1.00 48.41 ? 84  PRO B CB  1 
ATOM   1327 C CG  . PRO B 1 92  ? 7.899   -3.511  3.035   1.00 42.40 ? 84  PRO B CG  1 
ATOM   1328 C CD  . PRO B 1 92  ? 8.695   -3.399  1.755   1.00 44.12 ? 84  PRO B CD  1 
ATOM   1329 N N   . PHE B 1 93  ? 9.549   -7.018  2.018   1.00 44.56 ? 85  PHE B N   1 
ATOM   1330 C CA  . PHE B 1 93  ? 9.731   -8.433  1.738   1.00 43.86 ? 85  PHE B CA  1 
ATOM   1331 C C   . PHE B 1 93  ? 11.188  -8.816  1.465   1.00 47.65 ? 85  PHE B C   1 
ATOM   1332 O O   . PHE B 1 93  ? 11.669  -9.823  1.987   1.00 47.66 ? 85  PHE B O   1 
ATOM   1333 C CB  . PHE B 1 93  ? 8.863   -8.832  0.556   1.00 42.27 ? 85  PHE B CB  1 
ATOM   1334 C CG  . PHE B 1 93  ? 9.058   -10.243 0.113   1.00 40.56 ? 85  PHE B CG  1 
ATOM   1335 C CD1 . PHE B 1 93  ? 8.359   -11.270 0.710   1.00 41.83 ? 85  PHE B CD1 1 
ATOM   1336 C CD2 . PHE B 1 93  ? 9.923   -10.540 -0.922  1.00 38.59 ? 85  PHE B CD2 1 
ATOM   1337 C CE1 . PHE B 1 93  ? 8.524   -12.565 0.285   1.00 45.27 ? 85  PHE B CE1 1 
ATOM   1338 C CE2 . PHE B 1 93  ? 10.101  -11.831 -1.339  1.00 39.04 ? 85  PHE B CE2 1 
ATOM   1339 C CZ  . PHE B 1 93  ? 9.409   -12.848 -0.739  1.00 43.58 ? 85  PHE B CZ  1 
ATOM   1340 N N   . PHE B 1 94  ? 11.893  -8.023  0.659   1.00 44.35 ? 86  PHE B N   1 
ATOM   1341 C CA  . PHE B 1 94  ? 13.252  -8.394  0.260   1.00 39.59 ? 86  PHE B CA  1 
ATOM   1342 C C   . PHE B 1 94  ? 14.245  -8.107  1.361   1.00 45.05 ? 86  PHE B C   1 
ATOM   1343 O O   . PHE B 1 94  ? 15.424  -8.452  1.248   1.00 45.17 ? 86  PHE B O   1 
ATOM   1344 C CB  . PHE B 1 94  ? 13.672  -7.674  -1.024  1.00 36.14 ? 86  PHE B CB  1 
ATOM   1345 C CG  . PHE B 1 94  ? 12.983  -8.188  -2.249  1.00 36.75 ? 86  PHE B CG  1 
ATOM   1346 C CD1 . PHE B 1 94  ? 12.818  -9.544  -2.447  1.00 37.13 ? 86  PHE B CD1 1 
ATOM   1347 C CD2 . PHE B 1 94  ? 12.478  -7.315  -3.196  1.00 35.81 ? 86  PHE B CD2 1 
ATOM   1348 C CE1 . PHE B 1 94  ? 12.158  -10.023 -3.562  1.00 36.45 ? 86  PHE B CE1 1 
ATOM   1349 C CE2 . PHE B 1 94  ? 11.819  -7.790  -4.319  1.00 30.86 ? 86  PHE B CE2 1 
ATOM   1350 C CZ  . PHE B 1 94  ? 11.657  -9.143  -4.496  1.00 33.19 ? 86  PHE B CZ  1 
ATOM   1351 N N   . GLU B 1 95  ? 13.770  -7.472  2.427   1.00 51.65 ? 87  GLU B N   1 
ATOM   1352 C CA  . GLU B 1 95  ? 14.622  -7.168  3.563   1.00 47.78 ? 87  GLU B CA  1 
ATOM   1353 C C   . GLU B 1 95  ? 14.773  -8.415  4.424   1.00 50.01 ? 87  GLU B C   1 
ATOM   1354 O O   . GLU B 1 95  ? 15.751  -8.571  5.147   1.00 52.62 ? 87  GLU B O   1 
ATOM   1355 C CB  . GLU B 1 95  ? 14.046  -6.016  4.375   1.00 51.60 ? 87  GLU B CB  1 
ATOM   1356 C CG  . GLU B 1 95  ? 15.104  -5.131  4.992   1.00 59.45 ? 87  GLU B CG  1 
ATOM   1357 C CD  . GLU B 1 95  ? 14.888  -3.670  4.646   1.00 72.85 ? 87  GLU B CD  1 
ATOM   1358 O OE1 . GLU B 1 95  ? 14.107  -3.002  5.359   1.00 70.64 ? 87  GLU B OE1 1 
ATOM   1359 O OE2 . GLU B 1 95  ? 15.484  -3.192  3.651   1.00 76.02 ? 87  GLU B OE2 1 
ATOM   1360 N N   . ALA B 1 96  ? 13.801  -9.312  4.316   1.00 50.10 ? 88  ALA B N   1 
ATOM   1361 C CA  . ALA B 1 96  ? 13.808  -10.561 5.058   1.00 49.07 ? 88  ALA B CA  1 
ATOM   1362 C C   . ALA B 1 96  ? 14.074  -11.748 4.144   1.00 49.26 ? 88  ALA B C   1 
ATOM   1363 O O   . ALA B 1 96  ? 14.876  -12.617 4.456   1.00 56.84 ? 88  ALA B O   1 
ATOM   1364 C CB  . ALA B 1 96  ? 12.490  -10.741 5.777   1.00 53.79 ? 88  ALA B CB  1 
ATOM   1365 N N   . HIS B 1 97  ? 13.392  -11.788 3.011   1.00 46.62 ? 89  HIS B N   1 
ATOM   1366 C CA  . HIS B 1 97  ? 13.496  -12.937 2.134   1.00 47.25 ? 89  HIS B CA  1 
ATOM   1367 C C   . HIS B 1 97  ? 14.436  -12.604 0.974   1.00 45.26 ? 89  HIS B C   1 
ATOM   1368 O O   . HIS B 1 97  ? 14.880  -11.464 0.835   1.00 48.56 ? 89  HIS B O   1 
ATOM   1369 C CB  . HIS B 1 97  ? 12.108  -13.369 1.644   1.00 46.65 ? 89  HIS B CB  1 
ATOM   1370 C CG  . HIS B 1 97  ? 11.103  -13.561 2.744   1.00 49.80 ? 89  HIS B CG  1 
ATOM   1371 N ND1 . HIS B 1 97  ? 11.391  -13.336 4.073   1.00 58.80 ? 89  HIS B ND1 1 
ATOM   1372 C CD2 . HIS B 1 97  ? 9.818   -13.982 2.710   1.00 51.11 ? 89  HIS B CD2 1 
ATOM   1373 C CE1 . HIS B 1 97  ? 10.321  -13.589 4.806   1.00 59.44 ? 89  HIS B CE1 1 
ATOM   1374 N NE2 . HIS B 1 97  ? 9.351   -13.981 4.002   1.00 54.49 ? 89  HIS B NE2 1 
ATOM   1375 N N   . SER B 1 98  ? 14.763  -13.602 0.162   1.00 42.61 ? 90  SER B N   1 
ATOM   1376 C CA  . SER B 1 98  ? 15.698  -13.402 -0.940  1.00 43.58 ? 90  SER B CA  1 
ATOM   1377 C C   . SER B 1 98  ? 14.963  -13.016 -2.222  1.00 35.90 ? 90  SER B C   1 
ATOM   1378 O O   . SER B 1 98  ? 13.779  -13.329 -2.400  1.00 32.42 ? 90  SER B O   1 
ATOM   1379 C CB  . SER B 1 98  ? 16.533  -14.665 -1.174  1.00 43.79 ? 90  SER B CB  1 
ATOM   1380 O OG  . SER B 1 98  ? 15.696  -15.802 -1.288  1.00 45.87 ? 90  SER B OG  1 
ATOM   1381 N N   . GLY B 1 99  ? 15.663  -12.325 -3.109  1.00 37.92 ? 91  GLY B N   1 
ATOM   1382 C CA  . GLY B 1 99  ? 15.075  -11.938 -4.381  1.00 36.54 ? 91  GLY B CA  1 
ATOM   1383 C C   . GLY B 1 99  ? 15.553  -10.598 -4.903  1.00 36.91 ? 91  GLY B C   1 
ATOM   1384 O O   . GLY B 1 99  ? 16.232  -9.845  -4.189  1.00 29.19 ? 91  GLY B O   1 
ATOM   1385 N N   . VAL B 1 100 ? 15.205  -10.301 -6.156  1.00 29.93 ? 92  VAL B N   1 
ATOM   1386 C CA  . VAL B 1 100 ? 15.550  -9.022  -6.767  1.00 27.54 ? 92  VAL B CA  1 
ATOM   1387 C C   . VAL B 1 100 ? 14.474  -8.603  -7.757  1.00 26.37 ? 92  VAL B C   1 
ATOM   1388 O O   . VAL B 1 100 ? 13.711  -9.434  -8.246  1.00 23.32 ? 92  VAL B O   1 
ATOM   1389 C CB  . VAL B 1 100 ? 16.896  -9.066  -7.530  1.00 27.20 ? 92  VAL B CB  1 
ATOM   1390 C CG1 . VAL B 1 100 ? 18.069  -9.139  -6.587  1.00 41.43 ? 92  VAL B CG1 1 
ATOM   1391 C CG2 . VAL B 1 100 ? 16.907  -10.237 -8.510  1.00 26.59 ? 92  VAL B CG2 1 
ATOM   1392 N N   . VAL B 1 101 ? 14.434  -7.309  -8.056  1.00 22.73 ? 93  VAL B N   1 
ATOM   1393 C CA  . VAL B 1 101 ? 13.621  -6.802  -9.147  1.00 22.13 ? 93  VAL B CA  1 
ATOM   1394 C C   . VAL B 1 101 ? 14.519  -6.102  -10.159 1.00 23.60 ? 93  VAL B C   1 
ATOM   1395 O O   . VAL B 1 101 ? 15.274  -5.202  -9.805  1.00 22.66 ? 93  VAL B O   1 
ATOM   1396 C CB  . VAL B 1 101 ? 12.536  -5.842  -8.652  1.00 23.56 ? 93  VAL B CB  1 
ATOM   1397 C CG1 . VAL B 1 101 ? 11.785  -5.248  -9.837  1.00 23.22 ? 93  VAL B CG1 1 
ATOM   1398 C CG2 . VAL B 1 101 ? 11.586  -6.584  -7.753  1.00 23.65 ? 93  VAL B CG2 1 
ATOM   1399 N N   . PHE B 1 102 ? 14.464  -6.556  -11.408 1.00 22.14 ? 94  PHE B N   1 
ATOM   1400 C CA  . PHE B 1 102 ? 15.183  -5.918  -12.497 1.00 22.10 ? 94  PHE B CA  1 
ATOM   1401 C C   . PHE B 1 102 ? 14.212  -5.027  -13.256 1.00 24.81 ? 94  PHE B C   1 
ATOM   1402 O O   . PHE B 1 102 ? 13.141  -5.493  -13.680 1.00 22.16 ? 94  PHE B O   1 
ATOM   1403 C CB  . PHE B 1 102 ? 15.781  -6.961  -13.446 1.00 23.45 ? 94  PHE B CB  1 
ATOM   1404 C CG  . PHE B 1 102 ? 16.790  -7.874  -12.808 1.00 22.40 ? 94  PHE B CG  1 
ATOM   1405 C CD1 . PHE B 1 102 ? 17.597  -7.436  -11.775 1.00 21.63 ? 94  PHE B CD1 1 
ATOM   1406 C CD2 . PHE B 1 102 ? 16.938  -9.177  -13.260 1.00 23.57 ? 94  PHE B CD2 1 
ATOM   1407 C CE1 . PHE B 1 102 ? 18.542  -8.280  -11.197 1.00 24.82 ? 94  PHE B CE1 1 
ATOM   1408 C CE2 . PHE B 1 102 ? 17.885  -10.029 -12.684 1.00 24.66 ? 94  PHE B CE2 1 
ATOM   1409 C CZ  . PHE B 1 102 ? 18.684  -9.576  -11.654 1.00 21.21 ? 94  PHE B CZ  1 
ATOM   1410 N N   . VAL B 1 103 ? 14.563  -3.755  -13.420 1.00 22.73 ? 95  VAL B N   1 
ATOM   1411 C CA  . VAL B 1 103 ? 13.752  -2.839  -14.229 1.00 21.61 ? 95  VAL B CA  1 
ATOM   1412 C C   . VAL B 1 103 ? 14.384  -2.613  -15.610 1.00 21.40 ? 95  VAL B C   1 
ATOM   1413 O O   . VAL B 1 103 ? 15.531  -2.201  -15.694 1.00 21.46 ? 95  VAL B O   1 
ATOM   1414 C CB  . VAL B 1 103 ? 13.588  -1.473  -13.550 1.00 24.88 ? 95  VAL B CB  1 
ATOM   1415 C CG1 . VAL B 1 103 ? 12.462  -0.685  -14.220 1.00 20.37 ? 95  VAL B CG1 1 
ATOM   1416 C CG2 . VAL B 1 103 ? 13.321  -1.634  -12.063 1.00 28.71 ? 95  VAL B CG2 1 
ATOM   1417 N N   . HIS B 1 104 ? 13.621  -2.907  -16.668 1.00 25.29 ? 96  HIS B N   1 
ATOM   1418 C CA  . HIS B 1 104 ? 13.986  -2.674  -18.073 1.00 23.53 ? 96  HIS B CA  1 
ATOM   1419 C C   . HIS B 1 104 ? 13.123  -1.571  -18.719 1.00 25.43 ? 96  HIS B C   1 
ATOM   1420 O O   . HIS B 1 104 ? 11.952  -1.423  -18.383 1.00 25.14 ? 96  HIS B O   1 
ATOM   1421 C CB  . HIS B 1 104 ? 13.772  -3.921  -18.950 1.00 19.98 ? 96  HIS B CB  1 
ATOM   1422 C CG  . HIS B 1 104 ? 14.409  -5.180  -18.451 1.00 24.43 ? 96  HIS B CG  1 
ATOM   1423 N ND1 . HIS B 1 104 ? 14.042  -5.788  -17.269 1.00 22.84 ? 96  HIS B ND1 1 
ATOM   1424 C CD2 . HIS B 1 104 ? 15.329  -5.991  -19.027 1.00 21.18 ? 96  HIS B CD2 1 
ATOM   1425 C CE1 . HIS B 1 104 ? 14.743  -6.902  -17.117 1.00 25.92 ? 96  HIS B CE1 1 
ATOM   1426 N NE2 . HIS B 1 104 ? 15.533  -7.043  -18.166 1.00 26.26 ? 96  HIS B NE2 1 
ATOM   1427 N N   . ASP B 1 105 ? 13.694  -0.853  -19.683 1.00 23.71 ? 97  ASP B N   1 
ATOM   1428 C CA  . ASP B 1 105 ? 12.933  -0.096  -20.676 1.00 26.18 ? 97  ASP B CA  1 
ATOM   1429 C C   . ASP B 1 105 ? 12.485  -0.992  -21.823 1.00 25.42 ? 97  ASP B C   1 
ATOM   1430 O O   . ASP B 1 105 ? 13.303  -1.668  -22.435 1.00 27.34 ? 97  ASP B O   1 
ATOM   1431 C CB  . ASP B 1 105 ? 13.773  1.040   -21.252 1.00 28.03 ? 97  ASP B CB  1 
ATOM   1432 C CG  . ASP B 1 105 ? 13.958  2.188   -20.281 1.00 32.74 ? 97  ASP B CG  1 
ATOM   1433 O OD1 . ASP B 1 105 ? 12.956  2.663   -19.709 1.00 32.54 ? 97  ASP B OD1 1 
ATOM   1434 O OD2 . ASP B 1 105 ? 15.112  2.620   -20.097 1.00 35.62 ? 97  ASP B OD2 1 
ATOM   1435 N N   . ILE B 1 106 ? 11.202  -1.005  -22.129 1.00 19.12 ? 98  ILE B N   1 
ATOM   1436 C CA  . ILE B 1 106 ? 10.746  -1.722  -23.313 1.00 24.24 ? 98  ILE B CA  1 
ATOM   1437 C C   . ILE B 1 106 ? 9.732   -0.919  -24.114 1.00 24.51 ? 98  ILE B C   1 
ATOM   1438 O O   . ILE B 1 106 ? 9.243   0.120   -23.676 1.00 24.80 ? 98  ILE B O   1 
ATOM   1439 C CB  . ILE B 1 106 ? 10.076  -3.069  -22.968 1.00 23.11 ? 98  ILE B CB  1 
ATOM   1440 C CG1 . ILE B 1 106 ? 8.872   -2.828  -22.054 1.00 22.36 ? 98  ILE B CG1 1 
ATOM   1441 C CG2 . ILE B 1 106 ? 11.073  -4.028  -22.375 1.00 22.02 ? 98  ILE B CG2 1 
ATOM   1442 C CD1 . ILE B 1 106 ? 7.894   -3.971  -22.021 1.00 23.53 ? 98  ILE B CD1 1 
ATOM   1443 N N   . GLN B 1 107 ? 9.403   -1.415  -25.293 1.00 23.86 ? 99  GLN B N   1 
ATOM   1444 C CA  . GLN B 1 107 ? 8.304   -0.830  -26.034 1.00 26.78 ? 99  GLN B CA  1 
ATOM   1445 C C   . GLN B 1 107 ? 7.350   -1.931  -26.414 1.00 28.62 ? 99  GLN B C   1 
ATOM   1446 O O   . GLN B 1 107 ? 7.724   -3.105  -26.475 1.00 26.01 ? 99  GLN B O   1 
ATOM   1447 C CB  . GLN B 1 107 ? 8.795   -0.073  -27.265 1.00 30.24 ? 99  GLN B CB  1 
ATOM   1448 C CG  . GLN B 1 107 ? 9.738   1.074   -26.920 1.00 29.89 ? 99  GLN B CG  1 
ATOM   1449 C CD  . GLN B 1 107 ? 10.233  1.804   -28.146 1.00 34.21 ? 99  GLN B CD  1 
ATOM   1450 O OE1 . GLN B 1 107 ? 9.942   1.413   -29.272 1.00 37.47 ? 99  GLN B OE1 1 
ATOM   1451 N NE2 . GLN B 1 107 ? 10.972  2.886   -27.933 1.00 34.22 ? 99  GLN B NE2 1 
ATOM   1452 N N   . VAL B 1 108 ? 6.108   -1.535  -26.648 1.00 28.19 ? 100 VAL B N   1 
ATOM   1453 C CA  . VAL B 1 108 ? 5.021   -2.450  -26.905 1.00 27.94 ? 100 VAL B CA  1 
ATOM   1454 C C   . VAL B 1 108 ? 4.204   -1.815  -28.016 1.00 33.19 ? 100 VAL B C   1 
ATOM   1455 O O   . VAL B 1 108 ? 4.165   -0.593  -28.132 1.00 38.25 ? 100 VAL B O   1 
ATOM   1456 C CB  . VAL B 1 108 ? 4.180   -2.693  -25.611 1.00 30.38 ? 100 VAL B CB  1 
ATOM   1457 C CG1 . VAL B 1 108 ? 2.842   -3.301  -25.910 1.00 29.93 ? 100 VAL B CG1 1 
ATOM   1458 C CG2 . VAL B 1 108 ? 4.940   -3.585  -24.656 1.00 27.03 ? 100 VAL B CG2 1 
ATOM   1459 N N   . GLY B 1 109 ? 3.588   -2.627  -28.860 1.00 31.95 ? 101 GLY B N   1 
ATOM   1460 C CA  . GLY B 1 109 ? 2.788   -2.092  -29.941 1.00 42.17 ? 101 GLY B CA  1 
ATOM   1461 C C   . GLY B 1 109 ? 1.307   -2.105  -29.626 1.00 48.09 ? 101 GLY B C   1 
ATOM   1462 O O   . GLY B 1 109 ? 0.799   -3.068  -29.067 1.00 52.95 ? 101 GLY B O   1 
ATOM   1463 N N   . ARG B 1 110 ? 0.615   -1.024  -29.966 1.00 53.52 ? 102 ARG B N   1 
ATOM   1464 C CA  . ARG B 1 110 ? -0.846  -1.009  -29.947 1.00 58.48 ? 102 ARG B CA  1 
ATOM   1465 C C   . ARG B 1 110 ? -1.340  -0.640  -31.347 1.00 63.69 ? 102 ARG B C   1 
ATOM   1466 O O   . ARG B 1 110 ? -0.628  0.049   -32.085 1.00 59.73 ? 102 ARG B O   1 
ATOM   1467 C CB  . ARG B 1 110 ? -1.380  -0.032  -28.896 1.00 57.42 ? 102 ARG B CB  1 
ATOM   1468 N N   . PRO B 1 111 ? -2.548  -1.114  -31.726 1.00 73.03 ? 103 PRO B N   1 
ATOM   1469 C CA  . PRO B 1 111 ? -3.116  -0.906  -33.070 1.00 71.49 ? 103 PRO B CA  1 
ATOM   1470 C C   . PRO B 1 111 ? -3.128  0.553   -33.540 1.00 65.95 ? 103 PRO B C   1 
ATOM   1471 O O   . PRO B 1 111 ? -3.657  1.423   -32.847 1.00 70.13 ? 103 PRO B O   1 
ATOM   1472 C CB  . PRO B 1 111 ? -4.545  -1.435  -32.923 1.00 71.12 ? 103 PRO B CB  1 
ATOM   1473 C CG  . PRO B 1 111 ? -4.433  -2.494  -31.880 1.00 70.83 ? 103 PRO B CG  1 
ATOM   1474 C CD  . PRO B 1 111 ? -3.417  -1.975  -30.897 1.00 69.39 ? 103 PRO B CD  1 
HETATM 1475 O O   . HOH C 2 .   ? 2.410   0.948   15.912  1.00 36.17 ? 201 HOH A O   1 
HETATM 1476 O O   . HOH C 2 .   ? -17.828 -8.403  7.165   1.00 33.27 ? 202 HOH A O   1 
HETATM 1477 O O   . HOH C 2 .   ? -3.333  -0.124  21.066  1.00 38.96 ? 203 HOH A O   1 
HETATM 1478 O O   . HOH C 2 .   ? -19.733 19.541  19.417  1.00 26.58 ? 204 HOH A O   1 
HETATM 1479 O O   . HOH C 2 .   ? -4.157  12.217  -3.909  1.00 45.79 ? 205 HOH A O   1 
HETATM 1480 O O   . HOH C 2 .   ? -9.985  11.539  18.883  1.00 25.93 ? 206 HOH A O   1 
HETATM 1481 O O   . HOH C 2 .   ? 0.781   8.721   4.810   1.00 37.55 ? 207 HOH A O   1 
HETATM 1482 O O   . HOH C 2 .   ? -6.031  1.489   -0.421  1.00 33.45 ? 208 HOH A O   1 
HETATM 1483 O O   . HOH C 2 .   ? -13.613 -5.427  0.652   1.00 24.02 ? 209 HOH A O   1 
HETATM 1484 O O   . HOH C 2 .   ? -10.515 22.623  11.764  1.00 24.19 ? 210 HOH A O   1 
HETATM 1485 O O   . HOH C 2 .   ? -4.796  -2.188  5.220   1.00 27.40 ? 211 HOH A O   1 
HETATM 1486 O O   . HOH C 2 .   ? -6.865  22.575  15.318  1.00 27.83 ? 212 HOH A O   1 
HETATM 1487 O O   . HOH C 2 .   ? -2.884  -4.529  1.681   1.00 36.17 ? 213 HOH A O   1 
HETATM 1488 O O   . HOH D 2 .   ? 12.060  -15.164 -1.915  1.00 38.36 ? 201 HOH B O   1 
HETATM 1489 O O   . HOH D 2 .   ? 4.778   6.409   -29.392 1.00 46.26 ? 202 HOH B O   1 
HETATM 1490 O O   . HOH D 2 .   ? 3.841   0.934   -2.619  1.00 33.01 ? 203 HOH B O   1 
HETATM 1491 O O   . HOH D 2 .   ? 7.857   5.228   -10.606 1.00 28.95 ? 204 HOH B O   1 
HETATM 1492 O O   . HOH D 2 .   ? 15.549  -3.754  -7.664  1.00 33.84 ? 205 HOH B O   1 
HETATM 1493 O O   . HOH D 2 .   ? 10.342  -22.955 -9.503  1.00 32.57 ? 206 HOH B O   1 
HETATM 1494 O O   . HOH D 2 .   ? 18.229  -21.798 -5.974  1.00 41.03 ? 207 HOH B O   1 
HETATM 1495 O O   . HOH D 2 .   ? 10.566  2.662   -21.262 1.00 29.47 ? 208 HOH B O   1 
HETATM 1496 O O   . HOH D 2 .   ? 16.799  -9.714  -1.121  1.00 40.57 ? 209 HOH B O   1 
# 
loop_
_pdbx_poly_seq_scheme.asym_id 
_pdbx_poly_seq_scheme.entity_id 
_pdbx_poly_seq_scheme.seq_id 
_pdbx_poly_seq_scheme.mon_id 
_pdbx_poly_seq_scheme.ndb_seq_num 
_pdbx_poly_seq_scheme.pdb_seq_num 
_pdbx_poly_seq_scheme.auth_seq_num 
_pdbx_poly_seq_scheme.pdb_mon_id 
_pdbx_poly_seq_scheme.auth_mon_id 
_pdbx_poly_seq_scheme.pdb_strand_id 
_pdbx_poly_seq_scheme.pdb_ins_code 
_pdbx_poly_seq_scheme.hetero 
A 1 1   MET 1   -7  ?   ?   ?   A . n 
A 1 2   HIS 2   -6  ?   ?   ?   A . n 
A 1 3   HIS 3   -5  ?   ?   ?   A . n 
A 1 4   HIS 4   -4  ?   ?   ?   A . n 
A 1 5   HIS 5   -3  ?   ?   ?   A . n 
A 1 6   HIS 6   -2  ?   ?   ?   A . n 
A 1 7   HIS 7   -1  ?   ?   ?   A . n 
A 1 8   GLY 8   0   ?   ?   ?   A . n 
A 1 9   MET 9   1   ?   ?   ?   A . n 
A 1 10  ASN 10  2   ?   ?   ?   A . n 
A 1 11  ALA 11  3   3   ALA ALA A . n 
A 1 12  ILE 12  4   4   ILE ILE A . n 
A 1 13  LYS 13  5   5   LYS LYS A . n 
A 1 14  LEU 14  6   6   LEU LEU A . n 
A 1 15  TYR 15  7   7   TYR TYR A . n 
A 1 16  PRO 16  8   8   PRO PRO A . n 
A 1 17  LEU 17  9   9   LEU LEU A . n 
A 1 18  LYS 18  10  10  LYS LYS A . n 
A 1 19  LYS 19  11  11  LYS LYS A . n 
A 1 20  LEU 20  12  12  LEU LEU A . n 
A 1 21  GLU 21  13  13  GLU GLU A . n 
A 1 22  ILE 22  14  14  ILE ILE A . n 
A 1 23  ILE 23  15  15  ILE ILE A . n 
A 1 24  LEU 24  16  16  LEU LEU A . n 
A 1 25  GLU 25  17  17  GLU GLU A . n 
A 1 26  GLY 26  18  18  GLY GLY A . n 
A 1 27  ALA 27  19  19  ALA ALA A . n 
A 1 28  HIS 28  20  20  HIS HIS A . n 
A 1 29  LYS 29  21  21  LYS LYS A . n 
A 1 30  GLU 30  22  22  GLU GLU A . n 
A 1 31  PHE 31  23  23  PHE PHE A . n 
A 1 32  ALA 32  24  24  ALA ALA A . n 
A 1 33  THR 33  25  25  THR THR A . n 
A 1 34  ASP 34  26  26  ASP ASP A . n 
A 1 35  LEU 35  27  27  LEU LEU A . n 
A 1 36  LEU 36  28  28  LEU LEU A . n 
A 1 37  ASP 37  29  29  ASP ASP A . n 
A 1 38  ARG 38  30  30  ARG ARG A . n 
A 1 39  ALA 39  31  31  ALA ALA A . n 
A 1 40  GLY 40  32  32  GLY GLY A . n 
A 1 41  VAL 41  33  33  VAL VAL A . n 
A 1 42  LYS 42  34  34  LYS LYS A . n 
A 1 43  GLY 43  35  35  GLY GLY A . n 
A 1 44  TYR 44  36  36  TYR TYR A . n 
A 1 45  THR 45  37  37  THR THR A . n 
A 1 46  ILE 46  38  38  ILE ILE A . n 
A 1 47  VAL 47  39  39  VAL VAL A . n 
A 1 48  GLY 48  40  40  GLY GLY A . n 
A 1 49  ASN 49  41  41  ASN ASN A . n 
A 1 50  LEU 50  42  42  LEU LEU A . n 
A 1 51  SER 51  43  43  SER SER A . n 
A 1 52  GLY 52  44  44  GLY GLY A . n 
A 1 53  LYS 53  45  45  LYS LYS A . n 
A 1 54  GLY 54  46  46  GLY GLY A . n 
A 1 55  SER 55  47  47  SER SER A . n 
A 1 56  HIS 56  48  48  HIS HIS A . n 
A 1 57  GLY 57  49  49  GLY GLY A . n 
A 1 58  MET 58  50  50  MET MET A . n 
A 1 59  TYR 59  51  51  TYR TYR A . n 
A 1 60  GLU 60  52  52  GLU GLU A . n 
A 1 61  GLY 61  53  53  GLY GLY A . n 
A 1 62  HIS 62  54  54  HIS HIS A . n 
A 1 63  LEU 63  55  55  LEU LEU A . n 
A 1 64  MET 64  56  56  MET MET A . n 
A 1 65  PHE 65  57  57  PHE PHE A . n 
A 1 66  ASN 66  58  58  ASN ASN A . n 
A 1 67  GLU 67  59  59  GLU GLU A . n 
A 1 68  ASP 68  60  60  ASP ASP A . n 
A 1 69  ASP 69  61  61  ASP ASP A . n 
A 1 70  ALA 70  62  62  ALA ALA A . n 
A 1 71  LEU 71  63  63  LEU LEU A . n 
A 1 72  ILE 72  64  64  ILE ILE A . n 
A 1 73  MET 73  65  65  MET MET A . n 
A 1 74  ILE 74  66  66  ILE ILE A . n 
A 1 75  ILE 75  67  67  ILE ILE A . n 
A 1 76  ALA 76  68  68  ALA ALA A . n 
A 1 77  ALA 77  69  69  ALA ALA A . n 
A 1 78  VAL 78  70  70  VAL VAL A . n 
A 1 79  PRO 79  71  71  PRO PRO A . n 
A 1 80  GLU 80  72  72  GLU GLU A . n 
A 1 81  GLU 81  73  73  GLU GLU A . n 
A 1 82  LEU 82  74  74  LEU LEU A . n 
A 1 83  VAL 83  75  75  VAL VAL A . n 
A 1 84  GLY 84  76  76  GLY GLY A . n 
A 1 85  PRO 85  77  77  PRO PRO A . n 
A 1 86  LEU 86  78  78  LEU LEU A . n 
A 1 87  LEU 87  79  79  LEU LEU A . n 
A 1 88  GLU 88  80  80  GLU GLU A . n 
A 1 89  GLY 89  81  81  GLY GLY A . n 
A 1 90  PHE 90  82  82  PHE PHE A . n 
A 1 91  GLN 91  83  83  GLN GLN A . n 
A 1 92  PRO 92  84  84  PRO PRO A . n 
A 1 93  PHE 93  85  85  PHE PHE A . n 
A 1 94  PHE 94  86  86  PHE PHE A . n 
A 1 95  GLU 95  87  87  GLU GLU A . n 
A 1 96  ALA 96  88  88  ALA ALA A . n 
A 1 97  HIS 97  89  89  HIS HIS A . n 
A 1 98  SER 98  90  90  SER SER A . n 
A 1 99  GLY 99  91  91  GLY GLY A . n 
A 1 100 VAL 100 92  92  VAL VAL A . n 
A 1 101 VAL 101 93  93  VAL VAL A . n 
A 1 102 PHE 102 94  94  PHE PHE A . n 
A 1 103 VAL 103 95  95  VAL VAL A . n 
A 1 104 HIS 104 96  96  HIS HIS A . n 
A 1 105 ASP 105 97  97  ASP ASP A . n 
A 1 106 ILE 106 98  98  ILE ILE A . n 
A 1 107 GLN 107 99  99  GLN GLN A . n 
A 1 108 VAL 108 100 100 VAL VAL A . n 
A 1 109 GLY 109 101 101 GLY GLY A . n 
A 1 110 ARG 110 102 102 ARG ARG A . n 
A 1 111 PRO 111 103 103 PRO PRO A . n 
A 1 112 ILE 112 104 104 ILE ILE A . n 
A 1 113 LYS 113 105 ?   ?   ?   A . n 
A 1 114 PHE 114 106 ?   ?   ?   A . n 
A 1 115 ARG 115 107 ?   ?   ?   A . n 
A 1 116 ASN 116 108 ?   ?   ?   A . n 
B 1 1   MET 1   -7  ?   ?   ?   B . n 
B 1 2   HIS 2   -6  ?   ?   ?   B . n 
B 1 3   HIS 3   -5  ?   ?   ?   B . n 
B 1 4   HIS 4   -4  ?   ?   ?   B . n 
B 1 5   HIS 5   -3  ?   ?   ?   B . n 
B 1 6   HIS 6   -2  ?   ?   ?   B . n 
B 1 7   HIS 7   -1  ?   ?   ?   B . n 
B 1 8   GLY 8   0   ?   ?   ?   B . n 
B 1 9   MET 9   1   ?   ?   ?   B . n 
B 1 10  ASN 10  2   ?   ?   ?   B . n 
B 1 11  ALA 11  3   3   ALA ALA B . n 
B 1 12  ILE 12  4   4   ILE ILE B . n 
B 1 13  LYS 13  5   5   LYS LYS B . n 
B 1 14  LEU 14  6   6   LEU LEU B . n 
B 1 15  TYR 15  7   7   TYR TYR B . n 
B 1 16  PRO 16  8   8   PRO PRO B . n 
B 1 17  LEU 17  9   9   LEU LEU B . n 
B 1 18  LYS 18  10  10  LYS LYS B . n 
B 1 19  LYS 19  11  11  LYS LYS B . n 
B 1 20  LEU 20  12  12  LEU LEU B . n 
B 1 21  GLU 21  13  13  GLU GLU B . n 
B 1 22  ILE 22  14  14  ILE ILE B . n 
B 1 23  ILE 23  15  15  ILE ILE B . n 
B 1 24  LEU 24  16  16  LEU LEU B . n 
B 1 25  GLU 25  17  17  GLU GLU B . n 
B 1 26  GLY 26  18  18  GLY GLY B . n 
B 1 27  ALA 27  19  19  ALA ALA B . n 
B 1 28  HIS 28  20  20  HIS HIS B . n 
B 1 29  LYS 29  21  21  LYS LYS B . n 
B 1 30  GLU 30  22  22  GLU GLU B . n 
B 1 31  PHE 31  23  23  PHE PHE B . n 
B 1 32  ALA 32  24  24  ALA ALA B . n 
B 1 33  THR 33  25  25  THR THR B . n 
B 1 34  ASP 34  26  26  ASP ASP B . n 
B 1 35  LEU 35  27  27  LEU LEU B . n 
B 1 36  LEU 36  28  28  LEU LEU B . n 
B 1 37  ASP 37  29  29  ASP ASP B . n 
B 1 38  ARG 38  30  30  ARG ARG B . n 
B 1 39  ALA 39  31  31  ALA ALA B . n 
B 1 40  GLY 40  32  32  GLY GLY B . n 
B 1 41  VAL 41  33  33  VAL VAL B . n 
B 1 42  LYS 42  34  34  LYS LYS B . n 
B 1 43  GLY 43  35  35  GLY GLY B . n 
B 1 44  TYR 44  36  36  TYR TYR B . n 
B 1 45  THR 45  37  37  THR THR B . n 
B 1 46  ILE 46  38  38  ILE ILE B . n 
B 1 47  VAL 47  39  39  VAL VAL B . n 
B 1 48  GLY 48  40  40  GLY GLY B . n 
B 1 49  ASN 49  41  41  ASN ASN B . n 
B 1 50  LEU 50  42  42  LEU LEU B . n 
B 1 51  SER 51  43  43  SER SER B . n 
B 1 52  GLY 52  44  44  GLY GLY B . n 
B 1 53  LYS 53  45  45  LYS LYS B . n 
B 1 54  GLY 54  46  ?   ?   ?   B . n 
B 1 55  SER 55  47  ?   ?   ?   B . n 
B 1 56  HIS 56  48  ?   ?   ?   B . n 
B 1 57  GLY 57  49  ?   ?   ?   B . n 
B 1 58  MET 58  50  ?   ?   ?   B . n 
B 1 59  TYR 59  51  ?   ?   ?   B . n 
B 1 60  GLU 60  52  ?   ?   ?   B . n 
B 1 61  GLY 61  53  ?   ?   ?   B . n 
B 1 62  HIS 62  54  ?   ?   ?   B . n 
B 1 63  LEU 63  55  55  LEU LEU B . n 
B 1 64  MET 64  56  56  MET MET B . n 
B 1 65  PHE 65  57  57  PHE PHE B . n 
B 1 66  ASN 66  58  58  ASN ASN B . n 
B 1 67  GLU 67  59  59  GLU GLU B . n 
B 1 68  ASP 68  60  60  ASP ASP B . n 
B 1 69  ASP 69  61  61  ASP ASP B . n 
B 1 70  ALA 70  62  62  ALA ALA B . n 
B 1 71  LEU 71  63  63  LEU LEU B . n 
B 1 72  ILE 72  64  64  ILE ILE B . n 
B 1 73  MET 73  65  65  MET MET B . n 
B 1 74  ILE 74  66  66  ILE ILE B . n 
B 1 75  ILE 75  67  67  ILE ILE B . n 
B 1 76  ALA 76  68  68  ALA ALA B . n 
B 1 77  ALA 77  69  69  ALA ALA B . n 
B 1 78  VAL 78  70  70  VAL VAL B . n 
B 1 79  PRO 79  71  71  PRO PRO B . n 
B 1 80  GLU 80  72  72  GLU GLU B . n 
B 1 81  GLU 81  73  73  GLU GLU B . n 
B 1 82  LEU 82  74  74  LEU LEU B . n 
B 1 83  VAL 83  75  75  VAL VAL B . n 
B 1 84  GLY 84  76  76  GLY GLY B . n 
B 1 85  PRO 85  77  77  PRO PRO B . n 
B 1 86  LEU 86  78  78  LEU LEU B . n 
B 1 87  LEU 87  79  79  LEU LEU B . n 
B 1 88  GLU 88  80  80  GLU GLU B . n 
B 1 89  GLY 89  81  81  GLY GLY B . n 
B 1 90  PHE 90  82  82  PHE PHE B . n 
B 1 91  GLN 91  83  83  GLN GLN B . n 
B 1 92  PRO 92  84  84  PRO PRO B . n 
B 1 93  PHE 93  85  85  PHE PHE B . n 
B 1 94  PHE 94  86  86  PHE PHE B . n 
B 1 95  GLU 95  87  87  GLU GLU B . n 
B 1 96  ALA 96  88  88  ALA ALA B . n 
B 1 97  HIS 97  89  89  HIS HIS B . n 
B 1 98  SER 98  90  90  SER SER B . n 
B 1 99  GLY 99  91  91  GLY GLY B . n 
B 1 100 VAL 100 92  92  VAL VAL B . n 
B 1 101 VAL 101 93  93  VAL VAL B . n 
B 1 102 PHE 102 94  94  PHE PHE B . n 
B 1 103 VAL 103 95  95  VAL VAL B . n 
B 1 104 HIS 104 96  96  HIS HIS B . n 
B 1 105 ASP 105 97  97  ASP ASP B . n 
B 1 106 ILE 106 98  98  ILE ILE B . n 
B 1 107 GLN 107 99  99  GLN GLN B . n 
B 1 108 VAL 108 100 100 VAL VAL B . n 
B 1 109 GLY 109 101 101 GLY GLY B . n 
B 1 110 ARG 110 102 102 ARG ARG B . n 
B 1 111 PRO 111 103 103 PRO PRO B . n 
B 1 112 ILE 112 104 ?   ?   ?   B . n 
B 1 113 LYS 113 105 ?   ?   ?   B . n 
B 1 114 PHE 114 106 ?   ?   ?   B . n 
B 1 115 ARG 115 107 ?   ?   ?   B . n 
B 1 116 ASN 116 108 ?   ?   ?   B . n 
# 
loop_
_pdbx_nonpoly_scheme.asym_id 
_pdbx_nonpoly_scheme.entity_id 
_pdbx_nonpoly_scheme.mon_id 
_pdbx_nonpoly_scheme.ndb_seq_num 
_pdbx_nonpoly_scheme.pdb_seq_num 
_pdbx_nonpoly_scheme.auth_seq_num 
_pdbx_nonpoly_scheme.pdb_mon_id 
_pdbx_nonpoly_scheme.auth_mon_id 
_pdbx_nonpoly_scheme.pdb_strand_id 
_pdbx_nonpoly_scheme.pdb_ins_code 
C 2 HOH 1  201 12 HOH HOH A . 
C 2 HOH 2  202 14 HOH HOH A . 
C 2 HOH 3  203 10 HOH HOH A . 
C 2 HOH 4  204 6  HOH HOH A . 
C 2 HOH 5  205 5  HOH HOH A . 
C 2 HOH 6  206 3  HOH HOH A . 
C 2 HOH 7  207 27 HOH HOH A . 
C 2 HOH 8  208 21 HOH HOH A . 
C 2 HOH 9  209 1  HOH HOH A . 
C 2 HOH 10 210 8  HOH HOH A . 
C 2 HOH 11 211 2  HOH HOH A . 
C 2 HOH 12 212 19 HOH HOH A . 
C 2 HOH 13 213 15 HOH HOH A . 
D 2 HOH 1  201 4  HOH HOH B . 
D 2 HOH 2  202 13 HOH HOH B . 
D 2 HOH 3  203 26 HOH HOH B . 
D 2 HOH 4  204 11 HOH HOH B . 
D 2 HOH 5  205 16 HOH HOH B . 
D 2 HOH 6  206 7  HOH HOH B . 
D 2 HOH 7  207 9  HOH HOH B . 
D 2 HOH 8  208 20 HOH HOH B . 
D 2 HOH 9  209 18 HOH HOH B . 
# 
loop_
_pdbx_struct_assembly.id 
_pdbx_struct_assembly.details 
_pdbx_struct_assembly.method_details 
_pdbx_struct_assembly.oligomeric_details 
_pdbx_struct_assembly.oligomeric_count 
1 author_and_software_defined_assembly PISA trimeric 3 
2 author_and_software_defined_assembly PISA trimeric 3 
# 
loop_
_pdbx_struct_assembly_gen.assembly_id 
_pdbx_struct_assembly_gen.oper_expression 
_pdbx_struct_assembly_gen.asym_id_list 
1 1,2,4 A,C 
2 1,3,5 B,D 
# 
loop_
_pdbx_struct_assembly_prop.biol_id 
_pdbx_struct_assembly_prop.type 
_pdbx_struct_assembly_prop.value 
_pdbx_struct_assembly_prop.details 
1 'ABSA (A^2)' 5420  ? 
1 MORE         -36   ? 
1 'SSA (A^2)'  13540 ? 
2 'ABSA (A^2)' 4170  ? 
2 MORE         -22   ? 
2 'SSA (A^2)'  13260 ? 
# 
loop_
_pdbx_struct_oper_list.id 
_pdbx_struct_oper_list.type 
_pdbx_struct_oper_list.name 
_pdbx_struct_oper_list.symmetry_operation 
_pdbx_struct_oper_list.matrix[1][1] 
_pdbx_struct_oper_list.matrix[1][2] 
_pdbx_struct_oper_list.matrix[1][3] 
_pdbx_struct_oper_list.vector[1] 
_pdbx_struct_oper_list.matrix[2][1] 
_pdbx_struct_oper_list.matrix[2][2] 
_pdbx_struct_oper_list.matrix[2][3] 
_pdbx_struct_oper_list.vector[2] 
_pdbx_struct_oper_list.matrix[3][1] 
_pdbx_struct_oper_list.matrix[3][2] 
_pdbx_struct_oper_list.matrix[3][3] 
_pdbx_struct_oper_list.vector[3] 
1 'identity operation'         1_555 x,y,z         1.0000000000  0.0000000000 0.0000000000  0.0000000000   0.0000000000 1.0000000000 0.0000000000  0.0000000000   0.0000000000  0.0000000000  1.0000000000  0.0000000000   
2 'crystal symmetry operation' 2_645 -y+1,x-y-1,z  -0.3982276109 0.5523825755 0.7323170490  -36.9435298107 0.1834874913 0.8301858193 -0.5264255369 9.3146271649   -0.8987475232 -0.0752661657 -0.4319582084 -3.9975086979  
3 'crystal symmetry operation' 2_755 -y+2,x-y,z    -0.3982276109 0.5523825755 0.7323170490  40.9951678584  0.1834874913 0.8301858193 -0.5264255369 -15.1471285297 -0.8987475232 -0.0752661657 -0.4319582084 -16.8356555258 
4 'crystal symmetry operation' 3_765 -x+y+2,-x+1,z -0.3982276109 0.1834874913 -0.8987475232 -20.0138022267 0.5523825755 0.8301858193 -0.0752661657 12.3732136075  0.7323170490  -0.5264255369 -0.4319582084 30.2310776439  
5 'crystal symmetry operation' 3_775 -x+y+2,-x+2,z -0.3982276109 0.1834874913 -0.8987475232 3.9737126634   0.5523825755 0.8301858193 -0.0752661657 -11.3372403323 0.7323170490  -0.5264255369 -0.4319582084 -45.2675952145 
# 
loop_
_pdbx_audit_revision_history.ordinal 
_pdbx_audit_revision_history.data_content_type 
_pdbx_audit_revision_history.major_revision 
_pdbx_audit_revision_history.minor_revision 
_pdbx_audit_revision_history.revision_date 
1 'Structure model' 1 0 2016-09-28 
2 'Structure model' 1 1 2019-10-23 
3 'Structure model' 1 2 2023-09-27 
# 
_pdbx_audit_revision_details.ordinal             1 
_pdbx_audit_revision_details.revision_ordinal    1 
_pdbx_audit_revision_details.data_content_type   'Structure model' 
_pdbx_audit_revision_details.provider            repository 
_pdbx_audit_revision_details.type                'Initial release' 
_pdbx_audit_revision_details.description         ? 
_pdbx_audit_revision_details.details             ? 
# 
loop_
_pdbx_audit_revision_group.ordinal 
_pdbx_audit_revision_group.revision_ordinal 
_pdbx_audit_revision_group.data_content_type 
_pdbx_audit_revision_group.group 
1 2 'Structure model' 'Data collection'        
2 2 'Structure model' 'Database references'    
3 2 'Structure model' 'Derived calculations'   
4 3 'Structure model' 'Data collection'        
5 3 'Structure model' 'Database references'    
6 3 'Structure model' 'Refinement description' 
# 
loop_
_pdbx_audit_revision_category.ordinal 
_pdbx_audit_revision_category.revision_ordinal 
_pdbx_audit_revision_category.data_content_type 
_pdbx_audit_revision_category.category 
1 2 'Structure model' citation                      
2 2 'Structure model' citation_author               
3 2 'Structure model' pdbx_prerelease_seq           
4 2 'Structure model' pdbx_struct_oper_list         
5 3 'Structure model' chem_comp_atom                
6 3 'Structure model' chem_comp_bond                
7 3 'Structure model' database_2                    
8 3 'Structure model' pdbx_initial_refinement_model 
# 
loop_
_pdbx_audit_revision_item.ordinal 
_pdbx_audit_revision_item.revision_ordinal 
_pdbx_audit_revision_item.data_content_type 
_pdbx_audit_revision_item.item 
1  2 'Structure model' '_citation.country'                         
2  2 'Structure model' '_citation.journal_abbrev'                  
3  2 'Structure model' '_citation.journal_id_ASTM'                 
4  2 'Structure model' '_citation.journal_id_CSD'                  
5  2 'Structure model' '_citation.journal_id_ISSN'                 
6  2 'Structure model' '_citation.journal_volume'                  
7  2 'Structure model' '_citation.page_first'                      
8  2 'Structure model' '_citation.page_last'                       
9  2 'Structure model' '_citation.pdbx_database_id_DOI'            
10 2 'Structure model' '_citation.pdbx_database_id_PubMed'         
11 2 'Structure model' '_citation.title'                           
12 2 'Structure model' '_citation.year'                            
13 2 'Structure model' '_pdbx_struct_oper_list.symmetry_operation' 
14 3 'Structure model' '_database_2.pdbx_DOI'                      
15 3 'Structure model' '_database_2.pdbx_database_accession'       
# 
_pdbx_phasing_MR.entry_id                     5D4L 
_pdbx_phasing_MR.method_rotation              ? 
_pdbx_phasing_MR.method_translation           ? 
_pdbx_phasing_MR.model_details                'Phaser MODE: MR_AUTO' 
_pdbx_phasing_MR.R_factor                     ? 
_pdbx_phasing_MR.R_rigid_body                 ? 
_pdbx_phasing_MR.correlation_coeff_Fo_to_Fc   ? 
_pdbx_phasing_MR.correlation_coeff_Io_to_Ic   ? 
_pdbx_phasing_MR.d_res_high_rotation          2.300 
_pdbx_phasing_MR.d_res_low_rotation           71.610 
_pdbx_phasing_MR.d_res_high_translation       3.820 
_pdbx_phasing_MR.d_res_low_translation        71.610 
_pdbx_phasing_MR.packing                      ? 
_pdbx_phasing_MR.reflns_percent_rotation      ? 
_pdbx_phasing_MR.reflns_percent_translation   ? 
_pdbx_phasing_MR.sigma_F_rotation             ? 
_pdbx_phasing_MR.sigma_F_translation          ? 
_pdbx_phasing_MR.sigma_I_rotation             ? 
_pdbx_phasing_MR.sigma_I_translation          ? 
# 
_phasing.method   MR 
# 
loop_
_software.citation_id 
_software.classification 
_software.compiler_name 
_software.compiler_version 
_software.contact_author 
_software.contact_author_email 
_software.date 
_software.description 
_software.dependencies 
_software.hardware 
_software.language 
_software.location 
_software.mods 
_software.name 
_software.os 
_software.os_version 
_software.type 
_software.version 
_software.pdbx_ordinal 
? 'data scaling'    ? ? ? ? ? ? ? ? ? ? ? XSCALE      ? ? ? .     1 
? phasing           ? ? ? ? ? ? ? ? ? ? ? PHASER      ? ? ? 2.5.2 2 
? refinement        ? ? ? ? ? ? ? ? ? ? ? PHENIX      ? ? ? .     3 
? 'data extraction' ? ? ? ? ? ? ? ? ? ? ? PDB_EXTRACT ? ? ? 3.15  4 
? 'data reduction'  ? ? ? ? ? ? ? ? ? ? ? XDS         ? ? ? .     5 
# 
_pdbx_validate_torsion.id              1 
_pdbx_validate_torsion.PDB_model_num   1 
_pdbx_validate_torsion.auth_comp_id    GLU 
_pdbx_validate_torsion.auth_asym_id    B 
_pdbx_validate_torsion.auth_seq_id     59 
_pdbx_validate_torsion.PDB_ins_code    ? 
_pdbx_validate_torsion.label_alt_id    ? 
_pdbx_validate_torsion.phi             58.42 
_pdbx_validate_torsion.psi             -47.29 
# 
loop_
_pdbx_unobs_or_zero_occ_atoms.id 
_pdbx_unobs_or_zero_occ_atoms.PDB_model_num 
_pdbx_unobs_or_zero_occ_atoms.polymer_flag 
_pdbx_unobs_or_zero_occ_atoms.occupancy_flag 
_pdbx_unobs_or_zero_occ_atoms.auth_asym_id 
_pdbx_unobs_or_zero_occ_atoms.auth_comp_id 
_pdbx_unobs_or_zero_occ_atoms.auth_seq_id 
_pdbx_unobs_or_zero_occ_atoms.PDB_ins_code 
_pdbx_unobs_or_zero_occ_atoms.auth_atom_id 
_pdbx_unobs_or_zero_occ_atoms.label_alt_id 
_pdbx_unobs_or_zero_occ_atoms.label_asym_id 
_pdbx_unobs_or_zero_occ_atoms.label_comp_id 
_pdbx_unobs_or_zero_occ_atoms.label_seq_id 
_pdbx_unobs_or_zero_occ_atoms.label_atom_id 
1  1 Y 1 A ILE 104 ? CG1 ? A ILE 112 CG1 
2  1 Y 1 A ILE 104 ? CG2 ? A ILE 112 CG2 
3  1 Y 1 A ILE 104 ? CD1 ? A ILE 112 CD1 
4  1 Y 1 B GLU 22  ? CG  ? B GLU 30  CG  
5  1 Y 1 B GLU 22  ? CD  ? B GLU 30  CD  
6  1 Y 1 B GLU 22  ? OE1 ? B GLU 30  OE1 
7  1 Y 1 B GLU 22  ? OE2 ? B GLU 30  OE2 
8  1 Y 1 B LYS 45  ? CG  ? B LYS 53  CG  
9  1 Y 1 B LYS 45  ? CD  ? B LYS 53  CD  
10 1 Y 1 B LYS 45  ? CE  ? B LYS 53  CE  
11 1 Y 1 B LYS 45  ? NZ  ? B LYS 53  NZ  
12 1 Y 1 B LEU 55  ? CG  ? B LEU 63  CG  
13 1 Y 1 B LEU 55  ? CD1 ? B LEU 63  CD1 
14 1 Y 1 B LEU 55  ? CD2 ? B LEU 63  CD2 
15 1 Y 1 B MET 56  ? CG  ? B MET 64  CG  
16 1 Y 1 B MET 56  ? SD  ? B MET 64  SD  
17 1 Y 1 B MET 56  ? CE  ? B MET 64  CE  
18 1 Y 1 B ARG 102 ? CG  ? B ARG 110 CG  
19 1 Y 1 B ARG 102 ? CD  ? B ARG 110 CD  
20 1 Y 1 B ARG 102 ? NE  ? B ARG 110 NE  
21 1 Y 1 B ARG 102 ? CZ  ? B ARG 110 CZ  
22 1 Y 1 B ARG 102 ? NH1 ? B ARG 110 NH1 
23 1 Y 1 B ARG 102 ? NH2 ? B ARG 110 NH2 
# 
loop_
_pdbx_unobs_or_zero_occ_residues.id 
_pdbx_unobs_or_zero_occ_residues.PDB_model_num 
_pdbx_unobs_or_zero_occ_residues.polymer_flag 
_pdbx_unobs_or_zero_occ_residues.occupancy_flag 
_pdbx_unobs_or_zero_occ_residues.auth_asym_id 
_pdbx_unobs_or_zero_occ_residues.auth_comp_id 
_pdbx_unobs_or_zero_occ_residues.auth_seq_id 
_pdbx_unobs_or_zero_occ_residues.PDB_ins_code 
_pdbx_unobs_or_zero_occ_residues.label_asym_id 
_pdbx_unobs_or_zero_occ_residues.label_comp_id 
_pdbx_unobs_or_zero_occ_residues.label_seq_id 
1  1 Y 1 A MET -7  ? A MET 1   
2  1 Y 1 A HIS -6  ? A HIS 2   
3  1 Y 1 A HIS -5  ? A HIS 3   
4  1 Y 1 A HIS -4  ? A HIS 4   
5  1 Y 1 A HIS -3  ? A HIS 5   
6  1 Y 1 A HIS -2  ? A HIS 6   
7  1 Y 1 A HIS -1  ? A HIS 7   
8  1 Y 1 A GLY 0   ? A GLY 8   
9  1 Y 1 A MET 1   ? A MET 9   
10 1 Y 1 A ASN 2   ? A ASN 10  
11 1 Y 1 A LYS 105 ? A LYS 113 
12 1 Y 1 A PHE 106 ? A PHE 114 
13 1 Y 1 A ARG 107 ? A ARG 115 
14 1 Y 1 A ASN 108 ? A ASN 116 
15 1 Y 1 B MET -7  ? B MET 1   
16 1 Y 1 B HIS -6  ? B HIS 2   
17 1 Y 1 B HIS -5  ? B HIS 3   
18 1 Y 1 B HIS -4  ? B HIS 4   
19 1 Y 1 B HIS -3  ? B HIS 5   
20 1 Y 1 B HIS -2  ? B HIS 6   
21 1 Y 1 B HIS -1  ? B HIS 7   
22 1 Y 1 B GLY 0   ? B GLY 8   
23 1 Y 1 B MET 1   ? B MET 9   
24 1 Y 1 B ASN 2   ? B ASN 10  
25 1 Y 1 B GLY 46  ? B GLY 54  
26 1 Y 1 B SER 47  ? B SER 55  
27 1 Y 1 B HIS 48  ? B HIS 56  
28 1 Y 1 B GLY 49  ? B GLY 57  
29 1 Y 1 B MET 50  ? B MET 58  
30 1 Y 1 B TYR 51  ? B TYR 59  
31 1 Y 1 B GLU 52  ? B GLU 60  
32 1 Y 1 B GLY 53  ? B GLY 61  
33 1 Y 1 B HIS 54  ? B HIS 62  
34 1 Y 1 B ILE 104 ? B ILE 112 
35 1 Y 1 B LYS 105 ? B LYS 113 
36 1 Y 1 B PHE 106 ? B PHE 114 
37 1 Y 1 B ARG 107 ? B ARG 115 
38 1 Y 1 B ASN 108 ? B ASN 116 
# 
loop_
_chem_comp_atom.comp_id 
_chem_comp_atom.atom_id 
_chem_comp_atom.type_symbol 
_chem_comp_atom.pdbx_aromatic_flag 
_chem_comp_atom.pdbx_stereo_config 
_chem_comp_atom.pdbx_ordinal 
ALA N    N N N 1   
ALA CA   C N S 2   
ALA C    C N N 3   
ALA O    O N N 4   
ALA CB   C N N 5   
ALA OXT  O N N 6   
ALA H    H N N 7   
ALA H2   H N N 8   
ALA HA   H N N 9   
ALA HB1  H N N 10  
ALA HB2  H N N 11  
ALA HB3  H N N 12  
ALA HXT  H N N 13  
ARG N    N N N 14  
ARG CA   C N S 15  
ARG C    C N N 16  
ARG O    O N N 17  
ARG CB   C N N 18  
ARG CG   C N N 19  
ARG CD   C N N 20  
ARG NE   N N N 21  
ARG CZ   C N N 22  
ARG NH1  N N N 23  
ARG NH2  N N N 24  
ARG OXT  O N N 25  
ARG H    H N N 26  
ARG H2   H N N 27  
ARG HA   H N N 28  
ARG HB2  H N N 29  
ARG HB3  H N N 30  
ARG HG2  H N N 31  
ARG HG3  H N N 32  
ARG HD2  H N N 33  
ARG HD3  H N N 34  
ARG HE   H N N 35  
ARG HH11 H N N 36  
ARG HH12 H N N 37  
ARG HH21 H N N 38  
ARG HH22 H N N 39  
ARG HXT  H N N 40  
ASN N    N N N 41  
ASN CA   C N S 42  
ASN C    C N N 43  
ASN O    O N N 44  
ASN CB   C N N 45  
ASN CG   C N N 46  
ASN OD1  O N N 47  
ASN ND2  N N N 48  
ASN OXT  O N N 49  
ASN H    H N N 50  
ASN H2   H N N 51  
ASN HA   H N N 52  
ASN HB2  H N N 53  
ASN HB3  H N N 54  
ASN HD21 H N N 55  
ASN HD22 H N N 56  
ASN HXT  H N N 57  
ASP N    N N N 58  
ASP CA   C N S 59  
ASP C    C N N 60  
ASP O    O N N 61  
ASP CB   C N N 62  
ASP CG   C N N 63  
ASP OD1  O N N 64  
ASP OD2  O N N 65  
ASP OXT  O N N 66  
ASP H    H N N 67  
ASP H2   H N N 68  
ASP HA   H N N 69  
ASP HB2  H N N 70  
ASP HB3  H N N 71  
ASP HD2  H N N 72  
ASP HXT  H N N 73  
GLN N    N N N 74  
GLN CA   C N S 75  
GLN C    C N N 76  
GLN O    O N N 77  
GLN CB   C N N 78  
GLN CG   C N N 79  
GLN CD   C N N 80  
GLN OE1  O N N 81  
GLN NE2  N N N 82  
GLN OXT  O N N 83  
GLN H    H N N 84  
GLN H2   H N N 85  
GLN HA   H N N 86  
GLN HB2  H N N 87  
GLN HB3  H N N 88  
GLN HG2  H N N 89  
GLN HG3  H N N 90  
GLN HE21 H N N 91  
GLN HE22 H N N 92  
GLN HXT  H N N 93  
GLU N    N N N 94  
GLU CA   C N S 95  
GLU C    C N N 96  
GLU O    O N N 97  
GLU CB   C N N 98  
GLU CG   C N N 99  
GLU CD   C N N 100 
GLU OE1  O N N 101 
GLU OE2  O N N 102 
GLU OXT  O N N 103 
GLU H    H N N 104 
GLU H2   H N N 105 
GLU HA   H N N 106 
GLU HB2  H N N 107 
GLU HB3  H N N 108 
GLU HG2  H N N 109 
GLU HG3  H N N 110 
GLU HE2  H N N 111 
GLU HXT  H N N 112 
GLY N    N N N 113 
GLY CA   C N N 114 
GLY C    C N N 115 
GLY O    O N N 116 
GLY OXT  O N N 117 
GLY H    H N N 118 
GLY H2   H N N 119 
GLY HA2  H N N 120 
GLY HA3  H N N 121 
GLY HXT  H N N 122 
HIS N    N N N 123 
HIS CA   C N S 124 
HIS C    C N N 125 
HIS O    O N N 126 
HIS CB   C N N 127 
HIS CG   C Y N 128 
HIS ND1  N Y N 129 
HIS CD2  C Y N 130 
HIS CE1  C Y N 131 
HIS NE2  N Y N 132 
HIS OXT  O N N 133 
HIS H    H N N 134 
HIS H2   H N N 135 
HIS HA   H N N 136 
HIS HB2  H N N 137 
HIS HB3  H N N 138 
HIS HD1  H N N 139 
HIS HD2  H N N 140 
HIS HE1  H N N 141 
HIS HE2  H N N 142 
HIS HXT  H N N 143 
HOH O    O N N 144 
HOH H1   H N N 145 
HOH H2   H N N 146 
ILE N    N N N 147 
ILE CA   C N S 148 
ILE C    C N N 149 
ILE O    O N N 150 
ILE CB   C N S 151 
ILE CG1  C N N 152 
ILE CG2  C N N 153 
ILE CD1  C N N 154 
ILE OXT  O N N 155 
ILE H    H N N 156 
ILE H2   H N N 157 
ILE HA   H N N 158 
ILE HB   H N N 159 
ILE HG12 H N N 160 
ILE HG13 H N N 161 
ILE HG21 H N N 162 
ILE HG22 H N N 163 
ILE HG23 H N N 164 
ILE HD11 H N N 165 
ILE HD12 H N N 166 
ILE HD13 H N N 167 
ILE HXT  H N N 168 
LEU N    N N N 169 
LEU CA   C N S 170 
LEU C    C N N 171 
LEU O    O N N 172 
LEU CB   C N N 173 
LEU CG   C N N 174 
LEU CD1  C N N 175 
LEU CD2  C N N 176 
LEU OXT  O N N 177 
LEU H    H N N 178 
LEU H2   H N N 179 
LEU HA   H N N 180 
LEU HB2  H N N 181 
LEU HB3  H N N 182 
LEU HG   H N N 183 
LEU HD11 H N N 184 
LEU HD12 H N N 185 
LEU HD13 H N N 186 
LEU HD21 H N N 187 
LEU HD22 H N N 188 
LEU HD23 H N N 189 
LEU HXT  H N N 190 
LYS N    N N N 191 
LYS CA   C N S 192 
LYS C    C N N 193 
LYS O    O N N 194 
LYS CB   C N N 195 
LYS CG   C N N 196 
LYS CD   C N N 197 
LYS CE   C N N 198 
LYS NZ   N N N 199 
LYS OXT  O N N 200 
LYS H    H N N 201 
LYS H2   H N N 202 
LYS HA   H N N 203 
LYS HB2  H N N 204 
LYS HB3  H N N 205 
LYS HG2  H N N 206 
LYS HG3  H N N 207 
LYS HD2  H N N 208 
LYS HD3  H N N 209 
LYS HE2  H N N 210 
LYS HE3  H N N 211 
LYS HZ1  H N N 212 
LYS HZ2  H N N 213 
LYS HZ3  H N N 214 
LYS HXT  H N N 215 
MET N    N N N 216 
MET CA   C N S 217 
MET C    C N N 218 
MET O    O N N 219 
MET CB   C N N 220 
MET CG   C N N 221 
MET SD   S N N 222 
MET CE   C N N 223 
MET OXT  O N N 224 
MET H    H N N 225 
MET H2   H N N 226 
MET HA   H N N 227 
MET HB2  H N N 228 
MET HB3  H N N 229 
MET HG2  H N N 230 
MET HG3  H N N 231 
MET HE1  H N N 232 
MET HE2  H N N 233 
MET HE3  H N N 234 
MET HXT  H N N 235 
PHE N    N N N 236 
PHE CA   C N S 237 
PHE C    C N N 238 
PHE O    O N N 239 
PHE CB   C N N 240 
PHE CG   C Y N 241 
PHE CD1  C Y N 242 
PHE CD2  C Y N 243 
PHE CE1  C Y N 244 
PHE CE2  C Y N 245 
PHE CZ   C Y N 246 
PHE OXT  O N N 247 
PHE H    H N N 248 
PHE H2   H N N 249 
PHE HA   H N N 250 
PHE HB2  H N N 251 
PHE HB3  H N N 252 
PHE HD1  H N N 253 
PHE HD2  H N N 254 
PHE HE1  H N N 255 
PHE HE2  H N N 256 
PHE HZ   H N N 257 
PHE HXT  H N N 258 
PRO N    N N N 259 
PRO CA   C N S 260 
PRO C    C N N 261 
PRO O    O N N 262 
PRO CB   C N N 263 
PRO CG   C N N 264 
PRO CD   C N N 265 
PRO OXT  O N N 266 
PRO H    H N N 267 
PRO HA   H N N 268 
PRO HB2  H N N 269 
PRO HB3  H N N 270 
PRO HG2  H N N 271 
PRO HG3  H N N 272 
PRO HD2  H N N 273 
PRO HD3  H N N 274 
PRO HXT  H N N 275 
SER N    N N N 276 
SER CA   C N S 277 
SER C    C N N 278 
SER O    O N N 279 
SER CB   C N N 280 
SER OG   O N N 281 
SER OXT  O N N 282 
SER H    H N N 283 
SER H2   H N N 284 
SER HA   H N N 285 
SER HB2  H N N 286 
SER HB3  H N N 287 
SER HG   H N N 288 
SER HXT  H N N 289 
THR N    N N N 290 
THR CA   C N S 291 
THR C    C N N 292 
THR O    O N N 293 
THR CB   C N R 294 
THR OG1  O N N 295 
THR CG2  C N N 296 
THR OXT  O N N 297 
THR H    H N N 298 
THR H2   H N N 299 
THR HA   H N N 300 
THR HB   H N N 301 
THR HG1  H N N 302 
THR HG21 H N N 303 
THR HG22 H N N 304 
THR HG23 H N N 305 
THR HXT  H N N 306 
TYR N    N N N 307 
TYR CA   C N S 308 
TYR C    C N N 309 
TYR O    O N N 310 
TYR CB   C N N 311 
TYR CG   C Y N 312 
TYR CD1  C Y N 313 
TYR CD2  C Y N 314 
TYR CE1  C Y N 315 
TYR CE2  C Y N 316 
TYR CZ   C Y N 317 
TYR OH   O N N 318 
TYR OXT  O N N 319 
TYR H    H N N 320 
TYR H2   H N N 321 
TYR HA   H N N 322 
TYR HB2  H N N 323 
TYR HB3  H N N 324 
TYR HD1  H N N 325 
TYR HD2  H N N 326 
TYR HE1  H N N 327 
TYR HE2  H N N 328 
TYR HH   H N N 329 
TYR HXT  H N N 330 
VAL N    N N N 331 
VAL CA   C N S 332 
VAL C    C N N 333 
VAL O    O N N 334 
VAL CB   C N N 335 
VAL CG1  C N N 336 
VAL CG2  C N N 337 
VAL OXT  O N N 338 
VAL H    H N N 339 
VAL H2   H N N 340 
VAL HA   H N N 341 
VAL HB   H N N 342 
VAL HG11 H N N 343 
VAL HG12 H N N 344 
VAL HG13 H N N 345 
VAL HG21 H N N 346 
VAL HG22 H N N 347 
VAL HG23 H N N 348 
VAL HXT  H N N 349 
# 
loop_
_chem_comp_bond.comp_id 
_chem_comp_bond.atom_id_1 
_chem_comp_bond.atom_id_2 
_chem_comp_bond.value_order 
_chem_comp_bond.pdbx_aromatic_flag 
_chem_comp_bond.pdbx_stereo_config 
_chem_comp_bond.pdbx_ordinal 
ALA N   CA   sing N N 1   
ALA N   H    sing N N 2   
ALA N   H2   sing N N 3   
ALA CA  C    sing N N 4   
ALA CA  CB   sing N N 5   
ALA CA  HA   sing N N 6   
ALA C   O    doub N N 7   
ALA C   OXT  sing N N 8   
ALA CB  HB1  sing N N 9   
ALA CB  HB2  sing N N 10  
ALA CB  HB3  sing N N 11  
ALA OXT HXT  sing N N 12  
ARG N   CA   sing N N 13  
ARG N   H    sing N N 14  
ARG N   H2   sing N N 15  
ARG CA  C    sing N N 16  
ARG CA  CB   sing N N 17  
ARG CA  HA   sing N N 18  
ARG C   O    doub N N 19  
ARG C   OXT  sing N N 20  
ARG CB  CG   sing N N 21  
ARG CB  HB2  sing N N 22  
ARG CB  HB3  sing N N 23  
ARG CG  CD   sing N N 24  
ARG CG  HG2  sing N N 25  
ARG CG  HG3  sing N N 26  
ARG CD  NE   sing N N 27  
ARG CD  HD2  sing N N 28  
ARG CD  HD3  sing N N 29  
ARG NE  CZ   sing N N 30  
ARG NE  HE   sing N N 31  
ARG CZ  NH1  sing N N 32  
ARG CZ  NH2  doub N N 33  
ARG NH1 HH11 sing N N 34  
ARG NH1 HH12 sing N N 35  
ARG NH2 HH21 sing N N 36  
ARG NH2 HH22 sing N N 37  
ARG OXT HXT  sing N N 38  
ASN N   CA   sing N N 39  
ASN N   H    sing N N 40  
ASN N   H2   sing N N 41  
ASN CA  C    sing N N 42  
ASN CA  CB   sing N N 43  
ASN CA  HA   sing N N 44  
ASN C   O    doub N N 45  
ASN C   OXT  sing N N 46  
ASN CB  CG   sing N N 47  
ASN CB  HB2  sing N N 48  
ASN CB  HB3  sing N N 49  
ASN CG  OD1  doub N N 50  
ASN CG  ND2  sing N N 51  
ASN ND2 HD21 sing N N 52  
ASN ND2 HD22 sing N N 53  
ASN OXT HXT  sing N N 54  
ASP N   CA   sing N N 55  
ASP N   H    sing N N 56  
ASP N   H2   sing N N 57  
ASP CA  C    sing N N 58  
ASP CA  CB   sing N N 59  
ASP CA  HA   sing N N 60  
ASP C   O    doub N N 61  
ASP C   OXT  sing N N 62  
ASP CB  CG   sing N N 63  
ASP CB  HB2  sing N N 64  
ASP CB  HB3  sing N N 65  
ASP CG  OD1  doub N N 66  
ASP CG  OD2  sing N N 67  
ASP OD2 HD2  sing N N 68  
ASP OXT HXT  sing N N 69  
GLN N   CA   sing N N 70  
GLN N   H    sing N N 71  
GLN N   H2   sing N N 72  
GLN CA  C    sing N N 73  
GLN CA  CB   sing N N 74  
GLN CA  HA   sing N N 75  
GLN C   O    doub N N 76  
GLN C   OXT  sing N N 77  
GLN CB  CG   sing N N 78  
GLN CB  HB2  sing N N 79  
GLN CB  HB3  sing N N 80  
GLN CG  CD   sing N N 81  
GLN CG  HG2  sing N N 82  
GLN CG  HG3  sing N N 83  
GLN CD  OE1  doub N N 84  
GLN CD  NE2  sing N N 85  
GLN NE2 HE21 sing N N 86  
GLN NE2 HE22 sing N N 87  
GLN OXT HXT  sing N N 88  
GLU N   CA   sing N N 89  
GLU N   H    sing N N 90  
GLU N   H2   sing N N 91  
GLU CA  C    sing N N 92  
GLU CA  CB   sing N N 93  
GLU CA  HA   sing N N 94  
GLU C   O    doub N N 95  
GLU C   OXT  sing N N 96  
GLU CB  CG   sing N N 97  
GLU CB  HB2  sing N N 98  
GLU CB  HB3  sing N N 99  
GLU CG  CD   sing N N 100 
GLU CG  HG2  sing N N 101 
GLU CG  HG3  sing N N 102 
GLU CD  OE1  doub N N 103 
GLU CD  OE2  sing N N 104 
GLU OE2 HE2  sing N N 105 
GLU OXT HXT  sing N N 106 
GLY N   CA   sing N N 107 
GLY N   H    sing N N 108 
GLY N   H2   sing N N 109 
GLY CA  C    sing N N 110 
GLY CA  HA2  sing N N 111 
GLY CA  HA3  sing N N 112 
GLY C   O    doub N N 113 
GLY C   OXT  sing N N 114 
GLY OXT HXT  sing N N 115 
HIS N   CA   sing N N 116 
HIS N   H    sing N N 117 
HIS N   H2   sing N N 118 
HIS CA  C    sing N N 119 
HIS CA  CB   sing N N 120 
HIS CA  HA   sing N N 121 
HIS C   O    doub N N 122 
HIS C   OXT  sing N N 123 
HIS CB  CG   sing N N 124 
HIS CB  HB2  sing N N 125 
HIS CB  HB3  sing N N 126 
HIS CG  ND1  sing Y N 127 
HIS CG  CD2  doub Y N 128 
HIS ND1 CE1  doub Y N 129 
HIS ND1 HD1  sing N N 130 
HIS CD2 NE2  sing Y N 131 
HIS CD2 HD2  sing N N 132 
HIS CE1 NE2  sing Y N 133 
HIS CE1 HE1  sing N N 134 
HIS NE2 HE2  sing N N 135 
HIS OXT HXT  sing N N 136 
HOH O   H1   sing N N 137 
HOH O   H2   sing N N 138 
ILE N   CA   sing N N 139 
ILE N   H    sing N N 140 
ILE N   H2   sing N N 141 
ILE CA  C    sing N N 142 
ILE CA  CB   sing N N 143 
ILE CA  HA   sing N N 144 
ILE C   O    doub N N 145 
ILE C   OXT  sing N N 146 
ILE CB  CG1  sing N N 147 
ILE CB  CG2  sing N N 148 
ILE CB  HB   sing N N 149 
ILE CG1 CD1  sing N N 150 
ILE CG1 HG12 sing N N 151 
ILE CG1 HG13 sing N N 152 
ILE CG2 HG21 sing N N 153 
ILE CG2 HG22 sing N N 154 
ILE CG2 HG23 sing N N 155 
ILE CD1 HD11 sing N N 156 
ILE CD1 HD12 sing N N 157 
ILE CD1 HD13 sing N N 158 
ILE OXT HXT  sing N N 159 
LEU N   CA   sing N N 160 
LEU N   H    sing N N 161 
LEU N   H2   sing N N 162 
LEU CA  C    sing N N 163 
LEU CA  CB   sing N N 164 
LEU CA  HA   sing N N 165 
LEU C   O    doub N N 166 
LEU C   OXT  sing N N 167 
LEU CB  CG   sing N N 168 
LEU CB  HB2  sing N N 169 
LEU CB  HB3  sing N N 170 
LEU CG  CD1  sing N N 171 
LEU CG  CD2  sing N N 172 
LEU CG  HG   sing N N 173 
LEU CD1 HD11 sing N N 174 
LEU CD1 HD12 sing N N 175 
LEU CD1 HD13 sing N N 176 
LEU CD2 HD21 sing N N 177 
LEU CD2 HD22 sing N N 178 
LEU CD2 HD23 sing N N 179 
LEU OXT HXT  sing N N 180 
LYS N   CA   sing N N 181 
LYS N   H    sing N N 182 
LYS N   H2   sing N N 183 
LYS CA  C    sing N N 184 
LYS CA  CB   sing N N 185 
LYS CA  HA   sing N N 186 
LYS C   O    doub N N 187 
LYS C   OXT  sing N N 188 
LYS CB  CG   sing N N 189 
LYS CB  HB2  sing N N 190 
LYS CB  HB3  sing N N 191 
LYS CG  CD   sing N N 192 
LYS CG  HG2  sing N N 193 
LYS CG  HG3  sing N N 194 
LYS CD  CE   sing N N 195 
LYS CD  HD2  sing N N 196 
LYS CD  HD3  sing N N 197 
LYS CE  NZ   sing N N 198 
LYS CE  HE2  sing N N 199 
LYS CE  HE3  sing N N 200 
LYS NZ  HZ1  sing N N 201 
LYS NZ  HZ2  sing N N 202 
LYS NZ  HZ3  sing N N 203 
LYS OXT HXT  sing N N 204 
MET N   CA   sing N N 205 
MET N   H    sing N N 206 
MET N   H2   sing N N 207 
MET CA  C    sing N N 208 
MET CA  CB   sing N N 209 
MET CA  HA   sing N N 210 
MET C   O    doub N N 211 
MET C   OXT  sing N N 212 
MET CB  CG   sing N N 213 
MET CB  HB2  sing N N 214 
MET CB  HB3  sing N N 215 
MET CG  SD   sing N N 216 
MET CG  HG2  sing N N 217 
MET CG  HG3  sing N N 218 
MET SD  CE   sing N N 219 
MET CE  HE1  sing N N 220 
MET CE  HE2  sing N N 221 
MET CE  HE3  sing N N 222 
MET OXT HXT  sing N N 223 
PHE N   CA   sing N N 224 
PHE N   H    sing N N 225 
PHE N   H2   sing N N 226 
PHE CA  C    sing N N 227 
PHE CA  CB   sing N N 228 
PHE CA  HA   sing N N 229 
PHE C   O    doub N N 230 
PHE C   OXT  sing N N 231 
PHE CB  CG   sing N N 232 
PHE CB  HB2  sing N N 233 
PHE CB  HB3  sing N N 234 
PHE CG  CD1  doub Y N 235 
PHE CG  CD2  sing Y N 236 
PHE CD1 CE1  sing Y N 237 
PHE CD1 HD1  sing N N 238 
PHE CD2 CE2  doub Y N 239 
PHE CD2 HD2  sing N N 240 
PHE CE1 CZ   doub Y N 241 
PHE CE1 HE1  sing N N 242 
PHE CE2 CZ   sing Y N 243 
PHE CE2 HE2  sing N N 244 
PHE CZ  HZ   sing N N 245 
PHE OXT HXT  sing N N 246 
PRO N   CA   sing N N 247 
PRO N   CD   sing N N 248 
PRO N   H    sing N N 249 
PRO CA  C    sing N N 250 
PRO CA  CB   sing N N 251 
PRO CA  HA   sing N N 252 
PRO C   O    doub N N 253 
PRO C   OXT  sing N N 254 
PRO CB  CG   sing N N 255 
PRO CB  HB2  sing N N 256 
PRO CB  HB3  sing N N 257 
PRO CG  CD   sing N N 258 
PRO CG  HG2  sing N N 259 
PRO CG  HG3  sing N N 260 
PRO CD  HD2  sing N N 261 
PRO CD  HD3  sing N N 262 
PRO OXT HXT  sing N N 263 
SER N   CA   sing N N 264 
SER N   H    sing N N 265 
SER N   H2   sing N N 266 
SER CA  C    sing N N 267 
SER CA  CB   sing N N 268 
SER CA  HA   sing N N 269 
SER C   O    doub N N 270 
SER C   OXT  sing N N 271 
SER CB  OG   sing N N 272 
SER CB  HB2  sing N N 273 
SER CB  HB3  sing N N 274 
SER OG  HG   sing N N 275 
SER OXT HXT  sing N N 276 
THR N   CA   sing N N 277 
THR N   H    sing N N 278 
THR N   H2   sing N N 279 
THR CA  C    sing N N 280 
THR CA  CB   sing N N 281 
THR CA  HA   sing N N 282 
THR C   O    doub N N 283 
THR C   OXT  sing N N 284 
THR CB  OG1  sing N N 285 
THR CB  CG2  sing N N 286 
THR CB  HB   sing N N 287 
THR OG1 HG1  sing N N 288 
THR CG2 HG21 sing N N 289 
THR CG2 HG22 sing N N 290 
THR CG2 HG23 sing N N 291 
THR OXT HXT  sing N N 292 
TYR N   CA   sing N N 293 
TYR N   H    sing N N 294 
TYR N   H2   sing N N 295 
TYR CA  C    sing N N 296 
TYR CA  CB   sing N N 297 
TYR CA  HA   sing N N 298 
TYR C   O    doub N N 299 
TYR C   OXT  sing N N 300 
TYR CB  CG   sing N N 301 
TYR CB  HB2  sing N N 302 
TYR CB  HB3  sing N N 303 
TYR CG  CD1  doub Y N 304 
TYR CG  CD2  sing Y N 305 
TYR CD1 CE1  sing Y N 306 
TYR CD1 HD1  sing N N 307 
TYR CD2 CE2  doub Y N 308 
TYR CD2 HD2  sing N N 309 
TYR CE1 CZ   doub Y N 310 
TYR CE1 HE1  sing N N 311 
TYR CE2 CZ   sing Y N 312 
TYR CE2 HE2  sing N N 313 
TYR CZ  OH   sing N N 314 
TYR OH  HH   sing N N 315 
TYR OXT HXT  sing N N 316 
VAL N   CA   sing N N 317 
VAL N   H    sing N N 318 
VAL N   H2   sing N N 319 
VAL CA  C    sing N N 320 
VAL CA  CB   sing N N 321 
VAL CA  HA   sing N N 322 
VAL C   O    doub N N 323 
VAL C   OXT  sing N N 324 
VAL CB  CG1  sing N N 325 
VAL CB  CG2  sing N N 326 
VAL CB  HB   sing N N 327 
VAL CG1 HG11 sing N N 328 
VAL CG1 HG12 sing N N 329 
VAL CG1 HG13 sing N N 330 
VAL CG2 HG21 sing N N 331 
VAL CG2 HG22 sing N N 332 
VAL CG2 HG23 sing N N 333 
VAL OXT HXT  sing N N 334 
# 
_pdbx_entity_nonpoly.entity_id   2 
_pdbx_entity_nonpoly.name        water 
_pdbx_entity_nonpoly.comp_id     HOH 
# 
_pdbx_initial_refinement_model.id               1 
_pdbx_initial_refinement_model.entity_id_list   ? 
_pdbx_initial_refinement_model.type             'experimental model' 
_pdbx_initial_refinement_model.source_name      PDB 
_pdbx_initial_refinement_model.accession_code   2CZ4 
_pdbx_initial_refinement_model.details          ? 
# 
